data_2CSO
#
_entry.id   2CSO
#
_entity_poly.entity_id   1
_entity_poly.type   'polypeptide(L)'
_entity_poly.pdbx_seq_one_letter_code
;GSSGSSGRSIRLPETIDLGALYLSMKDTEKGIKELNLEKDKKIFNHCFTGNCVIDWLVSNQSVRNRQEGLMIASSLLNEG
YLQPAGDMSKSAVDGTAENPFLDNPDAFYYFPDSGFFCEENSGPSSG
;
_entity_poly.pdbx_strand_id   A
#
# COMPACT_ATOMS: atom_id res chain seq x y z
N GLY A 1 12.13 -21.44 -10.09
CA GLY A 1 11.28 -20.89 -11.12
C GLY A 1 10.14 -21.82 -11.49
N SER A 2 8.93 -21.26 -11.58
CA SER A 2 7.75 -22.04 -11.91
C SER A 2 6.71 -21.18 -12.64
N SER A 3 6.37 -21.58 -13.86
CA SER A 3 5.40 -20.84 -14.66
C SER A 3 4.24 -21.74 -15.07
N GLY A 4 3.15 -21.13 -15.51
CA GLY A 4 1.98 -21.89 -15.92
C GLY A 4 0.69 -21.10 -15.74
N SER A 5 0.49 -20.10 -16.58
CA SER A 5 -0.71 -19.27 -16.52
C SER A 5 -1.92 -20.01 -17.10
N SER A 6 -3.10 -19.71 -16.56
CA SER A 6 -4.32 -20.35 -17.03
C SER A 6 -5.51 -19.40 -16.89
N GLY A 7 -6.55 -19.65 -17.67
CA GLY A 7 -7.73 -18.81 -17.62
C GLY A 7 -8.09 -18.22 -18.96
N ARG A 8 -9.36 -17.83 -19.12
CA ARG A 8 -9.82 -17.24 -20.37
C ARG A 8 -9.31 -15.82 -20.53
N SER A 9 -9.71 -14.94 -19.62
CA SER A 9 -9.29 -13.55 -19.67
C SER A 9 -8.36 -13.22 -18.50
N ILE A 10 -7.70 -12.07 -18.59
CA ILE A 10 -6.78 -11.63 -17.55
C ILE A 10 -6.98 -10.16 -17.22
N ARG A 11 -7.43 -9.89 -16.00
CA ARG A 11 -7.67 -8.52 -15.56
C ARG A 11 -6.34 -7.78 -15.38
N LEU A 12 -5.48 -8.32 -14.52
CA LEU A 12 -4.18 -7.71 -14.26
C LEU A 12 -3.31 -7.73 -15.50
N PRO A 13 -2.32 -6.82 -15.55
CA PRO A 13 -1.40 -6.72 -16.68
C PRO A 13 -0.44 -7.91 -16.76
N GLU A 14 -0.70 -8.81 -17.70
CA GLU A 14 0.13 -10.00 -17.88
C GLU A 14 1.59 -9.60 -18.07
N THR A 15 1.80 -8.41 -18.61
CA THR A 15 3.16 -7.92 -18.86
C THR A 15 3.83 -7.47 -17.56
N ILE A 16 3.15 -7.72 -16.44
CA ILE A 16 3.68 -7.35 -15.14
C ILE A 16 3.42 -8.45 -14.10
N ASP A 17 4.18 -8.42 -13.02
CA ASP A 17 4.02 -9.40 -11.96
C ASP A 17 4.09 -8.74 -10.58
N LEU A 18 2.95 -8.63 -9.93
CA LEU A 18 2.88 -8.00 -8.60
C LEU A 18 4.14 -8.30 -7.80
N GLY A 19 4.48 -9.57 -7.69
CA GLY A 19 5.67 -9.97 -6.96
C GLY A 19 6.89 -9.14 -7.32
N ALA A 20 7.15 -9.04 -8.62
CA ALA A 20 8.30 -8.27 -9.10
C ALA A 20 8.15 -6.79 -8.75
N LEU A 21 6.92 -6.30 -8.81
CA LEU A 21 6.64 -4.90 -8.50
C LEU A 21 6.95 -4.59 -7.05
N TYR A 22 6.40 -5.39 -6.15
CA TYR A 22 6.62 -5.20 -4.72
C TYR A 22 8.11 -5.09 -4.40
N LEU A 23 8.93 -5.80 -5.17
CA LEU A 23 10.37 -5.78 -4.98
C LEU A 23 10.94 -4.41 -5.30
N SER A 24 10.45 -3.80 -6.38
CA SER A 24 10.92 -2.48 -6.79
C SER A 24 10.60 -1.43 -5.72
N MET A 25 9.51 -1.64 -4.99
CA MET A 25 9.10 -0.73 -3.94
C MET A 25 9.94 -0.91 -2.68
N LYS A 26 10.62 -2.06 -2.61
CA LYS A 26 11.48 -2.36 -1.46
C LYS A 26 12.82 -1.64 -1.57
N ASP A 27 13.13 -1.15 -2.77
CA ASP A 27 14.37 -0.44 -3.01
C ASP A 27 14.41 0.86 -2.21
N THR A 28 15.62 1.31 -1.89
CA THR A 28 15.79 2.55 -1.13
C THR A 28 15.72 3.77 -2.04
N GLU A 29 16.22 3.62 -3.26
CA GLU A 29 16.21 4.71 -4.22
C GLU A 29 15.21 4.44 -5.34
N LYS A 30 14.98 3.17 -5.63
CA LYS A 30 14.05 2.77 -6.68
C LYS A 30 12.75 2.23 -6.08
N GLY A 31 12.54 2.51 -4.79
CA GLY A 31 11.34 2.06 -4.12
C GLY A 31 10.54 3.20 -3.51
N ILE A 32 9.36 2.87 -2.97
CA ILE A 32 8.50 3.87 -2.36
C ILE A 32 9.10 4.38 -1.05
N LYS A 33 9.14 5.69 -0.89
CA LYS A 33 9.69 6.31 0.32
C LYS A 33 8.65 6.28 1.44
N GLU A 34 9.12 6.01 2.65
CA GLU A 34 8.23 5.96 3.81
C GLU A 34 8.37 7.22 4.67
N LEU A 35 7.52 7.35 5.67
CA LEU A 35 7.55 8.51 6.56
C LEU A 35 7.11 8.13 7.97
N ASN A 36 7.11 9.10 8.87
CA ASN A 36 6.71 8.87 10.24
C ASN A 36 5.61 9.84 10.67
N LEU A 37 4.37 9.36 10.66
CA LEU A 37 3.24 10.19 11.03
C LEU A 37 2.53 9.62 12.27
N GLU A 38 1.75 10.45 12.95
CA GLU A 38 1.03 10.02 14.14
C GLU A 38 -0.48 10.17 13.94
N LYS A 39 -1.21 9.09 14.19
CA LYS A 39 -2.65 9.08 14.03
C LYS A 39 -3.32 8.28 15.14
N ASP A 40 -4.55 8.64 15.48
CA ASP A 40 -5.30 7.95 16.52
C ASP A 40 -4.40 7.62 17.71
N LYS A 41 -3.55 8.57 18.07
CA LYS A 41 -2.64 8.38 19.20
C LYS A 41 -1.70 7.21 18.94
N LYS A 42 -1.12 7.17 17.74
CA LYS A 42 -0.21 6.10 17.37
C LYS A 42 0.74 6.56 16.26
N ILE A 43 2.04 6.49 16.54
CA ILE A 43 3.05 6.90 15.58
C ILE A 43 3.55 5.71 14.77
N PHE A 44 3.08 5.60 13.53
CA PHE A 44 3.48 4.50 12.66
C PHE A 44 4.78 4.82 11.93
N ASN A 45 5.80 3.99 12.15
CA ASN A 45 7.09 4.19 11.51
C ASN A 45 7.19 3.42 10.21
N HIS A 46 7.97 3.95 9.27
CA HIS A 46 8.14 3.30 7.97
C HIS A 46 6.81 3.15 7.25
N CYS A 47 5.98 4.19 7.32
CA CYS A 47 4.68 4.17 6.68
C CYS A 47 4.60 5.22 5.58
N PHE A 48 3.97 4.85 4.46
CA PHE A 48 3.83 5.76 3.34
C PHE A 48 2.35 6.03 3.04
N THR A 49 2.08 7.19 2.44
CA THR A 49 0.71 7.57 2.11
C THR A 49 0.23 6.83 0.86
N GLY A 50 -1.08 6.88 0.63
CA GLY A 50 -1.65 6.21 -0.52
C GLY A 50 -1.19 6.82 -1.83
N ASN A 51 -1.58 8.07 -2.08
CA ASN A 51 -1.21 8.76 -3.30
C ASN A 51 0.22 8.39 -3.72
N CYS A 52 1.16 8.55 -2.80
CA CYS A 52 2.56 8.24 -3.08
C CYS A 52 2.68 6.91 -3.81
N VAL A 53 2.02 5.89 -3.30
CA VAL A 53 2.05 4.57 -3.91
C VAL A 53 1.58 4.62 -5.36
N ILE A 54 0.36 5.14 -5.56
CA ILE A 54 -0.20 5.25 -6.90
C ILE A 54 0.77 5.92 -7.85
N ASP A 55 1.22 7.12 -7.50
CA ASP A 55 2.16 7.87 -8.32
C ASP A 55 3.42 7.06 -8.58
N TRP A 56 4.03 6.56 -7.51
CA TRP A 56 5.25 5.77 -7.62
C TRP A 56 5.17 4.82 -8.81
N LEU A 57 3.97 4.30 -9.07
CA LEU A 57 3.76 3.38 -10.18
C LEU A 57 3.80 4.11 -11.52
N VAL A 58 3.16 5.27 -11.56
CA VAL A 58 3.11 6.09 -12.77
C VAL A 58 4.50 6.60 -13.14
N SER A 59 5.23 7.09 -12.15
CA SER A 59 6.57 7.61 -12.38
C SER A 59 7.50 6.52 -12.88
N ASN A 60 7.32 5.30 -12.36
CA ASN A 60 8.15 4.16 -12.75
C ASN A 60 7.71 3.62 -14.11
N GLN A 61 6.79 4.33 -14.76
CA GLN A 61 6.28 3.92 -16.06
C GLN A 61 5.56 2.57 -15.96
N SER A 62 4.98 2.31 -14.81
CA SER A 62 4.26 1.06 -14.58
C SER A 62 2.80 1.18 -15.01
N VAL A 63 2.25 2.38 -14.87
CA VAL A 63 0.86 2.64 -15.24
C VAL A 63 0.76 3.86 -16.15
N ARG A 64 -0.41 4.05 -16.75
CA ARG A 64 -0.65 5.18 -17.64
C ARG A 64 -1.10 6.41 -16.85
N ASN A 65 -1.83 6.17 -15.77
CA ASN A 65 -2.31 7.25 -14.93
C ASN A 65 -2.65 6.75 -13.51
N ARG A 66 -3.07 7.66 -12.65
CA ARG A 66 -3.41 7.31 -11.28
C ARG A 66 -4.41 6.16 -11.25
N GLN A 67 -5.58 6.38 -11.85
CA GLN A 67 -6.62 5.36 -11.88
C GLN A 67 -6.03 3.99 -12.21
N GLU A 68 -5.14 3.96 -13.21
CA GLU A 68 -4.51 2.71 -13.62
C GLU A 68 -3.78 2.06 -12.46
N GLY A 69 -3.09 2.88 -11.66
CA GLY A 69 -2.36 2.37 -10.52
C GLY A 69 -3.27 1.89 -9.41
N LEU A 70 -4.55 2.23 -9.51
CA LEU A 70 -5.54 1.83 -8.51
C LEU A 70 -5.62 0.31 -8.40
N MET A 71 -5.60 -0.35 -9.55
CA MET A 71 -5.68 -1.81 -9.60
C MET A 71 -4.41 -2.44 -9.03
N ILE A 72 -3.26 -2.05 -9.58
CA ILE A 72 -1.98 -2.58 -9.13
C ILE A 72 -1.78 -2.33 -7.64
N ALA A 73 -2.13 -1.13 -7.20
CA ALA A 73 -1.99 -0.76 -5.79
C ALA A 73 -2.97 -1.55 -4.92
N SER A 74 -4.19 -1.73 -5.42
CA SER A 74 -5.21 -2.44 -4.69
C SER A 74 -4.84 -3.92 -4.54
N SER A 75 -4.39 -4.52 -5.63
CA SER A 75 -4.00 -5.93 -5.62
C SER A 75 -2.90 -6.18 -4.60
N LEU A 76 -1.95 -5.26 -4.53
CA LEU A 76 -0.83 -5.38 -3.59
C LEU A 76 -1.35 -5.56 -2.16
N LEU A 77 -2.49 -4.96 -1.87
CA LEU A 77 -3.09 -5.06 -0.54
C LEU A 77 -3.89 -6.35 -0.39
N ASN A 78 -4.33 -6.90 -1.52
CA ASN A 78 -5.11 -8.13 -1.52
C ASN A 78 -4.20 -9.35 -1.36
N GLU A 79 -2.99 -9.26 -1.93
CA GLU A 79 -2.03 -10.35 -1.86
C GLU A 79 -1.26 -10.31 -0.54
N GLY A 80 -0.99 -9.09 -0.06
CA GLY A 80 -0.26 -8.93 1.18
C GLY A 80 0.98 -8.06 1.02
N TYR A 81 1.28 -7.69 -0.22
CA TYR A 81 2.44 -6.85 -0.50
C TYR A 81 2.36 -5.53 0.25
N LEU A 82 1.14 -5.07 0.49
CA LEU A 82 0.91 -3.81 1.20
C LEU A 82 0.00 -4.03 2.41
N GLN A 83 0.30 -3.34 3.50
CA GLN A 83 -0.50 -3.46 4.72
C GLN A 83 -1.09 -2.10 5.10
N PRO A 84 -2.40 -2.10 5.41
CA PRO A 84 -3.13 -0.89 5.79
C PRO A 84 -2.71 -0.38 7.16
N ALA A 85 -2.65 0.94 7.31
CA ALA A 85 -2.27 1.56 8.57
C ALA A 85 -3.20 2.70 8.93
N GLY A 86 -4.25 2.40 9.70
CA GLY A 86 -5.20 3.41 10.10
C GLY A 86 -6.64 2.99 9.86
N ASP A 87 -7.52 3.37 10.76
CA ASP A 87 -8.93 3.03 10.64
C ASP A 87 -9.48 3.44 9.28
N MET A 88 -8.76 4.31 8.60
CA MET A 88 -9.17 4.78 7.28
C MET A 88 -9.21 3.63 6.28
N SER A 89 -8.03 3.19 5.84
CA SER A 89 -7.94 2.09 4.89
C SER A 89 -8.40 0.78 5.51
N LYS A 90 -8.11 0.60 6.80
CA LYS A 90 -8.49 -0.60 7.50
C LYS A 90 -9.97 -0.90 7.33
N SER A 91 -10.81 0.12 7.53
CA SER A 91 -12.24 -0.03 7.38
C SER A 91 -12.62 -0.40 5.96
N ALA A 92 -11.72 -0.10 5.02
CA ALA A 92 -11.95 -0.41 3.62
C ALA A 92 -11.65 -1.87 3.31
N VAL A 93 -10.41 -2.27 3.56
CA VAL A 93 -10.00 -3.65 3.31
C VAL A 93 -10.96 -4.64 3.96
N ASP A 94 -11.74 -4.15 4.92
CA ASP A 94 -12.71 -4.99 5.62
C ASP A 94 -14.11 -4.81 5.03
N GLY A 95 -14.40 -3.60 4.57
CA GLY A 95 -15.70 -3.32 4.00
C GLY A 95 -15.90 -3.98 2.66
N THR A 96 -17.12 -3.89 2.12
CA THR A 96 -17.43 -4.49 0.84
C THR A 96 -17.09 -3.55 -0.31
N ALA A 97 -15.82 -3.57 -0.72
CA ALA A 97 -15.34 -2.72 -1.80
C ALA A 97 -14.39 -3.47 -2.72
N GLU A 98 -14.80 -3.65 -3.97
CA GLU A 98 -13.98 -4.35 -4.95
C GLU A 98 -12.50 -4.09 -4.70
N ASN A 99 -12.15 -2.82 -4.54
CA ASN A 99 -10.76 -2.44 -4.30
C ASN A 99 -10.59 -1.84 -2.90
N PRO A 100 -9.73 -2.48 -2.09
CA PRO A 100 -9.46 -2.03 -0.73
C PRO A 100 -8.68 -0.72 -0.68
N PHE A 101 -8.02 -0.40 -1.78
CA PHE A 101 -7.23 0.83 -1.88
C PHE A 101 -8.15 2.05 -1.90
N LEU A 102 -7.68 3.15 -1.31
CA LEU A 102 -8.46 4.38 -1.26
C LEU A 102 -7.77 5.48 -2.06
N ASP A 103 -6.63 5.15 -2.66
CA ASP A 103 -5.87 6.11 -3.46
C ASP A 103 -6.00 7.51 -2.88
N ASN A 104 -5.82 7.64 -1.57
CA ASN A 104 -5.92 8.93 -0.90
C ASN A 104 -4.64 9.23 -0.12
N PRO A 105 -4.31 10.52 -0.02
CA PRO A 105 -3.12 10.98 0.70
C PRO A 105 -3.23 10.79 2.21
N ASP A 106 -4.44 10.50 2.67
CA ASP A 106 -4.69 10.29 4.09
C ASP A 106 -4.54 8.81 4.46
N ALA A 107 -4.55 7.95 3.45
CA ALA A 107 -4.41 6.51 3.66
C ALA A 107 -2.94 6.11 3.77
N PHE A 108 -2.61 5.43 4.86
CA PHE A 108 -1.25 4.98 5.09
C PHE A 108 -1.08 3.50 4.74
N TYR A 109 0.15 3.09 4.44
CA TYR A 109 0.43 1.72 4.08
C TYR A 109 1.88 1.34 4.42
N TYR A 110 2.10 0.09 4.78
CA TYR A 110 3.43 -0.39 5.12
C TYR A 110 3.67 -1.79 4.57
N PHE A 111 4.93 -2.09 4.29
CA PHE A 111 5.31 -3.40 3.75
C PHE A 111 5.42 -4.44 4.86
N PRO A 112 5.05 -5.69 4.54
CA PRO A 112 5.11 -6.80 5.49
C PRO A 112 6.53 -7.19 5.85
N ASP A 113 7.49 -6.62 5.14
CA ASP A 113 8.90 -6.92 5.38
C ASP A 113 9.58 -5.76 6.09
N SER A 114 9.25 -4.54 5.68
CA SER A 114 9.84 -3.34 6.28
C SER A 114 9.60 -3.32 7.79
N GLY A 115 10.67 -3.03 8.53
CA GLY A 115 10.56 -2.99 9.98
C GLY A 115 9.48 -2.04 10.45
N PHE A 116 8.24 -2.52 10.49
CA PHE A 116 7.11 -1.70 10.92
C PHE A 116 6.89 -1.85 12.42
N PHE A 117 6.85 -0.72 13.12
CA PHE A 117 6.63 -0.71 14.56
C PHE A 117 5.72 0.43 14.97
N CYS A 118 4.57 0.09 15.54
CA CYS A 118 3.60 1.09 15.98
C CYS A 118 3.79 1.42 17.46
N GLU A 119 3.88 2.71 17.77
CA GLU A 119 4.07 3.16 19.15
C GLU A 119 2.91 4.04 19.59
N GLU A 120 2.22 3.61 20.66
CA GLU A 120 1.10 4.36 21.19
C GLU A 120 1.56 5.60 21.93
N ASN A 121 1.22 6.77 21.41
CA ASN A 121 1.61 8.03 22.03
C ASN A 121 0.62 8.44 23.13
N SER A 122 1.07 8.41 24.37
CA SER A 122 0.23 8.77 25.50
C SER A 122 -0.13 10.26 25.46
N GLY A 123 -1.12 10.63 26.26
CA GLY A 123 -1.54 12.02 26.31
C GLY A 123 -1.37 12.63 27.69
N PRO A 124 -1.22 13.98 27.73
CA PRO A 124 -1.05 14.70 28.99
C PRO A 124 -2.31 14.71 29.84
N SER A 125 -2.25 14.04 30.99
CA SER A 125 -3.39 13.97 31.89
C SER A 125 -3.17 14.85 33.12
N SER A 126 -4.20 14.96 33.96
CA SER A 126 -4.12 15.78 35.17
C SER A 126 -4.12 14.88 36.41
N GLY A 127 -3.51 15.38 37.48
CA GLY A 127 -3.45 14.62 38.71
C GLY A 127 -2.71 13.31 38.56
N GLY A 1 4.33 -31.13 -8.08
CA GLY A 1 3.19 -31.53 -8.88
C GLY A 1 2.39 -30.34 -9.40
N SER A 2 1.46 -30.62 -10.30
CA SER A 2 0.63 -29.56 -10.88
C SER A 2 -0.59 -29.29 -10.02
N SER A 3 -0.78 -28.04 -9.63
CA SER A 3 -1.91 -27.65 -8.80
C SER A 3 -2.58 -26.40 -9.35
N GLY A 4 -3.86 -26.51 -9.71
CA GLY A 4 -4.59 -25.39 -10.24
C GLY A 4 -4.35 -25.19 -11.73
N SER A 5 -3.78 -24.05 -12.09
CA SER A 5 -3.51 -23.74 -13.49
C SER A 5 -4.80 -23.76 -14.32
N SER A 6 -5.84 -23.14 -13.78
CA SER A 6 -7.13 -23.08 -14.46
C SER A 6 -7.81 -21.74 -14.24
N GLY A 7 -8.57 -21.29 -15.24
CA GLY A 7 -9.26 -20.02 -15.14
C GLY A 7 -9.91 -19.61 -16.45
N ARG A 8 -10.64 -18.50 -16.42
CA ARG A 8 -11.32 -18.01 -17.61
C ARG A 8 -10.72 -16.67 -18.07
N SER A 9 -10.43 -15.80 -17.11
CA SER A 9 -9.85 -14.49 -17.41
C SER A 9 -9.21 -13.88 -16.18
N ILE A 10 -8.38 -12.87 -16.39
CA ILE A 10 -7.69 -12.20 -15.29
C ILE A 10 -7.83 -10.68 -15.41
N ARG A 11 -8.26 -10.04 -14.33
CA ARG A 11 -8.43 -8.60 -14.30
C ARG A 11 -7.08 -7.89 -14.32
N LEU A 12 -6.15 -8.36 -13.49
CA LEU A 12 -4.82 -7.78 -13.41
C LEU A 12 -4.08 -7.93 -14.74
N PRO A 13 -3.05 -7.09 -14.95
CA PRO A 13 -2.25 -7.12 -16.16
C PRO A 13 -1.36 -8.35 -16.24
N GLU A 14 -1.76 -9.31 -17.08
CA GLU A 14 -1.01 -10.54 -17.24
C GLU A 14 0.44 -10.24 -17.65
N THR A 15 0.63 -9.11 -18.31
CA THR A 15 1.96 -8.71 -18.76
C THR A 15 2.79 -8.16 -17.60
N ILE A 16 2.26 -8.30 -16.39
CA ILE A 16 2.96 -7.81 -15.20
C ILE A 16 2.81 -8.79 -14.04
N ASP A 17 3.80 -8.79 -13.15
CA ASP A 17 3.79 -9.69 -12.00
C ASP A 17 3.91 -8.89 -10.69
N LEU A 18 2.81 -8.84 -9.94
CA LEU A 18 2.79 -8.11 -8.67
C LEU A 18 4.06 -8.39 -7.87
N GLY A 19 4.42 -9.66 -7.76
CA GLY A 19 5.62 -10.04 -7.01
C GLY A 19 6.82 -9.20 -7.39
N ALA A 20 7.08 -9.10 -8.69
CA ALA A 20 8.22 -8.31 -9.18
C ALA A 20 8.04 -6.84 -8.84
N LEU A 21 6.81 -6.35 -8.91
CA LEU A 21 6.52 -4.96 -8.61
C LEU A 21 6.83 -4.64 -7.15
N TYR A 22 6.29 -5.43 -6.25
CA TYR A 22 6.52 -5.24 -4.82
C TYR A 22 8.01 -5.11 -4.51
N LEU A 23 8.82 -5.83 -5.27
CA LEU A 23 10.26 -5.81 -5.08
C LEU A 23 10.83 -4.43 -5.41
N SER A 24 10.30 -3.82 -6.47
CA SER A 24 10.75 -2.49 -6.89
C SER A 24 10.45 -1.45 -5.83
N MET A 25 9.35 -1.66 -5.09
CA MET A 25 8.95 -0.73 -4.04
C MET A 25 9.83 -0.90 -2.80
N LYS A 26 10.44 -2.08 -2.67
CA LYS A 26 11.31 -2.36 -1.54
C LYS A 26 12.62 -1.59 -1.64
N ASP A 27 13.01 -1.26 -2.87
CA ASP A 27 14.24 -0.52 -3.11
C ASP A 27 14.27 0.77 -2.29
N THR A 28 15.47 1.23 -1.95
CA THR A 28 15.63 2.45 -1.17
C THR A 28 15.57 3.68 -2.06
N GLU A 29 16.10 3.56 -3.28
CA GLU A 29 16.09 4.67 -4.22
C GLU A 29 15.12 4.40 -5.37
N LYS A 30 14.85 3.13 -5.62
CA LYS A 30 13.92 2.74 -6.69
C LYS A 30 12.61 2.21 -6.11
N GLY A 31 12.40 2.46 -4.82
CA GLY A 31 11.19 2.00 -4.17
C GLY A 31 10.40 3.13 -3.55
N ILE A 32 9.22 2.81 -3.02
CA ILE A 32 8.37 3.81 -2.41
C ILE A 32 8.99 4.36 -1.12
N LYS A 33 9.04 5.68 -1.01
CA LYS A 33 9.62 6.32 0.17
C LYS A 33 8.71 6.15 1.37
N GLU A 34 9.30 5.98 2.55
CA GLU A 34 8.54 5.81 3.78
C GLU A 34 8.68 7.03 4.67
N LEU A 35 7.54 7.60 5.07
CA LEU A 35 7.54 8.77 5.93
C LEU A 35 6.90 8.46 7.28
N ASN A 36 7.28 9.23 8.30
CA ASN A 36 6.75 9.04 9.65
C ASN A 36 5.69 10.07 9.97
N LEU A 37 4.43 9.68 9.89
CA LEU A 37 3.32 10.59 10.18
C LEU A 37 2.71 10.28 11.55
N GLU A 38 1.83 11.17 12.01
CA GLU A 38 1.18 10.99 13.30
C GLU A 38 -0.33 11.25 13.19
N LYS A 39 -1.10 10.16 13.20
CA LYS A 39 -2.56 10.26 13.10
C LYS A 39 -3.21 9.91 14.42
N ASP A 40 -4.30 10.61 14.74
CA ASP A 40 -5.03 10.35 15.98
C ASP A 40 -4.07 9.99 17.12
N LYS A 41 -3.03 10.79 17.27
CA LYS A 41 -2.04 10.57 18.32
C LYS A 41 -1.38 9.20 18.16
N LYS A 42 -1.02 8.87 16.92
CA LYS A 42 -0.38 7.59 16.63
C LYS A 42 0.63 7.73 15.49
N ILE A 43 1.86 7.31 15.75
CA ILE A 43 2.92 7.38 14.75
C ILE A 43 3.04 6.08 13.98
N PHE A 44 3.20 6.19 12.66
CA PHE A 44 3.33 5.01 11.80
C PHE A 44 4.64 5.06 11.01
N ASN A 45 5.75 4.82 11.70
CA ASN A 45 7.06 4.85 11.06
C ASN A 45 7.11 3.87 9.88
N HIS A 46 8.14 4.00 9.06
CA HIS A 46 8.30 3.12 7.90
C HIS A 46 6.98 2.96 7.16
N CYS A 47 6.20 4.04 7.08
CA CYS A 47 4.91 4.02 6.41
C CYS A 47 4.83 5.12 5.36
N PHE A 48 4.10 4.85 4.28
CA PHE A 48 3.95 5.82 3.21
C PHE A 48 2.49 6.27 3.09
N THR A 49 2.21 7.10 2.09
CA THR A 49 0.86 7.61 1.87
C THR A 49 0.27 7.04 0.59
N GLY A 50 -1.03 6.72 0.64
CA GLY A 50 -1.70 6.17 -0.53
C GLY A 50 -1.18 6.78 -1.83
N ASN A 51 -1.44 8.06 -2.03
CA ASN A 51 -1.01 8.75 -3.24
C ASN A 51 0.38 8.29 -3.66
N CYS A 52 1.38 8.56 -2.82
CA CYS A 52 2.75 8.16 -3.11
C CYS A 52 2.79 6.82 -3.84
N VAL A 53 2.02 5.86 -3.33
CA VAL A 53 1.96 4.53 -3.92
C VAL A 53 1.50 4.60 -5.38
N ILE A 54 0.35 5.21 -5.59
CA ILE A 54 -0.21 5.34 -6.94
C ILE A 54 0.75 6.09 -7.86
N ASP A 55 1.19 7.26 -7.40
CA ASP A 55 2.11 8.08 -8.19
C ASP A 55 3.42 7.33 -8.44
N TRP A 56 3.85 6.57 -7.45
CA TRP A 56 5.09 5.80 -7.57
C TRP A 56 5.06 4.88 -8.78
N LEU A 57 3.88 4.35 -9.08
CA LEU A 57 3.71 3.47 -10.23
C LEU A 57 3.81 4.24 -11.54
N VAL A 58 3.03 5.31 -11.66
CA VAL A 58 3.03 6.13 -12.86
C VAL A 58 4.42 6.70 -13.14
N SER A 59 5.03 7.28 -12.10
CA SER A 59 6.36 7.85 -12.22
C SER A 59 7.35 6.83 -12.77
N ASN A 60 7.19 5.58 -12.35
CA ASN A 60 8.08 4.50 -12.78
C ASN A 60 7.67 3.99 -14.16
N GLN A 61 6.77 4.73 -14.81
CA GLN A 61 6.30 4.35 -16.14
C GLN A 61 5.69 2.96 -16.13
N SER A 62 5.12 2.57 -14.99
CA SER A 62 4.51 1.26 -14.84
C SER A 62 3.06 1.28 -15.32
N VAL A 63 2.35 2.36 -15.01
CA VAL A 63 0.96 2.50 -15.41
C VAL A 63 0.78 3.70 -16.33
N ARG A 64 -0.43 3.85 -16.88
CA ARG A 64 -0.74 4.95 -17.77
C ARG A 64 -1.10 6.20 -16.99
N ASN A 65 -1.82 6.01 -15.89
CA ASN A 65 -2.24 7.13 -15.05
C ASN A 65 -2.53 6.66 -13.62
N ARG A 66 -3.01 7.58 -12.79
CA ARG A 66 -3.31 7.27 -11.40
C ARG A 66 -4.29 6.09 -11.32
N GLN A 67 -5.47 6.26 -11.90
CA GLN A 67 -6.48 5.22 -11.90
C GLN A 67 -5.87 3.86 -12.21
N GLU A 68 -5.05 3.81 -13.26
CA GLU A 68 -4.40 2.58 -13.67
C GLU A 68 -3.66 1.94 -12.50
N GLY A 69 -3.01 2.77 -11.68
CA GLY A 69 -2.28 2.28 -10.54
C GLY A 69 -3.19 1.81 -9.43
N LEU A 70 -4.46 2.19 -9.50
CA LEU A 70 -5.43 1.79 -8.49
C LEU A 70 -5.54 0.28 -8.39
N MET A 71 -5.59 -0.38 -9.55
CA MET A 71 -5.69 -1.84 -9.59
C MET A 71 -4.43 -2.49 -9.02
N ILE A 72 -3.29 -2.16 -9.61
CA ILE A 72 -2.01 -2.71 -9.17
C ILE A 72 -1.79 -2.46 -7.68
N ALA A 73 -2.10 -1.24 -7.24
CA ALA A 73 -1.94 -0.88 -5.83
C ALA A 73 -2.94 -1.63 -4.96
N SER A 74 -4.19 -1.64 -5.37
CA SER A 74 -5.25 -2.32 -4.62
C SER A 74 -4.91 -3.80 -4.44
N SER A 75 -4.42 -4.42 -5.50
CA SER A 75 -4.06 -5.84 -5.46
C SER A 75 -2.97 -6.09 -4.41
N LEU A 76 -1.93 -5.26 -4.44
CA LEU A 76 -0.83 -5.40 -3.49
C LEU A 76 -1.35 -5.58 -2.07
N LEU A 77 -2.44 -4.89 -1.75
CA LEU A 77 -3.04 -4.98 -0.42
C LEU A 77 -3.85 -6.26 -0.28
N ASN A 78 -4.43 -6.72 -1.38
CA ASN A 78 -5.24 -7.93 -1.38
C ASN A 78 -4.36 -9.17 -1.22
N GLU A 79 -3.20 -9.15 -1.86
CA GLU A 79 -2.27 -10.28 -1.78
C GLU A 79 -1.52 -10.26 -0.45
N GLY A 80 -1.12 -9.08 -0.01
CA GLY A 80 -0.40 -8.95 1.24
C GLY A 80 0.79 -8.02 1.13
N TYR A 81 1.30 -7.85 -0.08
CA TYR A 81 2.45 -6.97 -0.32
C TYR A 81 2.33 -5.69 0.48
N LEU A 82 1.11 -5.17 0.58
CA LEU A 82 0.86 -3.94 1.31
C LEU A 82 -0.09 -4.19 2.49
N GLN A 83 0.15 -3.47 3.59
CA GLN A 83 -0.68 -3.63 4.78
C GLN A 83 -1.26 -2.28 5.21
N PRO A 84 -2.56 -2.26 5.51
CA PRO A 84 -3.26 -1.05 5.95
C PRO A 84 -2.83 -0.60 7.34
N ALA A 85 -2.76 0.72 7.53
CA ALA A 85 -2.36 1.28 8.82
C ALA A 85 -3.31 2.39 9.25
N GLY A 86 -4.35 2.03 9.99
CA GLY A 86 -5.32 3.01 10.45
C GLY A 86 -6.75 2.57 10.20
N ASP A 87 -7.68 3.24 10.86
CA ASP A 87 -9.10 2.92 10.70
C ASP A 87 -9.57 3.21 9.27
N MET A 88 -9.13 4.35 8.74
CA MET A 88 -9.51 4.75 7.39
C MET A 88 -9.44 3.56 6.43
N SER A 89 -8.24 3.05 6.22
CA SER A 89 -8.04 1.91 5.31
C SER A 89 -8.68 0.65 5.89
N LYS A 90 -8.30 0.30 7.11
CA LYS A 90 -8.84 -0.88 7.77
C LYS A 90 -10.33 -1.06 7.45
N SER A 91 -11.02 0.06 7.24
CA SER A 91 -12.44 0.03 6.93
C SER A 91 -12.66 -0.38 5.48
N ALA A 92 -11.87 0.19 4.57
CA ALA A 92 -11.98 -0.12 3.15
C ALA A 92 -11.64 -1.58 2.88
N VAL A 93 -10.59 -2.07 3.53
CA VAL A 93 -10.16 -3.45 3.35
C VAL A 93 -11.15 -4.42 3.98
N ASP A 94 -11.65 -4.06 5.17
CA ASP A 94 -12.62 -4.90 5.87
C ASP A 94 -13.92 -5.01 5.09
N GLY A 95 -14.51 -3.87 4.75
CA GLY A 95 -15.75 -3.86 4.01
C GLY A 95 -15.70 -4.75 2.79
N THR A 96 -16.84 -4.90 2.11
CA THR A 96 -16.91 -5.73 0.92
C THR A 96 -16.65 -4.91 -0.34
N ALA A 97 -15.57 -4.14 -0.33
CA ALA A 97 -15.20 -3.31 -1.47
C ALA A 97 -14.20 -4.02 -2.36
N GLU A 98 -14.47 -4.04 -3.67
CA GLU A 98 -13.59 -4.69 -4.62
C GLU A 98 -12.16 -4.16 -4.49
N ASN A 99 -12.02 -2.85 -4.33
CA ASN A 99 -10.72 -2.23 -4.19
C ASN A 99 -10.53 -1.68 -2.78
N PRO A 100 -9.69 -2.37 -1.98
CA PRO A 100 -9.40 -1.98 -0.60
C PRO A 100 -8.57 -0.70 -0.53
N PHE A 101 -8.08 -0.25 -1.69
CA PHE A 101 -7.26 0.96 -1.75
C PHE A 101 -8.15 2.20 -1.76
N LEU A 102 -7.60 3.31 -1.27
CA LEU A 102 -8.33 4.57 -1.23
C LEU A 102 -7.60 5.67 -2.01
N ASP A 103 -6.50 5.29 -2.65
CA ASP A 103 -5.71 6.23 -3.42
C ASP A 103 -5.75 7.63 -2.81
N ASN A 104 -5.60 7.68 -1.49
CA ASN A 104 -5.63 8.96 -0.76
C ASN A 104 -4.36 9.14 0.06
N PRO A 105 -3.89 10.39 0.14
CA PRO A 105 -2.67 10.73 0.90
C PRO A 105 -2.88 10.61 2.40
N ASP A 106 -4.13 10.47 2.81
CA ASP A 106 -4.46 10.33 4.23
C ASP A 106 -4.32 8.88 4.68
N ALA A 107 -4.39 7.96 3.73
CA ALA A 107 -4.28 6.54 4.03
C ALA A 107 -2.81 6.12 4.16
N PHE A 108 -2.48 5.50 5.28
CA PHE A 108 -1.11 5.05 5.53
C PHE A 108 -0.96 3.57 5.19
N TYR A 109 0.14 3.23 4.53
CA TYR A 109 0.41 1.86 4.14
C TYR A 109 1.88 1.51 4.34
N TYR A 110 2.14 0.25 4.68
CA TYR A 110 3.52 -0.21 4.90
C TYR A 110 3.69 -1.64 4.40
N PHE A 111 4.94 -2.07 4.30
CA PHE A 111 5.25 -3.43 3.84
C PHE A 111 5.41 -4.38 5.02
N PRO A 112 4.95 -5.63 4.83
CA PRO A 112 5.03 -6.66 5.86
C PRO A 112 6.46 -7.12 6.12
N ASP A 113 7.40 -6.56 5.37
CA ASP A 113 8.81 -6.91 5.52
C ASP A 113 9.55 -5.85 6.33
N SER A 114 9.32 -4.59 5.99
CA SER A 114 9.96 -3.48 6.69
C SER A 114 9.72 -3.56 8.19
N GLY A 115 10.63 -2.99 8.96
CA GLY A 115 10.50 -3.00 10.40
C GLY A 115 9.58 -1.92 10.92
N PHE A 116 8.31 -1.99 10.53
CA PHE A 116 7.32 -1.01 10.95
C PHE A 116 6.95 -1.20 12.42
N PHE A 117 6.72 -0.09 13.12
CA PHE A 117 6.36 -0.15 14.53
C PHE A 117 5.46 1.02 14.91
N CYS A 118 4.24 0.71 15.35
CA CYS A 118 3.28 1.73 15.74
C CYS A 118 3.47 2.12 17.21
N GLU A 119 3.24 3.39 17.51
CA GLU A 119 3.38 3.90 18.87
C GLU A 119 2.28 4.90 19.20
N GLU A 120 1.50 4.61 20.24
CA GLU A 120 0.42 5.49 20.65
C GLU A 120 0.96 6.72 21.38
N ASN A 121 1.65 7.58 20.65
CA ASN A 121 2.22 8.80 21.22
C ASN A 121 1.24 9.45 22.18
N SER A 122 1.44 9.23 23.48
CA SER A 122 0.58 9.80 24.50
C SER A 122 1.28 9.81 25.86
N GLY A 123 1.64 11.01 26.32
CA GLY A 123 2.31 11.14 27.60
C GLY A 123 2.48 12.58 28.02
N PRO A 124 2.83 12.79 29.29
CA PRO A 124 3.04 14.13 29.85
C PRO A 124 4.30 14.80 29.29
N SER A 125 4.97 14.11 28.39
CA SER A 125 6.19 14.63 27.78
C SER A 125 6.29 14.21 26.31
N SER A 126 7.04 14.99 25.53
CA SER A 126 7.21 14.71 24.11
C SER A 126 8.45 13.84 23.88
N GLY A 127 8.24 12.54 23.71
CA GLY A 127 9.34 11.63 23.48
C GLY A 127 9.26 10.96 22.12
N GLY A 1 0.74 -19.95 2.08
CA GLY A 1 0.50 -19.22 0.84
C GLY A 1 -0.62 -19.82 0.02
N SER A 2 -1.71 -19.07 -0.13
CA SER A 2 -2.86 -19.53 -0.89
C SER A 2 -2.44 -20.00 -2.27
N SER A 3 -1.63 -19.19 -2.95
CA SER A 3 -1.16 -19.53 -4.29
C SER A 3 -2.24 -20.27 -5.07
N GLY A 4 -3.48 -19.81 -4.95
CA GLY A 4 -4.57 -20.44 -5.65
C GLY A 4 -5.42 -19.45 -6.42
N SER A 5 -5.41 -19.56 -7.74
CA SER A 5 -6.18 -18.66 -8.59
C SER A 5 -7.14 -19.44 -9.47
N SER A 6 -8.24 -18.79 -9.87
CA SER A 6 -9.24 -19.43 -10.72
C SER A 6 -9.86 -18.40 -11.68
N GLY A 7 -10.66 -18.90 -12.62
CA GLY A 7 -11.30 -18.03 -13.58
C GLY A 7 -10.67 -18.12 -14.96
N ARG A 8 -11.36 -17.59 -15.96
CA ARG A 8 -10.86 -17.62 -17.33
C ARG A 8 -9.93 -16.44 -17.59
N SER A 9 -10.44 -15.23 -17.40
CA SER A 9 -9.65 -14.02 -17.62
C SER A 9 -9.02 -13.54 -16.31
N ILE A 10 -8.09 -12.60 -16.43
CA ILE A 10 -7.41 -12.06 -15.26
C ILE A 10 -7.47 -10.53 -15.24
N ARG A 11 -8.19 -9.99 -14.27
CA ARG A 11 -8.33 -8.55 -14.14
C ARG A 11 -6.97 -7.86 -14.14
N LEU A 12 -6.05 -8.38 -13.34
CA LEU A 12 -4.71 -7.82 -13.25
C LEU A 12 -3.97 -7.97 -14.56
N PRO A 13 -2.93 -7.15 -14.77
CA PRO A 13 -2.12 -7.17 -15.99
C PRO A 13 -1.25 -8.41 -16.08
N GLU A 14 -1.65 -9.36 -16.93
CA GLU A 14 -0.90 -10.60 -17.10
C GLU A 14 0.53 -10.31 -17.53
N THR A 15 0.74 -9.16 -18.16
CA THR A 15 2.07 -8.77 -18.62
C THR A 15 2.91 -8.25 -17.47
N ILE A 16 2.39 -8.37 -16.26
CA ILE A 16 3.11 -7.91 -15.07
C ILE A 16 2.97 -8.90 -13.92
N ASP A 17 3.93 -8.89 -13.00
CA ASP A 17 3.91 -9.78 -11.85
C ASP A 17 4.03 -9.00 -10.55
N LEU A 18 2.93 -8.93 -9.81
CA LEU A 18 2.92 -8.21 -8.54
C LEU A 18 4.20 -8.48 -7.75
N GLY A 19 4.56 -9.74 -7.62
CA GLY A 19 5.76 -10.11 -6.89
C GLY A 19 6.95 -9.26 -7.28
N ALA A 20 7.21 -9.17 -8.58
CA ALA A 20 8.33 -8.39 -9.08
C ALA A 20 8.16 -6.91 -8.76
N LEU A 21 6.91 -6.44 -8.81
CA LEU A 21 6.61 -5.04 -8.52
C LEU A 21 6.94 -4.70 -7.08
N TYR A 22 6.40 -5.50 -6.16
CA TYR A 22 6.62 -5.29 -4.73
C TYR A 22 8.11 -5.15 -4.43
N LEU A 23 8.93 -5.86 -5.20
CA LEU A 23 10.38 -5.82 -5.02
C LEU A 23 10.93 -4.43 -5.35
N SER A 24 10.42 -3.84 -6.43
CA SER A 24 10.87 -2.52 -6.84
C SER A 24 10.54 -1.47 -5.78
N MET A 25 9.49 -1.72 -5.02
CA MET A 25 9.07 -0.79 -3.97
C MET A 25 9.93 -0.97 -2.73
N LYS A 26 10.62 -2.11 -2.65
CA LYS A 26 11.48 -2.40 -1.51
C LYS A 26 12.82 -1.68 -1.64
N ASP A 27 13.09 -1.15 -2.83
CA ASP A 27 14.33 -0.43 -3.09
C ASP A 27 14.37 0.88 -2.31
N THR A 28 15.58 1.35 -2.01
CA THR A 28 15.75 2.59 -1.28
C THR A 28 15.72 3.80 -2.20
N GLU A 29 16.22 3.61 -3.43
CA GLU A 29 16.25 4.68 -4.42
C GLU A 29 15.24 4.41 -5.53
N LYS A 30 14.89 3.15 -5.72
CA LYS A 30 13.94 2.76 -6.75
C LYS A 30 12.66 2.19 -6.13
N GLY A 31 12.46 2.46 -4.84
CA GLY A 31 11.29 1.97 -4.16
C GLY A 31 10.51 3.09 -3.48
N ILE A 32 9.38 2.74 -2.87
CA ILE A 32 8.55 3.72 -2.19
C ILE A 32 9.18 4.15 -0.87
N LYS A 33 9.26 5.46 -0.66
CA LYS A 33 9.84 6.01 0.57
C LYS A 33 8.79 6.13 1.66
N GLU A 34 9.24 6.13 2.91
CA GLU A 34 8.33 6.23 4.04
C GLU A 34 8.43 7.61 4.69
N LEU A 35 7.45 7.95 5.52
CA LEU A 35 7.42 9.24 6.20
C LEU A 35 6.81 9.11 7.59
N ASN A 36 6.80 10.21 8.33
CA ASN A 36 6.24 10.22 9.68
C ASN A 36 5.08 11.21 9.77
N LEU A 37 3.89 10.68 10.08
CA LEU A 37 2.70 11.52 10.19
C LEU A 37 1.80 11.02 11.32
N GLU A 38 1.12 11.95 12.00
CA GLU A 38 0.23 11.60 13.08
C GLU A 38 -1.23 11.84 12.69
N LYS A 39 -2.10 10.97 13.17
CA LYS A 39 -3.54 11.08 12.87
C LYS A 39 -4.36 11.03 14.15
N ASP A 40 -4.50 9.84 14.72
CA ASP A 40 -5.26 9.66 15.95
C ASP A 40 -4.36 9.18 17.09
N LYS A 41 -3.78 10.13 17.81
CA LYS A 41 -2.89 9.81 18.93
C LYS A 41 -2.02 8.61 18.60
N LYS A 42 -1.76 8.40 17.32
CA LYS A 42 -0.94 7.28 16.86
C LYS A 42 0.06 7.74 15.81
N ILE A 43 1.32 7.34 15.97
CA ILE A 43 2.36 7.70 15.02
C ILE A 43 2.82 6.49 14.21
N PHE A 44 2.66 6.57 12.90
CA PHE A 44 3.05 5.48 12.01
C PHE A 44 4.44 5.73 11.43
N ASN A 45 5.44 5.08 12.02
CA ASN A 45 6.82 5.22 11.56
C ASN A 45 7.13 4.24 10.44
N HIS A 46 7.91 4.69 9.46
CA HIS A 46 8.28 3.85 8.33
C HIS A 46 7.06 3.51 7.49
N CYS A 47 6.10 4.41 7.46
CA CYS A 47 4.87 4.20 6.68
C CYS A 47 4.74 5.26 5.59
N PHE A 48 4.11 4.87 4.47
CA PHE A 48 3.92 5.78 3.36
C PHE A 48 2.44 6.08 3.15
N THR A 49 2.16 7.12 2.37
CA THR A 49 0.78 7.52 2.09
C THR A 49 0.24 6.82 0.85
N GLY A 50 -1.07 6.89 0.66
CA GLY A 50 -1.69 6.25 -0.50
C GLY A 50 -1.22 6.85 -1.80
N ASN A 51 -1.45 8.16 -1.96
CA ASN A 51 -1.05 8.85 -3.18
C ASN A 51 0.35 8.43 -3.62
N CYS A 52 1.31 8.56 -2.71
CA CYS A 52 2.69 8.19 -3.00
C CYS A 52 2.76 6.87 -3.75
N VAL A 53 2.02 5.88 -3.26
CA VAL A 53 1.99 4.55 -3.88
C VAL A 53 1.55 4.65 -5.34
N ILE A 54 0.31 5.08 -5.55
CA ILE A 54 -0.23 5.21 -6.90
C ILE A 54 0.77 5.92 -7.83
N ASP A 55 1.15 7.13 -7.44
CA ASP A 55 2.09 7.92 -8.24
C ASP A 55 3.37 7.12 -8.50
N TRP A 56 3.93 6.54 -7.45
CA TRP A 56 5.14 5.75 -7.56
C TRP A 56 5.08 4.81 -8.77
N LEU A 57 3.88 4.33 -9.07
CA LEU A 57 3.68 3.44 -10.20
C LEU A 57 3.78 4.19 -11.53
N VAL A 58 3.05 5.29 -11.62
CA VAL A 58 3.06 6.11 -12.83
C VAL A 58 4.46 6.61 -13.15
N SER A 59 5.11 7.20 -12.16
CA SER A 59 6.46 7.72 -12.34
C SER A 59 7.41 6.62 -12.81
N ASN A 60 7.12 5.39 -12.41
CA ASN A 60 7.95 4.25 -12.79
C ASN A 60 7.55 3.71 -14.16
N GLN A 61 6.69 4.46 -14.86
CA GLN A 61 6.23 4.07 -16.17
C GLN A 61 5.54 2.70 -16.13
N SER A 62 4.98 2.37 -14.97
CA SER A 62 4.30 1.09 -14.79
C SER A 62 2.84 1.19 -15.26
N VAL A 63 2.24 2.36 -15.07
CA VAL A 63 0.86 2.58 -15.47
C VAL A 63 0.73 3.81 -16.35
N ARG A 64 -0.46 4.03 -16.89
CA ARG A 64 -0.72 5.18 -17.76
C ARG A 64 -1.10 6.40 -16.94
N ASN A 65 -1.91 6.18 -15.90
CA ASN A 65 -2.35 7.27 -15.04
C ASN A 65 -2.61 6.77 -13.62
N ARG A 66 -3.03 7.68 -12.75
CA ARG A 66 -3.32 7.33 -11.37
C ARG A 66 -4.29 6.16 -11.29
N GLN A 67 -5.49 6.35 -11.83
CA GLN A 67 -6.51 5.31 -11.82
C GLN A 67 -5.92 3.96 -12.19
N GLU A 68 -5.12 3.94 -13.26
CA GLU A 68 -4.50 2.71 -13.73
C GLU A 68 -3.73 2.03 -12.59
N GLY A 69 -3.07 2.85 -11.77
CA GLY A 69 -2.31 2.31 -10.66
C GLY A 69 -3.20 1.87 -9.51
N LEU A 70 -4.46 2.26 -9.56
CA LEU A 70 -5.41 1.90 -8.52
C LEU A 70 -5.57 0.38 -8.41
N MET A 71 -5.56 -0.28 -9.57
CA MET A 71 -5.70 -1.74 -9.60
C MET A 71 -4.45 -2.41 -9.06
N ILE A 72 -3.29 -2.02 -9.57
CA ILE A 72 -2.02 -2.59 -9.14
C ILE A 72 -1.79 -2.33 -7.65
N ALA A 73 -1.96 -1.08 -7.24
CA ALA A 73 -1.78 -0.71 -5.84
C ALA A 73 -2.72 -1.49 -4.93
N SER A 74 -3.97 -1.64 -5.36
CA SER A 74 -4.97 -2.36 -4.59
C SER A 74 -4.57 -3.83 -4.43
N SER A 75 -4.35 -4.49 -5.55
CA SER A 75 -3.97 -5.90 -5.54
C SER A 75 -2.88 -6.17 -4.50
N LEU A 76 -1.86 -5.33 -4.50
CA LEU A 76 -0.76 -5.47 -3.55
C LEU A 76 -1.27 -5.68 -2.14
N LEU A 77 -2.42 -5.07 -1.84
CA LEU A 77 -3.04 -5.20 -0.52
C LEU A 77 -3.86 -6.47 -0.41
N ASN A 78 -4.34 -6.95 -1.56
CA ASN A 78 -5.15 -8.16 -1.61
C ASN A 78 -4.29 -9.40 -1.39
N GLU A 79 -3.06 -9.36 -1.90
CA GLU A 79 -2.14 -10.48 -1.76
C GLU A 79 -1.41 -10.42 -0.42
N GLY A 80 -1.07 -9.22 0.01
CA GLY A 80 -0.38 -9.05 1.27
C GLY A 80 0.87 -8.19 1.14
N TYR A 81 1.23 -7.87 -0.09
CA TYR A 81 2.42 -7.05 -0.34
C TYR A 81 2.36 -5.75 0.45
N LEU A 82 1.15 -5.23 0.64
CA LEU A 82 0.96 -3.99 1.38
C LEU A 82 0.03 -4.21 2.57
N GLN A 83 0.17 -3.37 3.59
CA GLN A 83 -0.67 -3.47 4.77
C GLN A 83 -1.27 -2.10 5.13
N PRO A 84 -2.57 -2.11 5.48
CA PRO A 84 -3.30 -0.89 5.84
C PRO A 84 -2.83 -0.32 7.18
N ALA A 85 -2.83 1.00 7.29
CA ALA A 85 -2.42 1.67 8.52
C ALA A 85 -3.41 2.76 8.91
N GLY A 86 -4.39 2.41 9.72
CA GLY A 86 -5.39 3.37 10.16
C GLY A 86 -6.81 2.90 9.90
N ASP A 87 -7.75 3.47 10.63
CA ASP A 87 -9.16 3.09 10.47
C ASP A 87 -9.66 3.42 9.07
N MET A 88 -9.16 4.52 8.51
CA MET A 88 -9.56 4.95 7.17
C MET A 88 -9.52 3.78 6.20
N SER A 89 -8.37 3.12 6.11
CA SER A 89 -8.20 1.99 5.21
C SER A 89 -8.72 0.70 5.86
N LYS A 90 -8.33 0.48 7.10
CA LYS A 90 -8.74 -0.71 7.84
C LYS A 90 -10.25 -0.96 7.66
N SER A 91 -10.99 0.11 7.45
CA SER A 91 -12.44 0.01 7.26
C SER A 91 -12.78 -0.34 5.82
N ALA A 92 -11.92 0.07 4.89
CA ALA A 92 -12.12 -0.20 3.47
C ALA A 92 -11.75 -1.63 3.13
N VAL A 93 -10.56 -2.05 3.55
CA VAL A 93 -10.08 -3.40 3.29
C VAL A 93 -11.05 -4.44 3.84
N ASP A 94 -11.57 -4.17 5.04
CA ASP A 94 -12.50 -5.08 5.69
C ASP A 94 -13.89 -4.97 5.05
N GLY A 95 -14.38 -3.75 4.91
CA GLY A 95 -15.69 -3.54 4.32
C GLY A 95 -15.85 -4.25 3.00
N THR A 96 -17.07 -4.26 2.46
CA THR A 96 -17.34 -4.91 1.19
C THR A 96 -17.02 -3.99 0.02
N ALA A 97 -15.72 -3.88 -0.29
CA ALA A 97 -15.28 -3.04 -1.39
C ALA A 97 -14.32 -3.80 -2.31
N GLU A 98 -14.61 -3.75 -3.60
CA GLU A 98 -13.77 -4.44 -4.59
C GLU A 98 -12.31 -4.00 -4.48
N ASN A 99 -12.11 -2.69 -4.37
CA ASN A 99 -10.77 -2.13 -4.26
C ASN A 99 -10.49 -1.65 -2.84
N PRO A 100 -9.67 -2.40 -2.11
CA PRO A 100 -9.30 -2.08 -0.73
C PRO A 100 -8.41 -0.84 -0.64
N PHE A 101 -8.05 -0.30 -1.80
CA PHE A 101 -7.20 0.89 -1.85
C PHE A 101 -8.05 2.16 -1.94
N LEU A 102 -7.68 3.16 -1.14
CA LEU A 102 -8.40 4.43 -1.13
C LEU A 102 -7.64 5.49 -1.92
N ASP A 103 -6.50 5.11 -2.47
CA ASP A 103 -5.68 6.03 -3.24
C ASP A 103 -5.77 7.45 -2.67
N ASN A 104 -5.55 7.58 -1.37
CA ASN A 104 -5.61 8.87 -0.71
C ASN A 104 -4.36 9.10 0.15
N PRO A 105 -4.00 10.38 0.33
CA PRO A 105 -2.84 10.76 1.12
C PRO A 105 -3.03 10.50 2.61
N ASP A 106 -4.27 10.26 3.01
CA ASP A 106 -4.59 9.99 4.41
C ASP A 106 -4.48 8.51 4.71
N ALA A 107 -4.49 7.68 3.66
CA ALA A 107 -4.38 6.24 3.82
C ALA A 107 -2.92 5.80 3.91
N PHE A 108 -2.50 5.38 5.09
CA PHE A 108 -1.13 4.94 5.31
C PHE A 108 -0.98 3.46 4.94
N TYR A 109 0.20 3.11 4.42
CA TYR A 109 0.47 1.73 4.01
C TYR A 109 1.93 1.37 4.30
N TYR A 110 2.14 0.17 4.84
CA TYR A 110 3.47 -0.29 5.17
C TYR A 110 3.69 -1.71 4.64
N PHE A 111 4.94 -2.01 4.27
CA PHE A 111 5.28 -3.33 3.75
C PHE A 111 5.36 -4.36 4.89
N PRO A 112 5.01 -5.61 4.57
CA PRO A 112 5.04 -6.71 5.54
C PRO A 112 6.46 -7.10 5.94
N ASP A 113 7.43 -6.69 5.12
CA ASP A 113 8.82 -7.00 5.39
C ASP A 113 9.47 -5.90 6.24
N SER A 114 9.22 -4.65 5.86
CA SER A 114 9.78 -3.51 6.58
C SER A 114 9.38 -3.55 8.05
N GLY A 115 10.27 -3.04 8.91
CA GLY A 115 10.00 -3.03 10.33
C GLY A 115 9.14 -1.85 10.74
N PHE A 116 7.82 -1.99 10.58
CA PHE A 116 6.90 -0.92 10.94
C PHE A 116 6.44 -1.06 12.40
N PHE A 117 6.02 0.06 12.98
CA PHE A 117 5.56 0.07 14.36
C PHE A 117 4.80 1.35 14.68
N CYS A 118 3.64 1.21 15.32
CA CYS A 118 2.81 2.35 15.68
C CYS A 118 3.10 2.81 17.10
N GLU A 119 3.21 4.11 17.29
CA GLU A 119 3.49 4.68 18.60
C GLU A 119 2.23 5.29 19.21
N GLU A 120 1.52 4.49 20.00
CA GLU A 120 0.29 4.95 20.65
C GLU A 120 0.58 6.14 21.56
N ASN A 121 0.72 7.32 20.96
CA ASN A 121 0.99 8.54 21.72
C ASN A 121 -0.14 8.82 22.71
N SER A 122 0.23 9.06 23.97
CA SER A 122 -0.75 9.33 25.01
C SER A 122 -1.26 10.76 24.90
N GLY A 123 -2.47 10.91 24.38
CA GLY A 123 -3.06 12.23 24.23
C GLY A 123 -3.81 12.68 25.46
N PRO A 124 -3.97 14.01 25.62
CA PRO A 124 -4.66 14.59 26.77
C PRO A 124 -6.16 14.31 26.74
N SER A 125 -6.59 13.30 27.49
CA SER A 125 -8.00 12.92 27.55
C SER A 125 -8.31 12.18 28.84
N SER A 126 -9.35 12.61 29.54
CA SER A 126 -9.75 11.98 30.79
C SER A 126 -9.51 10.48 30.74
N GLY A 127 -8.48 10.02 31.45
CA GLY A 127 -8.16 8.61 31.47
C GLY A 127 -7.60 8.16 32.81
N GLY A 1 1.73 -14.59 3.81
CA GLY A 1 1.15 -15.70 3.08
C GLY A 1 -0.31 -15.45 2.73
N SER A 2 -1.10 -16.52 2.71
CA SER A 2 -2.52 -16.42 2.39
C SER A 2 -2.71 -15.92 0.97
N SER A 3 -1.89 -16.42 0.04
CA SER A 3 -1.98 -16.02 -1.36
C SER A 3 -2.43 -17.18 -2.22
N GLY A 4 -3.22 -16.88 -3.26
CA GLY A 4 -3.70 -17.91 -4.15
C GLY A 4 -3.69 -17.46 -5.60
N SER A 5 -3.08 -18.28 -6.45
CA SER A 5 -3.00 -17.96 -7.88
C SER A 5 -3.96 -18.83 -8.68
N SER A 6 -5.17 -18.99 -8.17
CA SER A 6 -6.19 -19.80 -8.83
C SER A 6 -7.32 -18.92 -9.37
N GLY A 7 -8.11 -19.48 -10.28
CA GLY A 7 -9.21 -18.73 -10.86
C GLY A 7 -9.33 -18.94 -12.37
N ARG A 8 -10.51 -18.69 -12.90
CA ARG A 8 -10.75 -18.85 -14.33
C ARG A 8 -10.13 -17.70 -15.13
N SER A 9 -10.64 -16.50 -14.92
CA SER A 9 -10.15 -15.32 -15.62
C SER A 9 -9.20 -14.53 -14.72
N ILE A 10 -8.66 -13.44 -15.27
CA ILE A 10 -7.74 -12.60 -14.52
C ILE A 10 -7.94 -11.12 -14.86
N ARG A 11 -8.11 -10.30 -13.83
CA ARG A 11 -8.32 -8.87 -14.01
C ARG A 11 -6.99 -8.13 -14.08
N LEU A 12 -6.08 -8.48 -13.18
CA LEU A 12 -4.77 -7.84 -13.14
C LEU A 12 -4.06 -7.94 -14.49
N PRO A 13 -3.09 -7.05 -14.71
CA PRO A 13 -2.32 -7.02 -15.95
C PRO A 13 -1.40 -8.22 -16.10
N GLU A 14 -1.80 -9.18 -16.92
CA GLU A 14 -1.01 -10.38 -17.16
C GLU A 14 0.41 -10.01 -17.58
N THR A 15 0.56 -8.84 -18.20
CA THR A 15 1.86 -8.38 -18.67
C THR A 15 2.72 -7.87 -17.51
N ILE A 16 2.22 -8.07 -16.29
CA ILE A 16 2.94 -7.64 -15.10
C ILE A 16 2.83 -8.67 -13.98
N ASP A 17 3.80 -8.66 -13.07
CA ASP A 17 3.81 -9.59 -11.95
C ASP A 17 3.93 -8.85 -10.63
N LEU A 18 2.83 -8.77 -9.89
CA LEU A 18 2.82 -8.09 -8.60
C LEU A 18 4.09 -8.36 -7.82
N GLY A 19 4.45 -9.64 -7.71
CA GLY A 19 5.66 -10.01 -6.99
C GLY A 19 6.86 -9.17 -7.39
N ALA A 20 7.09 -9.06 -8.70
CA ALA A 20 8.21 -8.27 -9.21
C ALA A 20 8.05 -6.80 -8.86
N LEU A 21 6.82 -6.32 -8.88
CA LEU A 21 6.53 -4.93 -8.56
C LEU A 21 6.89 -4.61 -7.12
N TYR A 22 6.37 -5.42 -6.20
CA TYR A 22 6.64 -5.23 -4.77
C TYR A 22 8.14 -5.11 -4.51
N LEU A 23 8.93 -5.82 -5.31
CA LEU A 23 10.38 -5.80 -5.16
C LEU A 23 10.94 -4.43 -5.52
N SER A 24 10.38 -3.81 -6.55
CA SER A 24 10.82 -2.49 -7.00
C SER A 24 10.54 -1.45 -5.93
N MET A 25 9.46 -1.64 -5.18
CA MET A 25 9.07 -0.70 -4.13
C MET A 25 9.96 -0.88 -2.90
N LYS A 26 10.64 -2.02 -2.82
CA LYS A 26 11.53 -2.31 -1.70
C LYS A 26 12.85 -1.58 -1.85
N ASP A 27 13.15 -1.15 -3.07
CA ASP A 27 14.40 -0.43 -3.35
C ASP A 27 14.46 0.86 -2.54
N THR A 28 15.67 1.32 -2.27
CA THR A 28 15.88 2.55 -1.51
C THR A 28 15.80 3.77 -2.42
N GLU A 29 16.23 3.61 -3.67
CA GLU A 29 16.22 4.70 -4.63
C GLU A 29 15.20 4.43 -5.75
N LYS A 30 14.92 3.15 -5.98
CA LYS A 30 13.98 2.74 -7.01
C LYS A 30 12.69 2.22 -6.39
N GLY A 31 12.48 2.52 -5.11
CA GLY A 31 11.29 2.06 -4.42
C GLY A 31 10.49 3.20 -3.82
N ILE A 32 9.40 2.87 -3.14
CA ILE A 32 8.56 3.87 -2.51
C ILE A 32 9.19 4.40 -1.22
N LYS A 33 9.29 5.72 -1.11
CA LYS A 33 9.86 6.35 0.07
C LYS A 33 8.85 6.40 1.21
N GLU A 34 9.29 6.01 2.40
CA GLU A 34 8.42 6.01 3.58
C GLU A 34 8.52 7.34 4.32
N LEU A 35 7.68 7.51 5.33
CA LEU A 35 7.66 8.72 6.13
C LEU A 35 7.29 8.43 7.57
N ASN A 36 7.35 9.46 8.42
CA ASN A 36 7.01 9.32 9.82
C ASN A 36 5.96 10.34 10.24
N LEU A 37 4.69 9.96 10.11
CA LEU A 37 3.59 10.84 10.47
C LEU A 37 2.95 10.40 11.79
N GLU A 38 2.37 11.36 12.50
CA GLU A 38 1.72 11.07 13.78
C GLU A 38 0.23 11.35 13.71
N LYS A 39 -0.56 10.29 13.54
CA LYS A 39 -2.01 10.43 13.46
C LYS A 39 -2.70 9.52 14.47
N ASP A 40 -3.88 9.92 14.91
CA ASP A 40 -4.65 9.14 15.87
C ASP A 40 -3.80 8.79 17.09
N LYS A 41 -2.91 9.71 17.46
CA LYS A 41 -2.03 9.50 18.60
C LYS A 41 -1.11 8.30 18.37
N LYS A 42 -0.85 7.99 17.11
CA LYS A 42 0.02 6.88 16.76
C LYS A 42 0.95 7.25 15.60
N ILE A 43 2.22 6.91 15.74
CA ILE A 43 3.20 7.20 14.71
C ILE A 43 3.53 5.96 13.89
N PHE A 44 3.28 6.03 12.59
CA PHE A 44 3.56 4.90 11.70
C PHE A 44 4.94 5.04 11.06
N ASN A 45 5.93 4.38 11.64
CA ASN A 45 7.30 4.43 11.13
C ASN A 45 7.44 3.54 9.90
N HIS A 46 8.20 4.03 8.92
CA HIS A 46 8.42 3.29 7.69
C HIS A 46 7.11 3.07 6.93
N CYS A 47 6.23 4.06 6.99
CA CYS A 47 4.94 3.97 6.32
C CYS A 47 4.82 5.04 5.23
N PHE A 48 4.09 4.71 4.17
CA PHE A 48 3.90 5.63 3.06
C PHE A 48 2.41 5.86 2.79
N THR A 49 2.08 7.08 2.35
CA THR A 49 0.69 7.42 2.07
C THR A 49 0.18 6.67 0.85
N GLY A 50 -1.14 6.70 0.65
CA GLY A 50 -1.74 6.01 -0.47
C GLY A 50 -1.26 6.56 -1.81
N ASN A 51 -1.51 7.85 -2.03
CA ASN A 51 -1.10 8.50 -3.27
C ASN A 51 0.31 8.09 -3.66
N CYS A 52 1.27 8.39 -2.80
CA CYS A 52 2.67 8.05 -3.05
C CYS A 52 2.79 6.71 -3.77
N VAL A 53 1.98 5.74 -3.32
CA VAL A 53 1.99 4.41 -3.92
C VAL A 53 1.55 4.46 -5.37
N ILE A 54 0.38 5.04 -5.61
CA ILE A 54 -0.16 5.15 -6.97
C ILE A 54 0.77 5.96 -7.86
N ASP A 55 1.19 7.13 -7.38
CA ASP A 55 2.07 7.99 -8.14
C ASP A 55 3.40 7.28 -8.43
N TRP A 56 3.82 6.42 -7.51
CA TRP A 56 5.07 5.69 -7.67
C TRP A 56 5.01 4.76 -8.88
N LEU A 57 3.82 4.21 -9.13
CA LEU A 57 3.64 3.30 -10.27
C LEU A 57 3.62 4.08 -11.58
N VAL A 58 3.01 5.26 -11.56
CA VAL A 58 2.92 6.10 -12.76
C VAL A 58 4.26 6.75 -13.07
N SER A 59 4.97 7.16 -12.02
CA SER A 59 6.27 7.80 -12.18
C SER A 59 7.33 6.78 -12.62
N ASN A 60 7.10 5.52 -12.26
CA ASN A 60 8.03 4.46 -12.62
C ASN A 60 7.74 3.92 -14.01
N GLN A 61 6.80 4.56 -14.71
CA GLN A 61 6.43 4.14 -16.05
C GLN A 61 5.75 2.78 -16.03
N SER A 62 5.11 2.47 -14.91
CA SER A 62 4.41 1.20 -14.76
C SER A 62 2.97 1.30 -15.24
N VAL A 63 2.36 2.46 -15.00
CA VAL A 63 0.98 2.69 -15.41
C VAL A 63 0.87 3.93 -16.28
N ARG A 64 -0.34 4.19 -16.78
CA ARG A 64 -0.58 5.36 -17.63
C ARG A 64 -1.04 6.56 -16.80
N ASN A 65 -1.71 6.27 -15.69
CA ASN A 65 -2.20 7.32 -14.81
C ASN A 65 -2.61 6.75 -13.45
N ARG A 66 -3.02 7.64 -12.54
CA ARG A 66 -3.43 7.22 -11.21
C ARG A 66 -4.37 6.03 -11.28
N GLN A 67 -5.53 6.24 -11.91
CA GLN A 67 -6.52 5.18 -12.04
C GLN A 67 -5.86 3.84 -12.37
N GLU A 68 -4.97 3.85 -13.36
CA GLU A 68 -4.28 2.64 -13.77
C GLU A 68 -3.52 2.02 -12.59
N GLY A 69 -2.99 2.88 -11.72
CA GLY A 69 -2.26 2.40 -10.57
C GLY A 69 -3.17 1.94 -9.45
N LEU A 70 -4.46 2.21 -9.59
CA LEU A 70 -5.44 1.82 -8.59
C LEU A 70 -5.50 0.30 -8.45
N MET A 71 -5.63 -0.39 -9.58
CA MET A 71 -5.70 -1.85 -9.57
C MET A 71 -4.44 -2.45 -8.95
N ILE A 72 -3.28 -2.11 -9.51
CA ILE A 72 -2.01 -2.61 -9.00
C ILE A 72 -1.86 -2.34 -7.52
N ALA A 73 -2.15 -1.10 -7.12
CA ALA A 73 -2.05 -0.71 -5.72
C ALA A 73 -2.98 -1.53 -4.84
N SER A 74 -4.24 -1.66 -5.27
CA SER A 74 -5.23 -2.43 -4.53
C SER A 74 -4.79 -3.88 -4.38
N SER A 75 -4.51 -4.52 -5.51
CA SER A 75 -4.09 -5.92 -5.51
C SER A 75 -3.00 -6.16 -4.47
N LEU A 76 -2.00 -5.29 -4.46
CA LEU A 76 -0.90 -5.40 -3.51
C LEU A 76 -1.42 -5.61 -2.09
N LEU A 77 -2.56 -5.01 -1.79
CA LEU A 77 -3.17 -5.12 -0.47
C LEU A 77 -3.94 -6.43 -0.34
N ASN A 78 -4.46 -6.92 -1.46
CA ASN A 78 -5.21 -8.17 -1.47
C ASN A 78 -4.29 -9.37 -1.27
N GLU A 79 -3.08 -9.27 -1.79
CA GLU A 79 -2.10 -10.34 -1.66
C GLU A 79 -1.34 -10.23 -0.34
N GLY A 80 -1.08 -9.00 0.09
CA GLY A 80 -0.36 -8.78 1.32
C GLY A 80 0.82 -7.85 1.15
N TYR A 81 1.34 -7.76 -0.07
CA TYR A 81 2.48 -6.91 -0.37
C TYR A 81 2.38 -5.60 0.40
N LEU A 82 1.18 -5.04 0.47
CA LEU A 82 0.96 -3.78 1.18
C LEU A 82 0.06 -3.99 2.40
N GLN A 83 0.28 -3.20 3.44
CA GLN A 83 -0.51 -3.30 4.66
C GLN A 83 -1.14 -1.96 5.02
N PRO A 84 -2.43 -1.98 5.35
CA PRO A 84 -3.17 -0.77 5.71
C PRO A 84 -2.74 -0.21 7.06
N ALA A 85 -2.65 1.11 7.15
CA ALA A 85 -2.25 1.77 8.39
C ALA A 85 -3.17 2.94 8.72
N GLY A 86 -4.22 2.68 9.49
CA GLY A 86 -5.16 3.73 9.85
C GLY A 86 -6.60 3.29 9.70
N ASP A 87 -7.47 3.81 10.55
CA ASP A 87 -8.88 3.47 10.51
C ASP A 87 -9.45 3.63 9.10
N MET A 88 -9.06 4.73 8.45
CA MET A 88 -9.53 5.00 7.09
C MET A 88 -9.40 3.76 6.20
N SER A 89 -8.16 3.42 5.86
CA SER A 89 -7.91 2.26 5.02
C SER A 89 -8.43 0.99 5.67
N LYS A 90 -8.15 0.82 6.95
CA LYS A 90 -8.59 -0.35 7.69
C LYS A 90 -10.07 -0.63 7.43
N SER A 91 -10.84 0.43 7.26
CA SER A 91 -12.27 0.31 7.01
C SER A 91 -12.53 -0.16 5.58
N ALA A 92 -11.64 0.22 4.67
CA ALA A 92 -11.77 -0.15 3.26
C ALA A 92 -11.42 -1.62 3.06
N VAL A 93 -10.24 -2.02 3.53
CA VAL A 93 -9.79 -3.39 3.39
C VAL A 93 -10.80 -4.37 4.00
N ASP A 94 -11.41 -3.97 5.10
CA ASP A 94 -12.40 -4.80 5.78
C ASP A 94 -13.80 -4.23 5.61
N GLY A 95 -14.15 -3.88 4.38
CA GLY A 95 -15.46 -3.32 4.10
C GLY A 95 -15.99 -3.71 2.74
N THR A 96 -17.11 -3.11 2.34
CA THR A 96 -17.72 -3.41 1.05
C THR A 96 -17.23 -2.43 -0.02
N ALA A 97 -16.06 -2.71 -0.58
CA ALA A 97 -15.49 -1.85 -1.62
C ALA A 97 -14.71 -2.68 -2.64
N GLU A 98 -15.24 -2.75 -3.85
CA GLU A 98 -14.59 -3.51 -4.92
C GLU A 98 -13.07 -3.44 -4.80
N ASN A 99 -12.57 -2.28 -4.37
CA ASN A 99 -11.14 -2.08 -4.21
C ASN A 99 -10.81 -1.65 -2.78
N PRO A 100 -9.91 -2.41 -2.14
CA PRO A 100 -9.50 -2.12 -0.75
C PRO A 100 -8.64 -0.86 -0.66
N PHE A 101 -8.18 -0.38 -1.81
CA PHE A 101 -7.35 0.82 -1.87
C PHE A 101 -8.22 2.08 -1.87
N LEU A 102 -7.62 3.20 -1.46
CA LEU A 102 -8.33 4.47 -1.43
C LEU A 102 -7.58 5.54 -2.22
N ASP A 103 -6.44 5.15 -2.77
CA ASP A 103 -5.62 6.08 -3.56
C ASP A 103 -5.72 7.50 -2.99
N ASN A 104 -5.58 7.62 -1.68
CA ASN A 104 -5.65 8.92 -1.01
C ASN A 104 -4.38 9.19 -0.23
N PRO A 105 -3.98 10.48 -0.17
CA PRO A 105 -2.78 10.90 0.55
C PRO A 105 -2.94 10.79 2.06
N ASP A 106 -4.13 10.39 2.49
CA ASP A 106 -4.40 10.24 3.92
C ASP A 106 -4.39 8.77 4.33
N ALA A 107 -4.36 7.88 3.33
CA ALA A 107 -4.33 6.45 3.58
C ALA A 107 -2.91 5.93 3.66
N PHE A 108 -2.42 5.68 4.87
CA PHE A 108 -1.08 5.18 5.07
C PHE A 108 -0.99 3.70 4.72
N TYR A 109 0.21 3.25 4.36
CA TYR A 109 0.44 1.85 4.00
C TYR A 109 1.90 1.46 4.22
N TYR A 110 2.11 0.25 4.73
CA TYR A 110 3.44 -0.25 4.98
C TYR A 110 3.62 -1.68 4.45
N PHE A 111 4.87 -2.08 4.25
CA PHE A 111 5.16 -3.42 3.74
C PHE A 111 5.27 -4.42 4.89
N PRO A 112 4.98 -5.69 4.58
CA PRO A 112 5.03 -6.78 5.57
C PRO A 112 6.46 -7.10 6.00
N ASP A 113 7.40 -6.94 5.07
CA ASP A 113 8.81 -7.21 5.35
C ASP A 113 9.45 -6.04 6.09
N SER A 114 9.15 -4.82 5.63
CA SER A 114 9.71 -3.63 6.24
C SER A 114 9.37 -3.57 7.73
N GLY A 115 10.41 -3.60 8.56
CA GLY A 115 10.20 -3.55 10.00
C GLY A 115 9.36 -2.36 10.43
N PHE A 116 8.04 -2.53 10.36
CA PHE A 116 7.12 -1.46 10.73
C PHE A 116 6.69 -1.61 12.19
N PHE A 117 6.30 -0.50 12.81
CA PHE A 117 5.86 -0.50 14.19
C PHE A 117 5.16 0.82 14.55
N CYS A 118 3.99 0.71 15.14
CA CYS A 118 3.22 1.88 15.54
C CYS A 118 3.41 2.19 17.02
N GLU A 119 3.66 3.46 17.33
CA GLU A 119 3.87 3.89 18.71
C GLU A 119 2.79 4.88 19.14
N GLU A 120 2.21 4.64 20.31
CA GLU A 120 1.16 5.52 20.83
C GLU A 120 1.77 6.73 21.53
N ASN A 121 1.05 7.85 21.50
CA ASN A 121 1.52 9.08 22.12
C ASN A 121 0.39 9.77 22.88
N SER A 122 0.60 9.99 24.17
CA SER A 122 -0.40 10.64 25.01
C SER A 122 -0.15 12.14 25.09
N GLY A 123 0.99 12.52 25.66
CA GLY A 123 1.33 13.92 25.79
C GLY A 123 2.01 14.24 27.10
N PRO A 124 2.71 15.38 27.15
CA PRO A 124 3.43 15.82 28.35
C PRO A 124 2.49 16.23 29.48
N SER A 125 2.66 15.62 30.64
CA SER A 125 1.82 15.93 31.80
C SER A 125 2.44 17.03 32.65
N SER A 126 3.67 16.80 33.11
CA SER A 126 4.37 17.78 33.93
C SER A 126 5.39 18.55 33.11
N GLY A 127 5.08 19.81 32.80
CA GLY A 127 5.99 20.63 32.02
C GLY A 127 6.66 21.71 32.85
N GLY A 1 9.24 -26.76 -10.33
CA GLY A 1 8.64 -25.99 -11.40
C GLY A 1 7.15 -26.22 -11.52
N SER A 2 6.39 -25.14 -11.69
CA SER A 2 4.94 -25.23 -11.81
C SER A 2 4.35 -23.92 -12.32
N SER A 3 3.35 -24.02 -13.19
CA SER A 3 2.70 -22.85 -13.75
C SER A 3 1.27 -23.16 -14.17
N GLY A 4 0.44 -22.13 -14.24
CA GLY A 4 -0.94 -22.30 -14.63
C GLY A 4 -1.64 -21.00 -14.92
N SER A 5 -2.90 -21.08 -15.36
CA SER A 5 -3.68 -19.89 -15.68
C SER A 5 -5.15 -20.25 -15.90
N SER A 6 -6.03 -19.46 -15.30
CA SER A 6 -7.47 -19.70 -15.43
C SER A 6 -8.21 -18.38 -15.68
N GLY A 7 -9.37 -18.48 -16.33
CA GLY A 7 -10.16 -17.30 -16.61
C GLY A 7 -10.09 -16.88 -18.07
N ARG A 8 -11.17 -16.33 -18.59
CA ARG A 8 -11.23 -15.89 -19.98
C ARG A 8 -10.60 -14.51 -20.14
N SER A 9 -11.20 -13.52 -19.50
CA SER A 9 -10.71 -12.15 -19.58
C SER A 9 -9.52 -11.95 -18.64
N ILE A 10 -8.90 -10.78 -18.73
CA ILE A 10 -7.75 -10.46 -17.88
C ILE A 10 -7.93 -9.10 -17.21
N ARG A 11 -8.00 -9.12 -15.88
CA ARG A 11 -8.17 -7.89 -15.10
C ARG A 11 -6.82 -7.23 -14.84
N LEU A 12 -5.85 -8.02 -14.40
CA LEU A 12 -4.52 -7.52 -14.11
C LEU A 12 -3.63 -7.58 -15.35
N PRO A 13 -2.59 -6.73 -15.37
CA PRO A 13 -1.64 -6.68 -16.49
C PRO A 13 -0.76 -7.92 -16.56
N GLU A 14 -1.10 -8.82 -17.47
CA GLU A 14 -0.34 -10.06 -17.65
C GLU A 14 1.13 -9.75 -17.90
N THR A 15 1.41 -8.58 -18.45
CA THR A 15 2.78 -8.17 -18.73
C THR A 15 3.50 -7.74 -17.46
N ILE A 16 2.85 -7.94 -16.32
CA ILE A 16 3.43 -7.57 -15.04
C ILE A 16 3.17 -8.64 -13.99
N ASP A 17 4.00 -8.67 -12.95
CA ASP A 17 3.85 -9.64 -11.88
C ASP A 17 3.94 -8.96 -10.51
N LEU A 18 2.80 -8.84 -9.84
CA LEU A 18 2.75 -8.21 -8.52
C LEU A 18 4.03 -8.50 -7.73
N GLY A 19 4.38 -9.77 -7.61
CA GLY A 19 5.57 -10.15 -6.89
C GLY A 19 6.78 -9.31 -7.27
N ALA A 20 7.03 -9.21 -8.58
CA ALA A 20 8.16 -8.42 -9.08
C ALA A 20 7.99 -6.95 -8.75
N LEU A 21 6.76 -6.48 -8.80
CA LEU A 21 6.46 -5.07 -8.52
C LEU A 21 6.78 -4.74 -7.05
N TYR A 22 6.24 -5.54 -6.15
CA TYR A 22 6.46 -5.33 -4.71
C TYR A 22 7.95 -5.20 -4.41
N LEU A 23 8.77 -5.91 -5.18
CA LEU A 23 10.22 -5.88 -4.99
C LEU A 23 10.78 -4.50 -5.32
N SER A 24 10.27 -3.92 -6.41
CA SER A 24 10.72 -2.60 -6.84
C SER A 24 10.42 -1.55 -5.78
N MET A 25 9.35 -1.77 -5.03
CA MET A 25 8.95 -0.84 -3.97
C MET A 25 9.83 -1.00 -2.75
N LYS A 26 10.48 -2.15 -2.63
CA LYS A 26 11.37 -2.42 -1.50
C LYS A 26 12.66 -1.64 -1.61
N ASP A 27 13.06 -1.34 -2.85
CA ASP A 27 14.29 -0.59 -3.10
C ASP A 27 14.28 0.73 -2.31
N THR A 28 15.47 1.18 -1.93
CA THR A 28 15.61 2.42 -1.18
C THR A 28 15.52 3.64 -2.10
N GLU A 29 16.06 3.50 -3.30
CA GLU A 29 16.03 4.59 -4.27
C GLU A 29 15.07 4.28 -5.42
N LYS A 30 14.81 3.00 -5.63
CA LYS A 30 13.90 2.56 -6.69
C LYS A 30 12.59 2.07 -6.12
N GLY A 31 12.38 2.33 -4.83
CA GLY A 31 11.15 1.91 -4.18
C GLY A 31 10.38 3.06 -3.58
N ILE A 32 9.36 2.75 -2.79
CA ILE A 32 8.54 3.77 -2.16
C ILE A 32 9.16 4.22 -0.84
N LYS A 33 9.36 5.53 -0.69
CA LYS A 33 9.93 6.10 0.52
C LYS A 33 8.90 6.15 1.63
N GLU A 34 9.39 6.21 2.87
CA GLU A 34 8.51 6.27 4.04
C GLU A 34 8.78 7.52 4.87
N LEU A 35 7.74 8.03 5.50
CA LEU A 35 7.85 9.24 6.33
C LEU A 35 7.35 8.97 7.75
N ASN A 36 7.45 9.99 8.60
CA ASN A 36 7.01 9.87 9.99
C ASN A 36 5.89 10.86 10.29
N LEU A 37 4.66 10.48 9.96
CA LEU A 37 3.51 11.33 10.19
C LEU A 37 2.72 10.86 11.42
N GLU A 38 2.05 11.80 12.08
CA GLU A 38 1.26 11.49 13.26
C GLU A 38 -0.22 11.79 13.03
N LYS A 39 -1.07 10.79 13.22
CA LYS A 39 -2.50 10.96 13.04
C LYS A 39 -3.27 10.22 14.13
N ASP A 40 -4.27 10.90 14.69
CA ASP A 40 -5.09 10.31 15.75
C ASP A 40 -4.25 9.98 16.98
N LYS A 41 -3.41 10.93 17.37
CA LYS A 41 -2.54 10.74 18.54
C LYS A 41 -1.69 9.49 18.38
N LYS A 42 -1.42 9.11 17.14
CA LYS A 42 -0.61 7.93 16.86
C LYS A 42 0.40 8.22 15.74
N ILE A 43 1.64 7.85 15.95
CA ILE A 43 2.70 8.06 14.96
C ILE A 43 2.98 6.78 14.18
N PHE A 44 2.92 6.89 12.85
CA PHE A 44 3.16 5.74 11.98
C PHE A 44 4.51 5.87 11.28
N ASN A 45 5.51 5.16 11.80
CA ASN A 45 6.84 5.20 11.21
C ASN A 45 6.98 4.19 10.08
N HIS A 46 7.98 4.38 9.23
CA HIS A 46 8.22 3.49 8.11
C HIS A 46 6.94 3.25 7.32
N CYS A 47 6.12 4.29 7.22
CA CYS A 47 4.85 4.20 6.48
C CYS A 47 4.79 5.24 5.37
N PHE A 48 4.09 4.90 4.29
CA PHE A 48 3.95 5.80 3.16
C PHE A 48 2.48 6.09 2.87
N THR A 49 2.21 7.29 2.36
CA THR A 49 0.85 7.70 2.04
C THR A 49 0.33 6.97 0.81
N GLY A 50 -0.98 6.81 0.73
CA GLY A 50 -1.59 6.13 -0.40
C GLY A 50 -1.21 6.75 -1.73
N ASN A 51 -1.52 8.04 -1.89
CA ASN A 51 -1.21 8.75 -3.12
C ASN A 51 0.22 8.45 -3.58
N CYS A 52 1.07 8.08 -2.62
CA CYS A 52 2.45 7.77 -2.92
C CYS A 52 2.56 6.51 -3.78
N VAL A 53 1.91 5.44 -3.35
CA VAL A 53 1.93 4.18 -4.06
C VAL A 53 1.47 4.36 -5.50
N ILE A 54 0.24 4.86 -5.67
CA ILE A 54 -0.32 5.09 -7.00
C ILE A 54 0.68 5.82 -7.90
N ASP A 55 1.09 7.01 -7.48
CA ASP A 55 2.04 7.80 -8.24
C ASP A 55 3.31 7.00 -8.52
N TRP A 56 3.96 6.56 -7.45
CA TRP A 56 5.19 5.78 -7.58
C TRP A 56 5.15 4.88 -8.81
N LEU A 57 4.01 4.23 -9.02
CA LEU A 57 3.84 3.34 -10.16
C LEU A 57 3.94 4.11 -11.47
N VAL A 58 3.22 5.23 -11.56
CA VAL A 58 3.22 6.06 -12.75
C VAL A 58 4.63 6.56 -13.06
N SER A 59 5.20 7.32 -12.14
CA SER A 59 6.54 7.87 -12.32
C SER A 59 7.53 6.77 -12.69
N ASN A 60 7.17 5.53 -12.40
CA ASN A 60 8.02 4.39 -12.72
C ASN A 60 7.62 3.75 -14.04
N GLN A 61 6.92 4.52 -14.88
CA GLN A 61 6.48 4.03 -16.17
C GLN A 61 5.78 2.68 -16.03
N SER A 62 5.04 2.52 -14.94
CA SER A 62 4.32 1.27 -14.68
C SER A 62 2.86 1.38 -15.12
N VAL A 63 2.29 2.57 -14.94
CA VAL A 63 0.91 2.81 -15.32
C VAL A 63 0.78 4.06 -16.17
N ARG A 64 -0.36 4.20 -16.84
CA ARG A 64 -0.62 5.35 -17.70
C ARG A 64 -1.08 6.55 -16.89
N ASN A 65 -1.83 6.28 -15.82
CA ASN A 65 -2.36 7.34 -14.96
C ASN A 65 -2.66 6.79 -13.57
N ARG A 66 -3.12 7.68 -12.68
CA ARG A 66 -3.44 7.30 -11.32
C ARG A 66 -4.40 6.11 -11.30
N GLN A 67 -5.58 6.29 -11.89
CA GLN A 67 -6.58 5.24 -11.94
C GLN A 67 -5.95 3.90 -12.32
N GLU A 68 -5.09 3.92 -13.34
CA GLU A 68 -4.43 2.70 -13.79
C GLU A 68 -3.67 2.04 -12.65
N GLY A 69 -3.04 2.86 -11.81
CA GLY A 69 -2.29 2.34 -10.68
C GLY A 69 -3.18 1.91 -9.53
N LEU A 70 -4.45 2.29 -9.60
CA LEU A 70 -5.41 1.94 -8.56
C LEU A 70 -5.56 0.42 -8.43
N MET A 71 -5.62 -0.25 -9.57
CA MET A 71 -5.76 -1.70 -9.60
C MET A 71 -4.52 -2.37 -9.00
N ILE A 72 -3.36 -2.05 -9.56
CA ILE A 72 -2.10 -2.62 -9.07
C ILE A 72 -1.92 -2.37 -7.58
N ALA A 73 -2.19 -1.14 -7.16
CA ALA A 73 -2.06 -0.77 -5.75
C ALA A 73 -3.02 -1.57 -4.88
N SER A 74 -4.25 -1.75 -5.36
CA SER A 74 -5.25 -2.50 -4.63
C SER A 74 -4.83 -3.96 -4.45
N SER A 75 -4.55 -4.62 -5.57
CA SER A 75 -4.14 -6.02 -5.53
C SER A 75 -3.01 -6.24 -4.53
N LEU A 76 -2.06 -5.31 -4.52
CA LEU A 76 -0.92 -5.39 -3.61
C LEU A 76 -1.39 -5.56 -2.17
N LEU A 77 -2.60 -5.08 -1.89
CA LEU A 77 -3.17 -5.18 -0.54
C LEU A 77 -3.91 -6.49 -0.37
N ASN A 78 -4.42 -7.03 -1.47
CA ASN A 78 -5.17 -8.29 -1.44
C ASN A 78 -4.22 -9.48 -1.24
N GLU A 79 -3.00 -9.35 -1.78
CA GLU A 79 -2.01 -10.41 -1.66
C GLU A 79 -1.26 -10.31 -0.34
N GLY A 80 -1.03 -9.09 0.12
CA GLY A 80 -0.32 -8.87 1.36
C GLY A 80 0.88 -7.96 1.20
N TYR A 81 1.36 -7.83 -0.03
CA TYR A 81 2.50 -6.97 -0.31
C TYR A 81 2.43 -5.67 0.47
N LEU A 82 1.23 -5.11 0.58
CA LEU A 82 1.01 -3.87 1.30
C LEU A 82 0.09 -4.09 2.49
N GLN A 83 0.26 -3.25 3.52
CA GLN A 83 -0.56 -3.35 4.73
C GLN A 83 -1.17 -2.00 5.08
N PRO A 84 -2.47 -2.01 5.39
CA PRO A 84 -3.21 -0.80 5.75
C PRO A 84 -2.79 -0.24 7.11
N ALA A 85 -2.59 1.07 7.17
CA ALA A 85 -2.19 1.72 8.41
C ALA A 85 -3.17 2.82 8.80
N GLY A 86 -4.16 2.46 9.63
CA GLY A 86 -5.14 3.43 10.05
C GLY A 86 -6.56 2.90 9.94
N ASP A 87 -7.48 3.53 10.67
CA ASP A 87 -8.88 3.11 10.65
C ASP A 87 -9.50 3.35 9.28
N MET A 88 -8.96 4.32 8.55
CA MET A 88 -9.46 4.66 7.22
C MET A 88 -9.34 3.46 6.28
N SER A 89 -8.10 3.16 5.86
CA SER A 89 -7.86 2.05 4.95
C SER A 89 -8.38 0.74 5.54
N LYS A 90 -8.26 0.60 6.85
CA LYS A 90 -8.72 -0.60 7.55
C LYS A 90 -10.19 -0.85 7.27
N SER A 91 -10.97 0.22 7.19
CA SER A 91 -12.40 0.12 6.93
C SER A 91 -12.67 -0.16 5.45
N ALA A 92 -11.63 -0.02 4.63
CA ALA A 92 -11.75 -0.25 3.20
C ALA A 92 -11.41 -1.71 2.85
N VAL A 93 -10.32 -2.21 3.43
CA VAL A 93 -9.89 -3.57 3.18
C VAL A 93 -10.89 -4.58 3.73
N ASP A 94 -11.56 -4.20 4.81
CA ASP A 94 -12.56 -5.06 5.45
C ASP A 94 -13.85 -5.08 4.64
N GLY A 95 -14.35 -3.89 4.31
CA GLY A 95 -15.58 -3.79 3.54
C GLY A 95 -15.54 -4.61 2.27
N THR A 96 -16.65 -5.26 1.94
CA THR A 96 -16.74 -6.08 0.73
C THR A 96 -16.78 -5.21 -0.52
N ALA A 97 -15.66 -4.56 -0.82
CA ALA A 97 -15.58 -3.69 -1.99
C ALA A 97 -14.68 -4.31 -3.07
N GLU A 98 -14.70 -3.73 -4.25
CA GLU A 98 -13.89 -4.22 -5.36
C GLU A 98 -12.44 -3.77 -5.22
N ASN A 99 -12.25 -2.52 -4.83
CA ASN A 99 -10.92 -1.96 -4.66
C ASN A 99 -10.70 -1.49 -3.23
N PRO A 100 -9.88 -2.25 -2.47
CA PRO A 100 -9.57 -1.94 -1.08
C PRO A 100 -8.71 -0.69 -0.95
N PHE A 101 -8.10 -0.27 -2.05
CA PHE A 101 -7.25 0.91 -2.05
C PHE A 101 -8.07 2.19 -2.15
N LEU A 102 -7.78 3.14 -1.27
CA LEU A 102 -8.50 4.41 -1.25
C LEU A 102 -7.75 5.47 -2.05
N ASP A 103 -6.57 5.10 -2.55
CA ASP A 103 -5.77 6.03 -3.34
C ASP A 103 -5.89 7.45 -2.82
N ASN A 104 -5.72 7.62 -1.51
CA ASN A 104 -5.82 8.93 -0.88
C ASN A 104 -4.58 9.23 -0.03
N PRO A 105 -4.27 10.52 0.13
CA PRO A 105 -3.11 10.96 0.92
C PRO A 105 -3.31 10.71 2.41
N ASP A 106 -4.53 10.36 2.80
CA ASP A 106 -4.84 10.10 4.20
C ASP A 106 -4.73 8.60 4.50
N ALA A 107 -4.64 7.79 3.45
CA ALA A 107 -4.52 6.35 3.62
C ALA A 107 -3.07 5.92 3.70
N PHE A 108 -2.60 5.65 4.91
CA PHE A 108 -1.22 5.22 5.12
C PHE A 108 -1.07 3.72 4.87
N TYR A 109 0.08 3.33 4.32
CA TYR A 109 0.35 1.92 4.03
C TYR A 109 1.81 1.59 4.28
N TYR A 110 2.11 0.30 4.39
CA TYR A 110 3.47 -0.16 4.63
C TYR A 110 3.63 -1.61 4.23
N PHE A 111 4.89 -2.06 4.13
CA PHE A 111 5.19 -3.44 3.75
C PHE A 111 5.30 -4.33 4.98
N PRO A 112 4.85 -5.58 4.86
CA PRO A 112 4.90 -6.56 5.95
C PRO A 112 6.32 -7.01 6.26
N ASP A 113 7.21 -6.85 5.29
CA ASP A 113 8.61 -7.23 5.47
C ASP A 113 9.41 -6.10 6.08
N SER A 114 8.86 -4.89 6.03
CA SER A 114 9.53 -3.72 6.57
C SER A 114 9.58 -3.78 8.09
N GLY A 115 8.44 -4.11 8.71
CA GLY A 115 8.37 -4.19 10.15
C GLY A 115 7.69 -2.99 10.77
N PHE A 116 6.73 -2.42 10.06
CA PHE A 116 6.00 -1.26 10.54
C PHE A 116 5.76 -1.35 12.05
N PHE A 117 5.72 -0.20 12.70
CA PHE A 117 5.51 -0.15 14.15
C PHE A 117 4.90 1.19 14.56
N CYS A 118 3.83 1.12 15.35
CA CYS A 118 3.15 2.33 15.81
C CYS A 118 3.54 2.64 17.25
N GLU A 119 3.69 3.94 17.55
CA GLU A 119 4.06 4.37 18.89
C GLU A 119 3.06 5.40 19.42
N GLU A 120 1.92 4.91 19.89
CA GLU A 120 0.88 5.79 20.43
C GLU A 120 1.50 6.88 21.30
N ASN A 121 0.96 8.10 21.17
CA ASN A 121 1.45 9.23 21.95
C ASN A 121 0.49 9.56 23.09
N SER A 122 0.80 9.07 24.28
CA SER A 122 -0.04 9.32 25.44
C SER A 122 -0.07 10.80 25.80
N GLY A 123 1.10 11.44 25.71
CA GLY A 123 1.19 12.86 26.02
C GLY A 123 2.45 13.20 26.78
N PRO A 124 2.53 14.45 27.27
CA PRO A 124 3.69 14.93 28.03
C PRO A 124 3.78 14.29 29.41
N SER A 125 4.63 13.27 29.52
CA SER A 125 4.82 12.57 30.79
C SER A 125 5.27 13.52 31.88
N SER A 126 6.35 14.25 31.62
CA SER A 126 6.89 15.21 32.58
C SER A 126 6.18 16.55 32.47
N GLY A 127 6.25 17.34 33.54
CA GLY A 127 5.61 18.64 33.54
C GLY A 127 6.60 19.78 33.44
N GLY A 1 9.43 -14.26 -9.20
CA GLY A 1 8.46 -15.29 -9.54
C GLY A 1 7.11 -15.05 -8.90
N SER A 2 6.75 -15.91 -7.95
CA SER A 2 5.47 -15.80 -7.26
C SER A 2 4.31 -15.73 -8.26
N SER A 3 4.36 -16.60 -9.25
CA SER A 3 3.31 -16.65 -10.28
C SER A 3 2.29 -17.73 -9.97
N GLY A 4 1.01 -17.42 -10.22
CA GLY A 4 -0.04 -18.37 -9.96
C GLY A 4 -1.33 -17.70 -9.53
N SER A 5 -2.44 -18.11 -10.15
CA SER A 5 -3.74 -17.54 -9.82
C SER A 5 -4.87 -18.37 -10.44
N SER A 6 -5.98 -18.48 -9.72
CA SER A 6 -7.13 -19.25 -10.20
C SER A 6 -8.27 -18.33 -10.60
N GLY A 7 -9.33 -18.91 -11.17
CA GLY A 7 -10.47 -18.13 -11.58
C GLY A 7 -10.77 -18.29 -13.06
N ARG A 8 -11.63 -17.41 -13.58
CA ARG A 8 -11.99 -17.46 -15.00
C ARG A 8 -11.26 -16.39 -15.78
N SER A 9 -11.41 -15.14 -15.37
CA SER A 9 -10.77 -14.02 -16.05
C SER A 9 -9.66 -13.43 -15.17
N ILE A 10 -8.93 -12.47 -15.74
CA ILE A 10 -7.84 -11.82 -15.02
C ILE A 10 -7.94 -10.31 -15.12
N ARG A 11 -8.07 -9.64 -13.98
CA ARG A 11 -8.17 -8.19 -13.93
C ARG A 11 -6.79 -7.55 -14.02
N LEU A 12 -5.87 -8.04 -13.20
CA LEU A 12 -4.50 -7.51 -13.18
C LEU A 12 -3.82 -7.71 -14.53
N PRO A 13 -2.80 -6.89 -14.80
CA PRO A 13 -2.04 -6.96 -16.05
C PRO A 13 -1.18 -8.22 -16.15
N GLU A 14 -1.65 -9.19 -16.92
CA GLU A 14 -0.93 -10.45 -17.10
C GLU A 14 0.50 -10.19 -17.53
N THR A 15 0.73 -9.05 -18.18
CA THR A 15 2.06 -8.69 -18.65
C THR A 15 2.92 -8.16 -17.51
N ILE A 16 2.44 -8.33 -16.29
CA ILE A 16 3.16 -7.87 -15.11
C ILE A 16 2.98 -8.84 -13.94
N ASP A 17 3.95 -8.85 -13.03
CA ASP A 17 3.90 -9.72 -11.87
C ASP A 17 3.99 -8.91 -10.58
N LEU A 18 2.90 -8.90 -9.81
CA LEU A 18 2.86 -8.18 -8.55
C LEU A 18 4.13 -8.41 -7.74
N GLY A 19 4.50 -9.68 -7.59
CA GLY A 19 5.68 -10.02 -6.84
C GLY A 19 6.88 -9.18 -7.22
N ALA A 20 7.15 -9.11 -8.52
CA ALA A 20 8.27 -8.33 -9.02
C ALA A 20 8.11 -6.84 -8.70
N LEU A 21 6.87 -6.36 -8.75
CA LEU A 21 6.57 -4.97 -8.46
C LEU A 21 6.89 -4.64 -7.01
N TYR A 22 6.37 -5.43 -6.09
CA TYR A 22 6.61 -5.23 -4.67
C TYR A 22 8.09 -5.09 -4.38
N LEU A 23 8.91 -5.79 -5.15
CA LEU A 23 10.35 -5.76 -4.97
C LEU A 23 10.91 -4.38 -5.32
N SER A 24 10.39 -3.78 -6.39
CA SER A 24 10.84 -2.47 -6.82
C SER A 24 10.52 -1.41 -5.77
N MET A 25 9.40 -1.61 -5.05
CA MET A 25 8.99 -0.68 -4.01
C MET A 25 9.85 -0.84 -2.77
N LYS A 26 10.60 -1.94 -2.70
CA LYS A 26 11.46 -2.21 -1.56
C LYS A 26 12.78 -1.44 -1.68
N ASP A 27 13.13 -1.06 -2.91
CA ASP A 27 14.37 -0.31 -3.15
C ASP A 27 14.35 1.01 -2.41
N THR A 28 15.54 1.50 -2.06
CA THR A 28 15.67 2.76 -1.34
C THR A 28 15.57 3.94 -2.29
N GLU A 29 16.12 3.77 -3.50
CA GLU A 29 16.10 4.83 -4.50
C GLU A 29 15.12 4.49 -5.62
N LYS A 30 14.85 3.20 -5.79
CA LYS A 30 13.94 2.74 -6.84
C LYS A 30 12.64 2.21 -6.23
N GLY A 31 12.41 2.56 -4.96
CA GLY A 31 11.21 2.11 -4.28
C GLY A 31 10.39 3.25 -3.72
N ILE A 32 9.28 2.92 -3.07
CA ILE A 32 8.41 3.93 -2.49
C ILE A 32 9.02 4.52 -1.21
N LYS A 33 9.02 5.84 -1.11
CA LYS A 33 9.58 6.52 0.05
C LYS A 33 8.68 6.32 1.27
N GLU A 34 9.27 6.43 2.46
CA GLU A 34 8.51 6.26 3.70
C GLU A 34 8.55 7.55 4.52
N LEU A 35 7.38 7.97 4.98
CA LEU A 35 7.27 9.18 5.79
C LEU A 35 6.68 8.88 7.16
N ASN A 36 6.79 9.84 8.08
CA ASN A 36 6.27 9.67 9.43
C ASN A 36 5.11 10.63 9.68
N LEU A 37 3.94 10.08 9.99
CA LEU A 37 2.77 10.89 10.26
C LEU A 37 2.08 10.44 11.55
N GLU A 38 1.43 11.38 12.22
CA GLU A 38 0.74 11.09 13.47
C GLU A 38 -0.77 11.17 13.28
N LYS A 39 -1.48 10.15 13.74
CA LYS A 39 -2.94 10.11 13.63
C LYS A 39 -3.55 9.34 14.79
N ASP A 40 -4.81 9.65 15.09
CA ASP A 40 -5.51 8.98 16.19
C ASP A 40 -4.57 8.68 17.34
N LYS A 41 -3.78 9.67 17.73
CA LYS A 41 -2.83 9.51 18.82
C LYS A 41 -1.94 8.29 18.60
N LYS A 42 -1.34 8.22 17.41
CA LYS A 42 -0.46 7.10 17.07
C LYS A 42 0.50 7.49 15.96
N ILE A 43 1.79 7.21 16.17
CA ILE A 43 2.81 7.53 15.19
C ILE A 43 3.13 6.33 14.31
N PHE A 44 2.79 6.43 13.04
CA PHE A 44 3.04 5.34 12.09
C PHE A 44 4.36 5.56 11.34
N ASN A 45 5.45 5.17 11.98
CA ASN A 45 6.79 5.32 11.39
C ASN A 45 6.97 4.34 10.24
N HIS A 46 8.02 4.57 9.44
CA HIS A 46 8.31 3.70 8.31
C HIS A 46 7.05 3.39 7.51
N CYS A 47 6.19 4.39 7.35
CA CYS A 47 4.94 4.23 6.61
C CYS A 47 4.83 5.25 5.49
N PHE A 48 4.15 4.88 4.41
CA PHE A 48 3.96 5.78 3.28
C PHE A 48 2.49 6.09 3.06
N THR A 49 2.22 7.12 2.27
CA THR A 49 0.85 7.52 1.99
C THR A 49 0.31 6.82 0.74
N GLY A 50 -1.01 6.68 0.68
CA GLY A 50 -1.63 6.01 -0.46
C GLY A 50 -1.16 6.59 -1.78
N ASN A 51 -1.44 7.87 -2.00
CA ASN A 51 -1.05 8.53 -3.23
C ASN A 51 0.35 8.09 -3.67
N CYS A 52 1.33 8.33 -2.81
CA CYS A 52 2.70 7.95 -3.10
C CYS A 52 2.77 6.62 -3.83
N VAL A 53 1.98 5.66 -3.36
CA VAL A 53 1.95 4.33 -3.96
C VAL A 53 1.47 4.40 -5.41
N ILE A 54 0.33 5.06 -5.62
CA ILE A 54 -0.24 5.20 -6.95
C ILE A 54 0.71 5.96 -7.87
N ASP A 55 1.14 7.14 -7.44
CA ASP A 55 2.06 7.96 -8.23
C ASP A 55 3.36 7.20 -8.52
N TRP A 56 3.88 6.51 -7.50
CA TRP A 56 5.11 5.75 -7.65
C TRP A 56 5.06 4.87 -8.89
N LEU A 57 3.88 4.31 -9.17
CA LEU A 57 3.70 3.45 -10.33
C LEU A 57 3.83 4.24 -11.63
N VAL A 58 3.10 5.36 -11.71
CA VAL A 58 3.13 6.21 -12.89
C VAL A 58 4.54 6.73 -13.15
N SER A 59 5.14 7.33 -12.12
CA SER A 59 6.48 7.88 -12.24
C SER A 59 7.46 6.83 -12.78
N ASN A 60 7.30 5.60 -12.33
CA ASN A 60 8.15 4.50 -12.76
C ASN A 60 7.71 3.97 -14.12
N GLN A 61 6.82 4.71 -14.79
CA GLN A 61 6.32 4.30 -16.09
C GLN A 61 5.68 2.93 -16.02
N SER A 62 5.11 2.60 -14.87
CA SER A 62 4.47 1.30 -14.66
C SER A 62 3.04 1.32 -15.19
N VAL A 63 2.33 2.42 -14.92
CA VAL A 63 0.95 2.56 -15.37
C VAL A 63 0.79 3.79 -16.26
N ARG A 64 -0.40 3.96 -16.82
CA ARG A 64 -0.69 5.09 -17.69
C ARG A 64 -1.07 6.32 -16.88
N ASN A 65 -1.87 6.11 -15.84
CA ASN A 65 -2.31 7.21 -14.98
C ASN A 65 -2.63 6.71 -13.57
N ARG A 66 -3.04 7.63 -12.71
CA ARG A 66 -3.37 7.27 -11.32
C ARG A 66 -4.35 6.10 -11.29
N GLN A 67 -5.52 6.30 -11.89
CA GLN A 67 -6.54 5.27 -11.92
C GLN A 67 -5.94 3.90 -12.24
N GLU A 68 -5.11 3.86 -13.27
CA GLU A 68 -4.46 2.62 -13.68
C GLU A 68 -3.72 1.97 -12.51
N GLY A 69 -3.08 2.80 -11.69
CA GLY A 69 -2.35 2.30 -10.54
C GLY A 69 -3.26 1.83 -9.43
N LEU A 70 -4.54 2.19 -9.54
CA LEU A 70 -5.53 1.81 -8.53
C LEU A 70 -5.63 0.29 -8.42
N MET A 71 -5.64 -0.38 -9.56
CA MET A 71 -5.73 -1.83 -9.60
C MET A 71 -4.47 -2.47 -9.03
N ILE A 72 -3.32 -2.12 -9.60
CA ILE A 72 -2.04 -2.66 -9.15
C ILE A 72 -1.82 -2.38 -7.67
N ALA A 73 -2.10 -1.14 -7.27
CA ALA A 73 -1.92 -0.74 -5.87
C ALA A 73 -2.89 -1.50 -4.97
N SER A 74 -4.14 -1.63 -5.40
CA SER A 74 -5.15 -2.33 -4.62
C SER A 74 -4.79 -3.81 -4.46
N SER A 75 -4.51 -4.47 -5.59
CA SER A 75 -4.16 -5.88 -5.58
C SER A 75 -3.08 -6.16 -4.54
N LEU A 76 -2.05 -5.32 -4.51
CA LEU A 76 -0.95 -5.49 -3.57
C LEU A 76 -1.49 -5.71 -2.15
N LEU A 77 -2.51 -4.95 -1.78
CA LEU A 77 -3.10 -5.07 -0.46
C LEU A 77 -3.91 -6.37 -0.35
N ASN A 78 -4.40 -6.86 -1.47
CA ASN A 78 -5.18 -8.09 -1.50
C ASN A 78 -4.29 -9.31 -1.28
N GLU A 79 -3.09 -9.26 -1.85
CA GLU A 79 -2.13 -10.36 -1.71
C GLU A 79 -1.39 -10.28 -0.37
N GLY A 80 -1.12 -9.06 0.07
CA GLY A 80 -0.43 -8.87 1.33
C GLY A 80 0.78 -7.97 1.19
N TYR A 81 1.26 -7.80 -0.04
CA TYR A 81 2.42 -6.96 -0.30
C TYR A 81 2.34 -5.65 0.48
N LEU A 82 1.12 -5.11 0.58
CA LEU A 82 0.90 -3.86 1.30
C LEU A 82 -0.01 -4.08 2.50
N GLN A 83 0.26 -3.34 3.58
CA GLN A 83 -0.55 -3.46 4.80
C GLN A 83 -1.19 -2.12 5.15
N PRO A 84 -2.48 -2.16 5.52
CA PRO A 84 -3.24 -0.97 5.89
C PRO A 84 -2.77 -0.37 7.22
N ALA A 85 -2.72 0.95 7.29
CA ALA A 85 -2.30 1.65 8.50
C ALA A 85 -3.24 2.79 8.84
N GLY A 86 -4.23 2.49 9.68
CA GLY A 86 -5.20 3.51 10.07
C GLY A 86 -6.62 3.08 9.83
N ASP A 87 -7.54 3.56 10.67
CA ASP A 87 -8.95 3.22 10.54
C ASP A 87 -9.44 3.46 9.12
N MET A 88 -9.07 4.61 8.56
CA MET A 88 -9.47 4.96 7.20
C MET A 88 -9.43 3.74 6.29
N SER A 89 -8.23 3.20 6.08
CA SER A 89 -8.06 2.03 5.22
C SER A 89 -8.55 0.77 5.92
N LYS A 90 -8.07 0.55 7.14
CA LYS A 90 -8.46 -0.62 7.92
C LYS A 90 -9.94 -0.94 7.70
N SER A 91 -10.73 0.08 7.40
CA SER A 91 -12.16 -0.10 7.17
C SER A 91 -12.43 -0.56 5.74
N ALA A 92 -11.72 0.03 4.79
CA ALA A 92 -11.88 -0.32 3.38
C ALA A 92 -11.37 -1.72 3.11
N VAL A 93 -10.25 -2.08 3.73
CA VAL A 93 -9.67 -3.40 3.55
C VAL A 93 -10.48 -4.47 4.27
N ASP A 94 -11.01 -4.11 5.43
CA ASP A 94 -11.81 -5.03 6.23
C ASP A 94 -13.12 -5.37 5.53
N GLY A 95 -13.88 -4.33 5.19
CA GLY A 95 -15.15 -4.53 4.51
C GLY A 95 -15.01 -5.38 3.27
N THR A 96 -16.15 -5.82 2.73
CA THR A 96 -16.16 -6.66 1.53
C THR A 96 -16.31 -5.82 0.28
N ALA A 97 -15.19 -5.30 -0.23
CA ALA A 97 -15.21 -4.49 -1.43
C ALA A 97 -14.28 -5.06 -2.50
N GLU A 98 -14.32 -4.48 -3.69
CA GLU A 98 -13.47 -4.92 -4.79
C GLU A 98 -12.06 -4.35 -4.67
N ASN A 99 -11.98 -3.04 -4.46
CA ASN A 99 -10.68 -2.37 -4.32
C ASN A 99 -10.50 -1.83 -2.91
N PRO A 100 -9.69 -2.53 -2.10
CA PRO A 100 -9.41 -2.13 -0.72
C PRO A 100 -8.57 -0.87 -0.64
N PHE A 101 -8.18 -0.34 -1.80
CA PHE A 101 -7.36 0.85 -1.86
C PHE A 101 -8.23 2.11 -1.90
N LEU A 102 -7.73 3.19 -1.29
CA LEU A 102 -8.47 4.45 -1.25
C LEU A 102 -7.73 5.53 -2.03
N ASP A 103 -6.60 5.16 -2.62
CA ASP A 103 -5.80 6.10 -3.41
C ASP A 103 -5.88 7.50 -2.81
N ASN A 104 -5.71 7.59 -1.49
CA ASN A 104 -5.77 8.87 -0.80
C ASN A 104 -4.52 9.08 0.05
N PRO A 105 -4.11 10.35 0.21
CA PRO A 105 -2.94 10.72 1.00
C PRO A 105 -3.14 10.48 2.50
N ASP A 106 -4.39 10.31 2.89
CA ASP A 106 -4.73 10.07 4.29
C ASP A 106 -4.71 8.59 4.62
N ALA A 107 -4.46 7.77 3.60
CA ALA A 107 -4.42 6.32 3.79
C ALA A 107 -2.99 5.81 3.75
N PHE A 108 -2.42 5.59 4.94
CA PHE A 108 -1.05 5.10 5.05
C PHE A 108 -0.98 3.62 4.74
N TYR A 109 0.22 3.13 4.47
CA TYR A 109 0.43 1.71 4.16
C TYR A 109 1.88 1.31 4.39
N TYR A 110 2.08 0.13 4.95
CA TYR A 110 3.42 -0.38 5.23
C TYR A 110 3.62 -1.75 4.62
N PHE A 111 4.88 -2.13 4.41
CA PHE A 111 5.21 -3.43 3.83
C PHE A 111 5.33 -4.50 4.91
N PRO A 112 4.90 -5.73 4.58
CA PRO A 112 4.94 -6.86 5.51
C PRO A 112 6.36 -7.33 5.78
N ASP A 113 7.32 -6.71 5.10
CA ASP A 113 8.73 -7.07 5.26
C ASP A 113 9.50 -5.94 5.93
N SER A 114 9.17 -4.70 5.57
CA SER A 114 9.83 -3.54 6.13
C SER A 114 9.68 -3.51 7.66
N GLY A 115 10.43 -2.61 8.29
CA GLY A 115 10.37 -2.50 9.74
C GLY A 115 9.49 -1.36 10.19
N PHE A 116 8.19 -1.62 10.27
CA PHE A 116 7.22 -0.61 10.70
C PHE A 116 6.77 -0.85 12.14
N PHE A 117 6.51 0.23 12.85
CA PHE A 117 6.07 0.14 14.25
C PHE A 117 5.25 1.36 14.65
N CYS A 118 4.16 1.13 15.36
CA CYS A 118 3.29 2.22 15.81
C CYS A 118 3.42 2.44 17.31
N GLU A 119 3.43 3.71 17.72
CA GLU A 119 3.55 4.05 19.13
C GLU A 119 2.43 4.99 19.56
N GLU A 120 1.87 4.72 20.74
CA GLU A 120 0.78 5.53 21.27
C GLU A 120 1.31 6.82 21.88
N ASN A 121 1.45 7.85 21.05
CA ASN A 121 1.96 9.14 21.52
C ASN A 121 1.45 9.46 22.91
N SER A 122 2.37 9.72 23.83
CA SER A 122 2.01 10.04 25.21
C SER A 122 1.74 11.52 25.38
N GLY A 123 2.72 12.34 25.00
CA GLY A 123 2.57 13.78 25.12
C GLY A 123 3.71 14.43 25.88
N PRO A 124 3.59 15.74 26.13
CA PRO A 124 4.62 16.50 26.85
C PRO A 124 4.70 16.12 28.32
N SER A 125 5.53 15.13 28.63
CA SER A 125 5.69 14.67 30.00
C SER A 125 7.12 14.21 30.26
N SER A 126 7.67 14.60 31.41
CA SER A 126 9.03 14.25 31.77
C SER A 126 9.25 14.41 33.27
N GLY A 127 9.49 13.30 33.96
CA GLY A 127 9.72 13.35 35.38
C GLY A 127 8.49 12.95 36.19
N GLY A 1 -0.27 -17.43 -3.08
CA GLY A 1 -1.05 -18.55 -3.59
C GLY A 1 -1.92 -18.17 -4.77
N SER A 2 -3.13 -18.71 -4.81
CA SER A 2 -4.06 -18.43 -5.89
C SER A 2 -3.34 -18.37 -7.23
N SER A 3 -2.52 -19.38 -7.50
CA SER A 3 -1.76 -19.44 -8.74
C SER A 3 -2.07 -20.73 -9.50
N GLY A 4 -2.86 -20.61 -10.57
CA GLY A 4 -3.22 -21.76 -11.36
C GLY A 4 -4.49 -21.54 -12.16
N SER A 5 -4.39 -21.67 -13.48
CA SER A 5 -5.54 -21.48 -14.35
C SER A 5 -6.56 -22.61 -14.17
N SER A 6 -7.47 -22.43 -13.23
CA SER A 6 -8.50 -23.44 -12.96
C SER A 6 -9.73 -23.20 -13.82
N GLY A 7 -10.18 -21.95 -13.87
CA GLY A 7 -11.35 -21.61 -14.66
C GLY A 7 -11.84 -20.21 -14.39
N ARG A 8 -10.93 -19.25 -14.42
CA ARG A 8 -11.28 -17.85 -14.17
C ARG A 8 -10.37 -16.92 -14.96
N SER A 9 -10.87 -15.71 -15.24
CA SER A 9 -10.10 -14.73 -15.99
C SER A 9 -9.09 -14.02 -15.09
N ILE A 10 -8.28 -13.16 -15.68
CA ILE A 10 -7.27 -12.41 -14.93
C ILE A 10 -7.33 -10.92 -15.25
N ARG A 11 -7.84 -10.14 -14.31
CA ARG A 11 -7.96 -8.69 -14.50
C ARG A 11 -6.58 -8.03 -14.50
N LEU A 12 -5.79 -8.33 -13.47
CA LEU A 12 -4.45 -7.76 -13.35
C LEU A 12 -3.69 -7.90 -14.67
N PRO A 13 -2.67 -7.04 -14.85
CA PRO A 13 -1.84 -7.04 -16.06
C PRO A 13 -0.96 -8.28 -16.15
N GLU A 14 -1.34 -9.22 -17.01
CA GLU A 14 -0.58 -10.45 -17.19
C GLU A 14 0.87 -10.14 -17.56
N THR A 15 1.08 -9.00 -18.21
CA THR A 15 2.41 -8.59 -18.63
C THR A 15 3.23 -8.08 -17.44
N ILE A 16 2.67 -8.22 -16.24
CA ILE A 16 3.35 -7.78 -15.04
C ILE A 16 3.16 -8.78 -13.90
N ASP A 17 4.08 -8.78 -12.95
CA ASP A 17 4.02 -9.68 -11.81
C ASP A 17 4.07 -8.90 -10.49
N LEU A 18 2.95 -8.87 -9.78
CA LEU A 18 2.88 -8.16 -8.51
C LEU A 18 4.14 -8.40 -7.67
N GLY A 19 4.51 -9.67 -7.52
CA GLY A 19 5.68 -10.01 -6.76
C GLY A 19 6.89 -9.16 -7.13
N ALA A 20 7.18 -9.09 -8.42
CA ALA A 20 8.31 -8.30 -8.91
C ALA A 20 8.12 -6.82 -8.62
N LEU A 21 6.87 -6.36 -8.71
CA LEU A 21 6.55 -4.96 -8.45
C LEU A 21 6.85 -4.59 -7.00
N TYR A 22 6.31 -5.38 -6.08
CA TYR A 22 6.50 -5.14 -4.65
C TYR A 22 7.99 -4.99 -4.33
N LEU A 23 8.83 -5.74 -5.05
CA LEU A 23 10.26 -5.70 -4.84
C LEU A 23 10.82 -4.31 -5.19
N SER A 24 10.31 -3.73 -6.26
CA SER A 24 10.75 -2.41 -6.71
C SER A 24 10.43 -1.35 -5.66
N MET A 25 9.35 -1.57 -4.92
CA MET A 25 8.94 -0.63 -3.89
C MET A 25 9.80 -0.78 -2.64
N LYS A 26 10.44 -1.94 -2.49
CA LYS A 26 11.29 -2.20 -1.35
C LYS A 26 12.60 -1.43 -1.45
N ASP A 27 12.95 -1.03 -2.68
CA ASP A 27 14.18 -0.27 -2.92
C ASP A 27 14.14 1.07 -2.17
N THR A 28 15.32 1.55 -1.79
CA THR A 28 15.42 2.81 -1.07
C THR A 28 15.36 4.00 -2.03
N GLU A 29 15.94 3.82 -3.21
CA GLU A 29 15.94 4.89 -4.21
C GLU A 29 15.02 4.54 -5.38
N LYS A 30 14.76 3.24 -5.55
CA LYS A 30 13.89 2.78 -6.62
C LYS A 30 12.56 2.28 -6.06
N GLY A 31 12.32 2.56 -4.79
CA GLY A 31 11.09 2.14 -4.16
C GLY A 31 10.29 3.30 -3.58
N ILE A 32 9.30 2.98 -2.76
CA ILE A 32 8.46 4.01 -2.15
C ILE A 32 9.07 4.50 -0.83
N LYS A 33 9.13 5.81 -0.67
CA LYS A 33 9.69 6.40 0.55
C LYS A 33 8.72 6.23 1.72
N GLU A 34 9.28 5.97 2.90
CA GLU A 34 8.47 5.79 4.11
C GLU A 34 8.59 6.99 5.03
N LEU A 35 7.48 7.38 5.64
CA LEU A 35 7.46 8.52 6.55
C LEU A 35 6.66 8.19 7.81
N ASN A 36 6.79 9.04 8.83
CA ASN A 36 6.08 8.84 10.08
C ASN A 36 5.05 9.95 10.30
N LEU A 37 3.85 9.57 10.71
CA LEU A 37 2.78 10.53 10.96
C LEU A 37 2.01 10.16 12.22
N GLU A 38 1.36 11.15 12.81
CA GLU A 38 0.58 10.94 14.03
C GLU A 38 -0.90 11.24 13.80
N LYS A 39 -1.70 10.19 13.62
CA LYS A 39 -3.12 10.34 13.38
C LYS A 39 -3.87 10.53 14.70
N ASP A 40 -4.04 9.45 15.44
CA ASP A 40 -4.74 9.50 16.73
C ASP A 40 -3.87 8.95 17.84
N LYS A 41 -3.21 9.85 18.58
CA LYS A 41 -2.34 9.44 19.67
C LYS A 41 -1.54 8.20 19.31
N LYS A 42 -1.31 8.01 18.02
CA LYS A 42 -0.55 6.86 17.54
C LYS A 42 0.26 7.21 16.30
N ILE A 43 1.57 7.01 16.39
CA ILE A 43 2.47 7.32 15.28
C ILE A 43 2.88 6.04 14.54
N PHE A 44 2.72 6.04 13.23
CA PHE A 44 3.09 4.89 12.41
C PHE A 44 4.39 5.14 11.66
N ASN A 45 5.42 4.36 12.01
CA ASN A 45 6.73 4.50 11.36
C ASN A 45 6.82 3.64 10.12
N HIS A 46 7.79 3.93 9.27
CA HIS A 46 7.99 3.18 8.03
C HIS A 46 6.68 3.06 7.26
N CYS A 47 5.79 4.02 7.47
CA CYS A 47 4.50 4.02 6.79
C CYS A 47 4.45 5.10 5.71
N PHE A 48 3.87 4.75 4.57
CA PHE A 48 3.76 5.69 3.45
C PHE A 48 2.31 5.93 3.08
N THR A 49 1.92 7.19 2.99
CA THR A 49 0.54 7.55 2.64
C THR A 49 0.07 6.77 1.42
N GLY A 50 -1.24 6.83 1.16
CA GLY A 50 -1.79 6.14 0.02
C GLY A 50 -1.84 7.00 -1.23
N ASN A 51 -0.92 7.95 -1.32
CA ASN A 51 -0.86 8.84 -2.47
C ASN A 51 0.40 8.59 -3.29
N CYS A 52 1.48 8.21 -2.61
CA CYS A 52 2.75 7.95 -3.27
C CYS A 52 2.71 6.60 -4.01
N VAL A 53 1.86 5.70 -3.52
CA VAL A 53 1.72 4.38 -4.12
C VAL A 53 1.31 4.48 -5.59
N ILE A 54 0.15 5.08 -5.82
CA ILE A 54 -0.36 5.24 -7.18
C ILE A 54 0.65 5.96 -8.07
N ASP A 55 1.05 7.15 -7.64
CA ASP A 55 2.02 7.94 -8.41
C ASP A 55 3.29 7.13 -8.66
N TRP A 56 3.93 6.69 -7.58
CA TRP A 56 5.15 5.90 -7.69
C TRP A 56 5.10 4.97 -8.89
N LEU A 57 3.97 4.29 -9.06
CA LEU A 57 3.79 3.37 -10.18
C LEU A 57 3.88 4.09 -11.51
N VAL A 58 3.16 5.21 -11.62
CA VAL A 58 3.16 6.01 -12.84
C VAL A 58 4.56 6.47 -13.19
N SER A 59 5.27 7.01 -12.20
CA SER A 59 6.62 7.50 -12.41
C SER A 59 7.54 6.38 -12.90
N ASN A 60 7.32 5.17 -12.39
CA ASN A 60 8.12 4.02 -12.79
C ASN A 60 7.70 3.51 -14.16
N GLN A 61 6.79 4.24 -14.81
CA GLN A 61 6.31 3.85 -16.13
C GLN A 61 5.59 2.50 -16.08
N SER A 62 4.87 2.27 -14.99
CA SER A 62 4.13 1.02 -14.80
C SER A 62 2.68 1.19 -15.24
N VAL A 63 2.16 2.40 -15.09
CA VAL A 63 0.77 2.69 -15.47
C VAL A 63 0.70 3.93 -16.35
N ARG A 64 -0.44 4.11 -17.01
CA ARG A 64 -0.65 5.26 -17.89
C ARG A 64 -1.11 6.47 -17.10
N ASN A 65 -1.83 6.23 -16.00
CA ASN A 65 -2.33 7.31 -15.16
C ASN A 65 -2.60 6.80 -13.74
N ARG A 66 -3.05 7.71 -12.88
CA ARG A 66 -3.35 7.36 -11.50
C ARG A 66 -4.33 6.19 -11.42
N GLN A 67 -5.53 6.40 -11.94
CA GLN A 67 -6.55 5.36 -11.94
C GLN A 67 -5.96 4.01 -12.31
N GLU A 68 -5.18 4.00 -13.39
CA GLU A 68 -4.54 2.76 -13.85
C GLU A 68 -3.77 2.08 -12.72
N GLY A 69 -3.10 2.89 -11.90
CA GLY A 69 -2.34 2.35 -10.80
C GLY A 69 -3.23 1.87 -9.65
N LEU A 70 -4.47 2.34 -9.63
CA LEU A 70 -5.41 1.97 -8.59
C LEU A 70 -5.53 0.45 -8.49
N MET A 71 -5.58 -0.21 -9.64
CA MET A 71 -5.69 -1.66 -9.68
C MET A 71 -4.44 -2.32 -9.10
N ILE A 72 -3.29 -2.02 -9.69
CA ILE A 72 -2.02 -2.58 -9.23
C ILE A 72 -1.83 -2.35 -7.74
N ALA A 73 -2.06 -1.11 -7.30
CA ALA A 73 -1.92 -0.77 -5.89
C ALA A 73 -2.90 -1.56 -5.03
N SER A 74 -4.14 -1.64 -5.47
CA SER A 74 -5.17 -2.37 -4.73
C SER A 74 -4.80 -3.84 -4.58
N SER A 75 -4.46 -4.48 -5.70
CA SER A 75 -4.08 -5.88 -5.69
C SER A 75 -2.99 -6.15 -4.67
N LEU A 76 -1.99 -5.28 -4.64
CA LEU A 76 -0.88 -5.41 -3.70
C LEU A 76 -1.39 -5.64 -2.28
N LEU A 77 -2.52 -5.01 -1.95
CA LEU A 77 -3.11 -5.15 -0.63
C LEU A 77 -3.86 -6.47 -0.50
N ASN A 78 -4.28 -7.02 -1.63
CA ASN A 78 -5.00 -8.29 -1.64
C ASN A 78 -4.05 -9.45 -1.39
N GLU A 79 -2.80 -9.32 -1.84
CA GLU A 79 -1.81 -10.36 -1.66
C GLU A 79 -1.10 -10.21 -0.32
N GLY A 80 -0.96 -8.97 0.13
CA GLY A 80 -0.30 -8.70 1.40
C GLY A 80 0.90 -7.80 1.26
N TYR A 81 1.39 -7.65 0.03
CA TYR A 81 2.54 -6.81 -0.24
C TYR A 81 2.45 -5.49 0.54
N LEU A 82 1.25 -4.96 0.64
CA LEU A 82 1.02 -3.71 1.36
C LEU A 82 0.08 -3.92 2.55
N GLN A 83 0.39 -3.26 3.67
CA GLN A 83 -0.43 -3.38 4.86
C GLN A 83 -0.97 -2.02 5.29
N PRO A 84 -2.29 -1.94 5.47
CA PRO A 84 -2.96 -0.70 5.88
C PRO A 84 -2.64 -0.32 7.32
N ALA A 85 -2.55 0.98 7.58
CA ALA A 85 -2.25 1.48 8.92
C ALA A 85 -3.20 2.61 9.31
N GLY A 86 -4.32 2.25 9.94
CA GLY A 86 -5.29 3.24 10.35
C GLY A 86 -6.71 2.81 10.07
N ASP A 87 -7.64 3.24 10.92
CA ASP A 87 -9.04 2.89 10.77
C ASP A 87 -9.51 3.16 9.33
N MET A 88 -9.15 4.33 8.81
CA MET A 88 -9.52 4.71 7.46
C MET A 88 -9.45 3.51 6.52
N SER A 89 -8.22 3.10 6.19
CA SER A 89 -8.02 1.97 5.29
C SER A 89 -8.53 0.68 5.92
N LYS A 90 -8.20 0.46 7.19
CA LYS A 90 -8.62 -0.73 7.90
C LYS A 90 -10.10 -1.01 7.67
N SER A 91 -10.84 0.03 7.27
CA SER A 91 -12.26 -0.09 7.01
C SER A 91 -12.52 -0.47 5.55
N ALA A 92 -11.69 0.03 4.66
CA ALA A 92 -11.82 -0.26 3.24
C ALA A 92 -11.32 -1.67 2.91
N VAL A 93 -10.23 -2.07 3.55
CA VAL A 93 -9.65 -3.39 3.32
C VAL A 93 -10.60 -4.48 3.81
N ASP A 94 -11.16 -4.30 5.00
CA ASP A 94 -12.09 -5.26 5.57
C ASP A 94 -13.43 -5.23 4.85
N GLY A 95 -14.00 -4.03 4.73
CA GLY A 95 -15.28 -3.88 4.06
C GLY A 95 -15.30 -4.56 2.70
N THR A 96 -16.49 -4.63 2.10
CA THR A 96 -16.64 -5.24 0.79
C THR A 96 -16.60 -4.21 -0.32
N ALA A 97 -15.40 -3.74 -0.65
CA ALA A 97 -15.22 -2.74 -1.69
C ALA A 97 -14.40 -3.30 -2.85
N GLU A 98 -14.90 -3.12 -4.07
CA GLU A 98 -14.21 -3.60 -5.26
C GLU A 98 -12.70 -3.51 -5.08
N ASN A 99 -12.24 -2.42 -4.46
CA ASN A 99 -10.82 -2.20 -4.23
C ASN A 99 -10.55 -1.75 -2.80
N PRO A 100 -9.70 -2.48 -2.09
CA PRO A 100 -9.34 -2.18 -0.70
C PRO A 100 -8.50 -0.91 -0.59
N PHE A 101 -8.06 -0.39 -1.73
CA PHE A 101 -7.25 0.82 -1.76
C PHE A 101 -8.12 2.07 -1.75
N LEU A 102 -7.57 3.17 -1.26
CA LEU A 102 -8.30 4.43 -1.21
C LEU A 102 -7.56 5.52 -1.98
N ASP A 103 -6.43 5.16 -2.57
CA ASP A 103 -5.64 6.11 -3.33
C ASP A 103 -5.72 7.50 -2.73
N ASN A 104 -5.52 7.59 -1.42
CA ASN A 104 -5.56 8.87 -0.72
C ASN A 104 -4.32 9.06 0.14
N PRO A 105 -3.94 10.34 0.34
CA PRO A 105 -2.77 10.70 1.15
C PRO A 105 -2.97 10.41 2.63
N ASP A 106 -4.23 10.21 3.02
CA ASP A 106 -4.56 9.93 4.41
C ASP A 106 -4.41 8.43 4.71
N ALA A 107 -4.65 7.61 3.70
CA ALA A 107 -4.54 6.16 3.86
C ALA A 107 -3.09 5.73 3.94
N PHE A 108 -2.58 5.59 5.15
CA PHE A 108 -1.20 5.17 5.37
C PHE A 108 -1.04 3.67 5.16
N TYR A 109 0.13 3.27 4.68
CA TYR A 109 0.41 1.85 4.43
C TYR A 109 1.84 1.50 4.81
N TYR A 110 2.16 0.22 4.77
CA TYR A 110 3.50 -0.25 5.12
C TYR A 110 3.72 -1.67 4.63
N PHE A 111 4.97 -2.00 4.30
CA PHE A 111 5.31 -3.33 3.82
C PHE A 111 5.51 -4.30 4.98
N PRO A 112 5.09 -5.56 4.78
CA PRO A 112 5.21 -6.60 5.80
C PRO A 112 6.65 -7.01 6.04
N ASP A 113 7.52 -6.66 5.11
CA ASP A 113 8.94 -7.00 5.22
C ASP A 113 9.72 -5.85 5.88
N SER A 114 9.22 -4.64 5.72
CA SER A 114 9.87 -3.46 6.29
C SER A 114 10.01 -3.61 7.80
N GLY A 115 8.88 -3.84 8.47
CA GLY A 115 8.90 -3.99 9.92
C GLY A 115 8.11 -2.91 10.63
N PHE A 116 6.96 -2.56 10.06
CA PHE A 116 6.10 -1.53 10.64
C PHE A 116 6.03 -1.67 12.15
N PHE A 117 6.37 -0.60 12.87
CA PHE A 117 6.35 -0.60 14.32
C PHE A 117 5.61 0.62 14.86
N CYS A 118 4.48 0.38 15.53
CA CYS A 118 3.68 1.45 16.09
C CYS A 118 4.23 1.89 17.45
N GLU A 119 4.19 3.19 17.71
CA GLU A 119 4.68 3.73 18.96
C GLU A 119 3.61 4.58 19.65
N GLU A 120 2.65 3.90 20.30
CA GLU A 120 1.57 4.58 20.99
C GLU A 120 2.08 5.83 21.69
N ASN A 121 1.97 6.97 21.03
CA ASN A 121 2.42 8.23 21.59
C ASN A 121 2.04 8.35 23.07
N SER A 122 2.67 9.28 23.78
CA SER A 122 2.41 9.48 25.20
C SER A 122 1.22 10.42 25.40
N GLY A 123 1.27 11.58 24.75
CA GLY A 123 0.20 12.55 24.88
C GLY A 123 0.45 13.80 24.06
N PRO A 124 -0.49 14.75 24.13
CA PRO A 124 -0.38 16.02 23.39
C PRO A 124 0.71 16.92 23.96
N SER A 125 1.46 17.57 23.06
CA SER A 125 2.53 18.46 23.48
C SER A 125 2.13 19.92 23.28
N SER A 126 1.69 20.56 24.36
CA SER A 126 1.27 21.95 24.31
C SER A 126 2.35 22.82 23.66
N GLY A 127 3.54 22.82 24.26
CA GLY A 127 4.63 23.61 23.73
C GLY A 127 5.97 23.25 24.37
N GLY A 1 8.01 -32.70 -3.86
CA GLY A 1 7.58 -32.22 -5.17
C GLY A 1 6.63 -31.05 -5.08
N SER A 2 6.11 -30.63 -6.23
CA SER A 2 5.18 -29.51 -6.26
C SER A 2 4.62 -29.32 -7.67
N SER A 3 3.35 -28.94 -7.75
CA SER A 3 2.70 -28.73 -9.04
C SER A 3 1.30 -28.13 -8.85
N GLY A 4 0.70 -27.69 -9.95
CA GLY A 4 -0.63 -27.11 -9.88
C GLY A 4 -1.05 -26.47 -11.19
N SER A 5 -2.29 -26.01 -11.25
CA SER A 5 -2.82 -25.39 -12.46
C SER A 5 -3.93 -24.40 -12.12
N SER A 6 -4.50 -23.78 -13.16
CA SER A 6 -5.56 -22.80 -12.97
C SER A 6 -6.36 -22.62 -14.25
N GLY A 7 -7.61 -22.17 -14.12
CA GLY A 7 -8.45 -21.96 -15.27
C GLY A 7 -9.47 -20.85 -15.05
N ARG A 8 -9.03 -19.60 -15.23
CA ARG A 8 -9.92 -18.46 -15.04
C ARG A 8 -9.22 -17.17 -15.45
N SER A 9 -9.91 -16.35 -16.23
CA SER A 9 -9.34 -15.08 -16.70
C SER A 9 -8.72 -14.31 -15.55
N ILE A 10 -7.75 -13.47 -15.88
CA ILE A 10 -7.07 -12.66 -14.87
C ILE A 10 -7.18 -11.17 -15.17
N ARG A 11 -7.74 -10.42 -14.22
CA ARG A 11 -7.91 -8.99 -14.38
C ARG A 11 -6.56 -8.27 -14.40
N LEU A 12 -5.70 -8.63 -13.45
CA LEU A 12 -4.38 -8.03 -13.35
C LEU A 12 -3.61 -8.16 -14.67
N PRO A 13 -2.61 -7.30 -14.86
CA PRO A 13 -1.79 -7.30 -16.07
C PRO A 13 -0.87 -8.51 -16.14
N GLU A 14 -1.23 -9.47 -16.99
CA GLU A 14 -0.45 -10.69 -17.16
C GLU A 14 0.99 -10.36 -17.56
N THR A 15 1.17 -9.21 -18.20
CA THR A 15 2.49 -8.78 -18.64
C THR A 15 3.31 -8.23 -17.47
N ILE A 16 2.76 -8.36 -16.26
CA ILE A 16 3.44 -7.89 -15.07
C ILE A 16 3.30 -8.89 -13.92
N ASP A 17 4.21 -8.80 -12.96
CA ASP A 17 4.19 -9.69 -11.81
C ASP A 17 4.24 -8.91 -10.50
N LEU A 18 3.14 -8.93 -9.76
CA LEU A 18 3.06 -8.21 -8.50
C LEU A 18 4.33 -8.41 -7.67
N GLY A 19 4.73 -9.67 -7.50
CA GLY A 19 5.92 -9.97 -6.73
C GLY A 19 7.10 -9.11 -7.14
N ALA A 20 7.38 -9.06 -8.44
CA ALA A 20 8.48 -8.27 -8.97
C ALA A 20 8.27 -6.79 -8.70
N LEU A 21 7.02 -6.35 -8.80
CA LEU A 21 6.68 -4.95 -8.56
C LEU A 21 6.97 -4.54 -7.12
N TYR A 22 6.45 -5.32 -6.18
CA TYR A 22 6.66 -5.04 -4.76
C TYR A 22 8.15 -4.85 -4.45
N LEU A 23 8.99 -5.59 -5.18
CA LEU A 23 10.43 -5.50 -4.98
C LEU A 23 10.95 -4.12 -5.36
N SER A 24 10.43 -3.58 -6.46
CA SER A 24 10.85 -2.26 -6.93
C SER A 24 10.49 -1.18 -5.90
N MET A 25 9.45 -1.43 -5.12
CA MET A 25 9.02 -0.49 -4.10
C MET A 25 9.88 -0.62 -2.84
N LYS A 26 10.55 -1.75 -2.70
CA LYS A 26 11.40 -1.99 -1.54
C LYS A 26 12.71 -1.22 -1.66
N ASP A 27 13.04 -0.81 -2.89
CA ASP A 27 14.26 -0.05 -3.14
C ASP A 27 14.26 1.26 -2.36
N THR A 28 15.45 1.75 -2.05
CA THR A 28 15.59 3.01 -1.31
C THR A 28 15.53 4.21 -2.24
N GLU A 29 16.05 4.04 -3.46
CA GLU A 29 16.05 5.11 -4.45
C GLU A 29 15.07 4.81 -5.58
N LYS A 30 14.79 3.53 -5.79
CA LYS A 30 13.87 3.11 -6.84
C LYS A 30 12.58 2.56 -6.24
N GLY A 31 12.39 2.81 -4.94
CA GLY A 31 11.19 2.33 -4.27
C GLY A 31 10.37 3.46 -3.67
N ILE A 32 9.28 3.11 -2.99
CA ILE A 32 8.42 4.09 -2.37
C ILE A 32 9.03 4.60 -1.06
N LYS A 33 9.10 5.93 -0.94
CA LYS A 33 9.66 6.55 0.26
C LYS A 33 8.67 6.46 1.42
N GLU A 34 9.21 6.52 2.64
CA GLU A 34 8.38 6.45 3.84
C GLU A 34 8.42 7.76 4.61
N LEU A 35 7.24 8.30 4.91
CA LEU A 35 7.14 9.56 5.66
C LEU A 35 6.72 9.31 7.10
N ASN A 36 6.73 10.37 7.91
CA ASN A 36 6.36 10.27 9.31
C ASN A 36 5.23 11.24 9.64
N LEU A 37 4.02 10.72 9.75
CA LEU A 37 2.86 11.55 10.07
C LEU A 37 2.20 11.10 11.36
N GLU A 38 1.50 12.02 12.02
CA GLU A 38 0.82 11.71 13.28
C GLU A 38 -0.69 11.91 13.14
N LYS A 39 -1.42 10.81 13.00
CA LYS A 39 -2.86 10.85 12.86
C LYS A 39 -3.54 9.96 13.89
N ASP A 40 -4.72 10.36 14.34
CA ASP A 40 -5.47 9.59 15.31
C ASP A 40 -4.63 9.32 16.56
N LYS A 41 -3.89 10.33 16.99
CA LYS A 41 -3.03 10.22 18.16
C LYS A 41 -2.02 9.09 17.99
N LYS A 42 -1.66 8.82 16.74
CA LYS A 42 -0.69 7.76 16.43
C LYS A 42 0.30 8.23 15.38
N ILE A 43 1.56 7.85 15.55
CA ILE A 43 2.61 8.23 14.61
C ILE A 43 3.12 7.01 13.84
N PHE A 44 2.62 6.85 12.62
CA PHE A 44 3.03 5.73 11.78
C PHE A 44 4.41 5.97 11.18
N ASN A 45 5.44 5.49 11.87
CA ASN A 45 6.81 5.66 11.41
C ASN A 45 7.11 4.72 10.25
N HIS A 46 8.04 5.13 9.39
CA HIS A 46 8.43 4.32 8.24
C HIS A 46 7.20 3.93 7.41
N CYS A 47 6.22 4.83 7.36
CA CYS A 47 4.99 4.58 6.61
C CYS A 47 4.81 5.61 5.50
N PHE A 48 4.11 5.20 4.44
CA PHE A 48 3.86 6.09 3.32
C PHE A 48 2.37 6.35 3.14
N THR A 49 2.04 7.32 2.30
CA THR A 49 0.64 7.67 2.05
C THR A 49 0.09 6.86 0.87
N GLY A 50 -1.21 7.03 0.60
CA GLY A 50 -1.84 6.32 -0.48
C GLY A 50 -1.42 6.84 -1.84
N ASN A 51 -1.29 8.16 -1.95
CA ASN A 51 -0.89 8.78 -3.21
C ASN A 51 0.46 8.25 -3.68
N CYS A 52 1.45 8.33 -2.80
CA CYS A 52 2.79 7.85 -3.12
C CYS A 52 2.74 6.55 -3.92
N VAL A 53 2.02 5.57 -3.38
CA VAL A 53 1.88 4.27 -4.04
C VAL A 53 1.44 4.43 -5.49
N ILE A 54 0.40 5.22 -5.70
CA ILE A 54 -0.13 5.46 -7.03
C ILE A 54 0.89 6.19 -7.90
N ASP A 55 1.14 7.45 -7.58
CA ASP A 55 2.10 8.26 -8.33
C ASP A 55 3.37 7.47 -8.61
N TRP A 56 3.82 6.70 -7.62
CA TRP A 56 5.03 5.89 -7.76
C TRP A 56 4.92 4.95 -8.95
N LEU A 57 3.77 4.29 -9.08
CA LEU A 57 3.54 3.35 -10.17
C LEU A 57 3.60 4.07 -11.52
N VAL A 58 3.10 5.30 -11.55
CA VAL A 58 3.10 6.10 -12.77
C VAL A 58 4.52 6.54 -13.14
N SER A 59 5.26 6.98 -12.13
CA SER A 59 6.63 7.45 -12.34
C SER A 59 7.56 6.28 -12.63
N ASN A 60 7.15 5.08 -12.23
CA ASN A 60 7.94 3.88 -12.44
C ASN A 60 7.65 3.28 -13.82
N GLN A 61 6.78 3.94 -14.58
CA GLN A 61 6.43 3.48 -15.91
C GLN A 61 5.65 2.17 -15.84
N SER A 62 4.85 2.01 -14.79
CA SER A 62 4.06 0.81 -14.60
C SER A 62 2.61 1.04 -15.05
N VAL A 63 2.22 2.31 -15.13
CA VAL A 63 0.87 2.67 -15.54
C VAL A 63 0.87 3.92 -16.40
N ARG A 64 -0.32 4.39 -16.76
CA ARG A 64 -0.46 5.59 -17.58
C ARG A 64 -0.90 6.78 -16.74
N ASN A 65 -1.75 6.51 -15.75
CA ASN A 65 -2.25 7.56 -14.87
C ASN A 65 -2.55 7.01 -13.49
N ARG A 66 -3.07 7.88 -12.62
CA ARG A 66 -3.41 7.48 -11.25
C ARG A 66 -4.38 6.31 -11.25
N GLN A 67 -5.56 6.52 -11.84
CA GLN A 67 -6.57 5.49 -11.90
C GLN A 67 -5.97 4.13 -12.24
N GLU A 68 -5.09 4.11 -13.24
CA GLU A 68 -4.44 2.88 -13.65
C GLU A 68 -3.70 2.24 -12.48
N GLY A 69 -3.00 3.06 -11.70
CA GLY A 69 -2.26 2.56 -10.57
C GLY A 69 -3.16 2.17 -9.41
N LEU A 70 -4.46 2.46 -9.54
CA LEU A 70 -5.43 2.13 -8.50
C LEU A 70 -5.60 0.63 -8.38
N MET A 71 -5.75 -0.05 -9.51
CA MET A 71 -5.92 -1.50 -9.52
C MET A 71 -4.67 -2.20 -8.99
N ILE A 72 -3.53 -1.90 -9.59
CA ILE A 72 -2.27 -2.50 -9.17
C ILE A 72 -2.08 -2.39 -7.67
N ALA A 73 -2.40 -1.22 -7.12
CA ALA A 73 -2.27 -0.99 -5.69
C ALA A 73 -3.22 -1.88 -4.90
N SER A 74 -4.45 -1.98 -5.37
CA SER A 74 -5.46 -2.80 -4.70
C SER A 74 -4.99 -4.25 -4.58
N SER A 75 -4.45 -4.78 -5.67
CA SER A 75 -3.97 -6.16 -5.69
C SER A 75 -2.87 -6.36 -4.65
N LEU A 76 -1.89 -5.46 -4.65
CA LEU A 76 -0.79 -5.54 -3.69
C LEU A 76 -1.30 -5.81 -2.28
N LEU A 77 -2.45 -5.24 -1.96
CA LEU A 77 -3.05 -5.42 -0.64
C LEU A 77 -3.73 -6.78 -0.53
N ASN A 78 -4.16 -7.32 -1.68
CA ASN A 78 -4.83 -8.61 -1.71
C ASN A 78 -3.84 -9.74 -1.46
N GLU A 79 -2.62 -9.58 -1.97
CA GLU A 79 -1.58 -10.59 -1.80
C GLU A 79 -0.90 -10.44 -0.44
N GLY A 80 -0.80 -9.21 0.03
CA GLY A 80 -0.16 -8.95 1.31
C GLY A 80 1.06 -8.05 1.19
N TYR A 81 1.42 -7.73 -0.05
CA TYR A 81 2.57 -6.87 -0.30
C TYR A 81 2.47 -5.56 0.47
N LEU A 82 1.23 -5.09 0.64
CA LEU A 82 0.99 -3.84 1.35
C LEU A 82 -0.04 -4.03 2.46
N GLN A 83 0.17 -3.37 3.59
CA GLN A 83 -0.75 -3.47 4.72
C GLN A 83 -1.30 -2.11 5.10
N PRO A 84 -2.61 -2.06 5.40
CA PRO A 84 -3.29 -0.82 5.78
C PRO A 84 -2.85 -0.31 7.16
N ALA A 85 -2.74 1.00 7.29
CA ALA A 85 -2.34 1.61 8.55
C ALA A 85 -3.29 2.74 8.95
N GLY A 86 -4.20 2.44 9.87
CA GLY A 86 -5.16 3.43 10.32
C GLY A 86 -6.59 3.04 10.02
N ASP A 87 -7.53 3.63 10.74
CA ASP A 87 -8.95 3.35 10.54
C ASP A 87 -9.38 3.71 9.13
N MET A 88 -8.71 4.69 8.54
CA MET A 88 -9.03 5.12 7.18
C MET A 88 -9.08 3.93 6.22
N SER A 89 -7.93 3.29 6.02
CA SER A 89 -7.85 2.15 5.13
C SER A 89 -8.49 0.92 5.76
N LYS A 90 -8.20 0.71 7.04
CA LYS A 90 -8.74 -0.44 7.77
C LYS A 90 -10.24 -0.58 7.53
N SER A 91 -10.89 0.54 7.20
CA SER A 91 -12.32 0.55 6.95
C SER A 91 -12.62 0.11 5.52
N ALA A 92 -11.71 0.45 4.61
CA ALA A 92 -11.88 0.10 3.20
C ALA A 92 -11.51 -1.36 2.95
N VAL A 93 -10.36 -1.77 3.49
CA VAL A 93 -9.89 -3.14 3.33
C VAL A 93 -10.92 -4.14 3.86
N ASP A 94 -11.63 -3.75 4.91
CA ASP A 94 -12.63 -4.60 5.51
C ASP A 94 -13.98 -4.44 4.81
N GLY A 95 -14.31 -3.21 4.45
CA GLY A 95 -15.56 -2.93 3.78
C GLY A 95 -15.72 -3.73 2.51
N THR A 96 -16.94 -3.75 1.96
CA THR A 96 -17.22 -4.49 0.74
C THR A 96 -16.92 -3.64 -0.50
N ALA A 97 -15.82 -2.89 -0.44
CA ALA A 97 -15.43 -2.04 -1.55
C ALA A 97 -14.53 -2.80 -2.52
N GLU A 98 -14.97 -2.87 -3.78
CA GLU A 98 -14.20 -3.56 -4.81
C GLU A 98 -12.70 -3.31 -4.64
N ASN A 99 -12.34 -2.04 -4.44
CA ASN A 99 -10.94 -1.67 -4.27
C ASN A 99 -10.67 -1.24 -2.83
N PRO A 100 -10.01 -2.13 -2.07
CA PRO A 100 -9.66 -1.87 -0.67
C PRO A 100 -8.60 -0.80 -0.52
N PHE A 101 -8.07 -0.32 -1.65
CA PHE A 101 -7.04 0.70 -1.65
C PHE A 101 -7.65 2.09 -1.79
N LEU A 102 -6.95 3.10 -1.29
CA LEU A 102 -7.42 4.47 -1.36
C LEU A 102 -6.35 5.40 -1.92
N ASP A 103 -6.63 6.00 -3.07
CA ASP A 103 -5.69 6.91 -3.70
C ASP A 103 -5.67 8.27 -3.00
N ASN A 104 -5.66 8.23 -1.66
CA ASN A 104 -5.65 9.45 -0.87
C ASN A 104 -4.31 9.61 -0.15
N PRO A 105 -3.85 10.88 -0.05
CA PRO A 105 -2.58 11.19 0.62
C PRO A 105 -2.65 10.99 2.12
N ASP A 106 -3.83 10.64 2.61
CA ASP A 106 -4.03 10.41 4.04
C ASP A 106 -3.88 8.93 4.38
N ALA A 107 -4.37 8.08 3.49
CA ALA A 107 -4.30 6.63 3.71
C ALA A 107 -2.86 6.18 3.87
N PHE A 108 -2.53 5.72 5.07
CA PHE A 108 -1.17 5.26 5.36
C PHE A 108 -1.00 3.79 4.96
N TYR A 109 0.19 3.45 4.48
CA TYR A 109 0.48 2.08 4.06
C TYR A 109 1.93 1.72 4.33
N TYR A 110 2.18 0.46 4.65
CA TYR A 110 3.53 -0.01 4.94
C TYR A 110 3.73 -1.42 4.40
N PHE A 111 4.99 -1.86 4.39
CA PHE A 111 5.33 -3.19 3.88
C PHE A 111 5.47 -4.18 5.04
N PRO A 112 5.07 -5.44 4.78
CA PRO A 112 5.13 -6.50 5.79
C PRO A 112 6.57 -6.92 6.09
N ASP A 113 7.49 -6.54 5.22
CA ASP A 113 8.90 -6.87 5.40
C ASP A 113 9.63 -5.77 6.16
N SER A 114 9.28 -4.51 5.84
CA SER A 114 9.91 -3.37 6.49
C SER A 114 9.59 -3.34 7.98
N GLY A 115 10.17 -2.38 8.69
CA GLY A 115 9.93 -2.25 10.11
C GLY A 115 9.04 -1.08 10.46
N PHE A 116 7.74 -1.33 10.53
CA PHE A 116 6.78 -0.28 10.86
C PHE A 116 6.34 -0.38 12.32
N PHE A 117 5.98 0.76 12.90
CA PHE A 117 5.54 0.81 14.29
C PHE A 117 4.77 2.09 14.58
N CYS A 118 3.56 1.94 15.08
CA CYS A 118 2.71 3.10 15.40
C CYS A 118 2.91 3.53 16.85
N GLU A 119 3.15 4.82 17.05
CA GLU A 119 3.37 5.36 18.39
C GLU A 119 2.07 5.92 18.96
N GLU A 120 1.45 5.15 19.86
CA GLU A 120 0.19 5.57 20.47
C GLU A 120 0.43 6.68 21.49
N ASN A 121 0.86 7.84 21.00
CA ASN A 121 1.13 8.98 21.88
C ASN A 121 0.06 9.11 22.96
N SER A 122 0.48 8.93 24.21
CA SER A 122 -0.44 9.02 25.34
C SER A 122 0.11 9.94 26.42
N GLY A 123 -0.54 11.07 26.62
CA GLY A 123 -0.10 12.02 27.62
C GLY A 123 -0.63 13.41 27.38
N PRO A 124 -0.07 14.40 28.09
CA PRO A 124 -0.48 15.81 27.96
C PRO A 124 -0.07 16.41 26.62
N SER A 125 -1.02 17.06 25.96
CA SER A 125 -0.76 17.68 24.66
C SER A 125 -1.81 18.75 24.35
N SER A 126 -1.40 19.74 23.58
CA SER A 126 -2.30 20.84 23.22
C SER A 126 -2.94 20.58 21.86
N GLY A 127 -2.11 20.39 20.84
CA GLY A 127 -2.60 20.13 19.51
C GLY A 127 -1.89 18.99 18.82
N GLY A 1 -3.20 -24.00 -0.07
CA GLY A 1 -2.48 -24.58 -1.20
C GLY A 1 -3.23 -25.74 -1.83
N SER A 2 -3.63 -25.57 -3.09
CA SER A 2 -4.35 -26.61 -3.80
C SER A 2 -3.74 -26.86 -5.18
N SER A 3 -4.32 -27.79 -5.92
CA SER A 3 -3.83 -28.13 -7.26
C SER A 3 -4.98 -28.49 -8.18
N GLY A 4 -5.17 -27.69 -9.23
CA GLY A 4 -6.24 -27.94 -10.18
C GLY A 4 -7.21 -26.78 -10.27
N SER A 5 -7.03 -25.95 -11.29
CA SER A 5 -7.90 -24.79 -11.50
C SER A 5 -9.21 -25.20 -12.14
N SER A 6 -10.33 -24.80 -11.53
CA SER A 6 -11.65 -25.13 -12.05
C SER A 6 -12.25 -23.94 -12.79
N GLY A 7 -11.54 -23.45 -13.80
CA GLY A 7 -12.02 -22.32 -14.57
C GLY A 7 -12.10 -21.05 -13.75
N ARG A 8 -11.22 -20.10 -14.04
CA ARG A 8 -11.20 -18.84 -13.32
C ARG A 8 -10.43 -17.77 -14.11
N SER A 9 -11.08 -16.62 -14.32
CA SER A 9 -10.46 -15.52 -15.06
C SER A 9 -9.49 -14.75 -14.18
N ILE A 10 -8.95 -13.67 -14.73
CA ILE A 10 -8.01 -12.83 -13.99
C ILE A 10 -8.10 -11.38 -14.44
N ARG A 11 -8.19 -10.47 -13.46
CA ARG A 11 -8.29 -9.05 -13.74
C ARG A 11 -6.90 -8.43 -13.88
N LEU A 12 -6.02 -8.77 -12.94
CA LEU A 12 -4.65 -8.25 -12.95
C LEU A 12 -3.97 -8.53 -14.29
N PRO A 13 -2.93 -7.74 -14.60
CA PRO A 13 -2.17 -7.89 -15.84
C PRO A 13 -1.33 -9.17 -15.86
N GLU A 14 -1.87 -10.21 -16.49
CA GLU A 14 -1.16 -11.48 -16.59
C GLU A 14 0.25 -11.30 -17.11
N THR A 15 0.46 -10.22 -17.87
CA THR A 15 1.77 -9.93 -18.43
C THR A 15 2.70 -9.35 -17.38
N ILE A 16 2.25 -9.36 -16.13
CA ILE A 16 3.05 -8.83 -15.02
C ILE A 16 2.96 -9.73 -13.80
N ASP A 17 3.94 -9.60 -12.91
CA ASP A 17 3.97 -10.41 -11.69
C ASP A 17 4.05 -9.52 -10.45
N LEU A 18 2.95 -9.44 -9.71
CA LEU A 18 2.89 -8.62 -8.51
C LEU A 18 4.16 -8.79 -7.68
N GLY A 19 4.57 -10.04 -7.47
CA GLY A 19 5.77 -10.32 -6.70
C GLY A 19 6.93 -9.47 -7.13
N ALA A 20 7.21 -9.46 -8.43
CA ALA A 20 8.33 -8.67 -8.97
C ALA A 20 8.11 -7.18 -8.75
N LEU A 21 6.85 -6.75 -8.86
CA LEU A 21 6.51 -5.34 -8.67
C LEU A 21 6.80 -4.90 -7.25
N TYR A 22 6.28 -5.65 -6.28
CA TYR A 22 6.49 -5.34 -4.87
C TYR A 22 7.97 -5.13 -4.56
N LEU A 23 8.81 -5.88 -5.26
CA LEU A 23 10.25 -5.78 -5.06
C LEU A 23 10.77 -4.39 -5.47
N SER A 24 10.25 -3.88 -6.58
CA SER A 24 10.65 -2.56 -7.07
C SER A 24 10.31 -1.48 -6.05
N MET A 25 9.30 -1.74 -5.23
CA MET A 25 8.89 -0.78 -4.21
C MET A 25 9.79 -0.86 -2.98
N LYS A 26 10.44 -2.01 -2.81
CA LYS A 26 11.33 -2.21 -1.68
C LYS A 26 12.64 -1.46 -1.88
N ASP A 27 12.96 -1.16 -3.13
CA ASP A 27 14.19 -0.44 -3.46
C ASP A 27 14.28 0.86 -2.65
N THR A 28 15.51 1.33 -2.45
CA THR A 28 15.73 2.56 -1.70
C THR A 28 15.65 3.78 -2.62
N GLU A 29 16.08 3.61 -3.86
CA GLU A 29 16.04 4.70 -4.82
C GLU A 29 14.99 4.45 -5.91
N LYS A 30 14.66 3.17 -6.10
CA LYS A 30 13.67 2.78 -7.10
C LYS A 30 12.40 2.25 -6.44
N GLY A 31 12.27 2.50 -5.14
CA GLY A 31 11.11 2.03 -4.41
C GLY A 31 10.31 3.18 -3.79
N ILE A 32 9.30 2.83 -3.00
CA ILE A 32 8.47 3.84 -2.34
C ILE A 32 9.11 4.31 -1.03
N LYS A 33 9.22 5.62 -0.88
CA LYS A 33 9.80 6.20 0.32
C LYS A 33 8.81 6.15 1.48
N GLU A 34 9.33 6.22 2.70
CA GLU A 34 8.50 6.18 3.90
C GLU A 34 8.71 7.42 4.75
N LEU A 35 7.61 8.12 5.04
CA LEU A 35 7.67 9.34 5.83
C LEU A 35 7.21 9.08 7.27
N ASN A 36 7.38 10.07 8.13
CA ASN A 36 6.96 9.94 9.53
C ASN A 36 5.93 11.00 9.89
N LEU A 37 4.66 10.61 9.88
CA LEU A 37 3.58 11.53 10.22
C LEU A 37 2.92 11.14 11.54
N GLU A 38 2.20 12.09 12.13
CA GLU A 38 1.51 11.84 13.40
C GLU A 38 0.01 12.07 13.26
N LYS A 39 -0.77 11.08 13.71
CA LYS A 39 -2.22 11.17 13.63
C LYS A 39 -2.87 10.41 14.79
N ASP A 40 -3.92 11.00 15.35
CA ASP A 40 -4.63 10.39 16.47
C ASP A 40 -3.67 10.05 17.60
N LYS A 41 -2.70 10.92 17.83
CA LYS A 41 -1.71 10.71 18.88
C LYS A 41 -0.87 9.47 18.61
N LYS A 42 -0.53 9.25 17.35
CA LYS A 42 0.27 8.10 16.95
C LYS A 42 1.17 8.45 15.77
N ILE A 43 2.45 8.14 15.91
CA ILE A 43 3.42 8.41 14.85
C ILE A 43 3.79 7.14 14.09
N PHE A 44 3.39 7.07 12.83
CA PHE A 44 3.68 5.90 12.00
C PHE A 44 5.03 6.05 11.31
N ASN A 45 6.04 5.35 11.83
CA ASN A 45 7.38 5.40 11.26
C ASN A 45 7.51 4.44 10.09
N HIS A 46 8.44 4.74 9.19
CA HIS A 46 8.67 3.89 8.03
C HIS A 46 7.35 3.53 7.35
N CYS A 47 6.50 4.52 7.15
CA CYS A 47 5.20 4.30 6.52
C CYS A 47 4.94 5.34 5.44
N PHE A 48 4.20 4.95 4.40
CA PHE A 48 3.89 5.85 3.30
C PHE A 48 2.39 6.07 3.20
N THR A 49 1.98 6.95 2.30
CA THR A 49 0.57 7.27 2.10
C THR A 49 -0.01 6.50 0.91
N GLY A 50 -1.32 6.57 0.75
CA GLY A 50 -1.98 5.88 -0.33
C GLY A 50 -1.56 6.42 -1.69
N ASN A 51 -1.53 7.73 -1.82
CA ASN A 51 -1.14 8.38 -3.08
C ASN A 51 0.21 7.86 -3.55
N CYS A 52 1.22 8.01 -2.70
CA CYS A 52 2.57 7.57 -3.04
C CYS A 52 2.53 6.26 -3.83
N VAL A 53 1.71 5.32 -3.36
CA VAL A 53 1.57 4.04 -4.02
C VAL A 53 1.19 4.20 -5.49
N ILE A 54 0.10 4.92 -5.73
CA ILE A 54 -0.38 5.16 -7.08
C ILE A 54 0.65 5.90 -7.91
N ASP A 55 0.93 7.14 -7.53
CA ASP A 55 1.91 7.96 -8.24
C ASP A 55 3.17 7.16 -8.54
N TRP A 56 3.77 6.59 -7.50
CA TRP A 56 4.98 5.80 -7.65
C TRP A 56 4.92 4.93 -8.91
N LEU A 57 3.85 4.14 -9.02
CA LEU A 57 3.67 3.28 -10.18
C LEU A 57 3.78 4.07 -11.49
N VAL A 58 3.20 5.26 -11.50
CA VAL A 58 3.23 6.12 -12.68
C VAL A 58 4.65 6.63 -12.93
N SER A 59 5.31 7.07 -11.87
CA SER A 59 6.67 7.59 -11.98
C SER A 59 7.60 6.57 -12.63
N ASN A 60 7.34 5.29 -12.35
CA ASN A 60 8.16 4.22 -12.90
C ASN A 60 7.65 3.79 -14.27
N GLN A 61 6.71 4.56 -14.81
CA GLN A 61 6.13 4.27 -16.10
C GLN A 61 5.43 2.92 -16.10
N SER A 62 4.97 2.50 -14.93
CA SER A 62 4.28 1.23 -14.78
C SER A 62 2.84 1.33 -15.25
N VAL A 63 2.26 2.52 -15.11
CA VAL A 63 0.88 2.76 -15.51
C VAL A 63 0.77 4.01 -16.37
N ARG A 64 -0.39 4.20 -16.99
CA ARG A 64 -0.63 5.35 -17.85
C ARG A 64 -1.05 6.56 -17.02
N ASN A 65 -1.78 6.31 -15.93
CA ASN A 65 -2.24 7.38 -15.06
C ASN A 65 -2.46 6.86 -13.64
N ARG A 66 -2.96 7.73 -12.77
CA ARG A 66 -3.23 7.35 -11.39
C ARG A 66 -4.21 6.19 -11.31
N GLN A 67 -5.41 6.40 -11.85
CA GLN A 67 -6.44 5.37 -11.84
C GLN A 67 -5.86 4.02 -12.25
N GLU A 68 -5.08 4.02 -13.32
CA GLU A 68 -4.47 2.79 -13.83
C GLU A 68 -3.69 2.09 -12.72
N GLY A 69 -3.05 2.87 -11.85
CA GLY A 69 -2.28 2.29 -10.77
C GLY A 69 -3.16 1.81 -9.63
N LEU A 70 -4.42 2.24 -9.63
CA LEU A 70 -5.36 1.85 -8.59
C LEU A 70 -5.48 0.32 -8.51
N MET A 71 -5.58 -0.31 -9.66
CA MET A 71 -5.70 -1.77 -9.72
C MET A 71 -4.44 -2.44 -9.17
N ILE A 72 -3.30 -2.11 -9.77
CA ILE A 72 -2.02 -2.67 -9.34
C ILE A 72 -1.79 -2.43 -7.85
N ALA A 73 -2.11 -1.23 -7.39
CA ALA A 73 -1.93 -0.87 -5.98
C ALA A 73 -2.89 -1.67 -5.09
N SER A 74 -4.17 -1.64 -5.46
CA SER A 74 -5.19 -2.35 -4.68
C SER A 74 -4.79 -3.82 -4.47
N SER A 75 -4.36 -4.46 -5.56
CA SER A 75 -3.95 -5.86 -5.50
C SER A 75 -2.85 -6.07 -4.46
N LEU A 76 -1.74 -5.35 -4.65
CA LEU A 76 -0.61 -5.45 -3.73
C LEU A 76 -1.08 -5.54 -2.29
N LEU A 77 -2.16 -4.82 -1.98
CA LEU A 77 -2.72 -4.82 -0.63
C LEU A 77 -3.55 -6.08 -0.39
N ASN A 78 -4.30 -6.50 -1.39
CA ASN A 78 -5.13 -7.69 -1.29
C ASN A 78 -4.29 -8.92 -1.00
N GLU A 79 -3.19 -9.07 -1.74
CA GLU A 79 -2.30 -10.20 -1.56
C GLU A 79 -1.58 -10.14 -0.21
N GLY A 80 -1.15 -8.93 0.16
CA GLY A 80 -0.45 -8.74 1.41
C GLY A 80 0.80 -7.90 1.27
N TYR A 81 1.19 -7.63 0.03
CA TYR A 81 2.38 -6.83 -0.25
C TYR A 81 2.30 -5.47 0.46
N LEU A 82 1.08 -5.03 0.71
CA LEU A 82 0.86 -3.75 1.38
C LEU A 82 -0.08 -3.91 2.57
N GLN A 83 0.36 -3.43 3.74
CA GLN A 83 -0.45 -3.53 4.95
C GLN A 83 -1.07 -2.18 5.29
N PRO A 84 -2.36 -2.19 5.64
CA PRO A 84 -3.09 -0.97 6.00
C PRO A 84 -2.65 -0.39 7.34
N ALA A 85 -2.61 0.93 7.42
CA ALA A 85 -2.19 1.61 8.64
C ALA A 85 -3.19 2.70 9.03
N GLY A 86 -4.18 2.32 9.85
CA GLY A 86 -5.18 3.27 10.29
C GLY A 86 -6.59 2.82 9.98
N ASP A 87 -7.46 2.85 10.97
CA ASP A 87 -8.84 2.43 10.81
C ASP A 87 -9.35 2.77 9.40
N MET A 88 -9.02 3.98 8.94
CA MET A 88 -9.43 4.43 7.61
C MET A 88 -9.33 3.29 6.60
N SER A 89 -8.10 2.90 6.28
CA SER A 89 -7.86 1.83 5.31
C SER A 89 -8.24 0.48 5.91
N LYS A 90 -7.76 0.21 7.12
CA LYS A 90 -8.05 -1.04 7.80
C LYS A 90 -9.52 -1.44 7.62
N SER A 91 -10.38 -0.45 7.47
CA SER A 91 -11.81 -0.70 7.28
C SER A 91 -12.12 -1.01 5.83
N ALA A 92 -11.37 -0.38 4.92
CA ALA A 92 -11.57 -0.58 3.50
C ALA A 92 -11.12 -1.98 3.08
N VAL A 93 -9.98 -2.42 3.60
CA VAL A 93 -9.44 -3.73 3.29
C VAL A 93 -10.26 -4.84 3.95
N ASP A 94 -11.04 -4.46 4.95
CA ASP A 94 -11.88 -5.42 5.67
C ASP A 94 -13.23 -5.59 4.98
N GLY A 95 -13.90 -4.46 4.71
CA GLY A 95 -15.20 -4.51 4.06
C GLY A 95 -15.11 -5.05 2.64
N THR A 96 -16.18 -5.68 2.18
CA THR A 96 -16.23 -6.25 0.84
C THR A 96 -16.46 -5.16 -0.21
N ALA A 97 -15.41 -4.40 -0.51
CA ALA A 97 -15.51 -3.33 -1.49
C ALA A 97 -14.80 -3.72 -2.79
N GLU A 98 -15.12 -3.01 -3.87
CA GLU A 98 -14.52 -3.27 -5.17
C GLU A 98 -13.01 -3.16 -5.09
N ASN A 99 -12.52 -2.12 -4.43
CA ASN A 99 -11.09 -1.89 -4.28
C ASN A 99 -10.75 -1.53 -2.85
N PRO A 100 -9.85 -2.32 -2.24
CA PRO A 100 -9.40 -2.10 -0.86
C PRO A 100 -8.54 -0.85 -0.72
N PHE A 101 -8.19 -0.24 -1.85
CA PHE A 101 -7.38 0.96 -1.86
C PHE A 101 -8.23 2.21 -1.97
N LEU A 102 -7.80 3.29 -1.34
CA LEU A 102 -8.53 4.55 -1.37
C LEU A 102 -7.71 5.64 -2.06
N ASP A 103 -6.59 5.24 -2.65
CA ASP A 103 -5.71 6.19 -3.34
C ASP A 103 -5.75 7.56 -2.67
N ASN A 104 -5.83 7.55 -1.34
CA ASN A 104 -5.87 8.80 -0.57
C ASN A 104 -4.58 9.01 0.20
N PRO A 105 -4.20 10.27 0.41
CA PRO A 105 -2.99 10.64 1.13
C PRO A 105 -3.08 10.32 2.62
N ASP A 106 -4.31 10.21 3.11
CA ASP A 106 -4.54 9.91 4.52
C ASP A 106 -4.40 8.41 4.79
N ALA A 107 -4.65 7.60 3.76
CA ALA A 107 -4.55 6.15 3.89
C ALA A 107 -3.10 5.70 3.87
N PHE A 108 -2.55 5.43 5.04
CA PHE A 108 -1.16 4.98 5.15
C PHE A 108 -1.03 3.50 4.81
N TYR A 109 0.18 3.08 4.49
CA TYR A 109 0.44 1.69 4.13
C TYR A 109 1.91 1.34 4.33
N TYR A 110 2.16 0.14 4.85
CA TYR A 110 3.52 -0.32 5.09
C TYR A 110 3.71 -1.75 4.61
N PHE A 111 4.91 -2.06 4.14
CA PHE A 111 5.21 -3.41 3.65
C PHE A 111 5.38 -4.38 4.82
N PRO A 112 5.05 -5.66 4.56
CA PRO A 112 5.15 -6.72 5.58
C PRO A 112 6.59 -7.05 5.92
N ASP A 113 7.41 -7.27 4.89
CA ASP A 113 8.81 -7.60 5.07
C ASP A 113 9.53 -6.50 5.83
N SER A 114 9.36 -5.26 5.36
CA SER A 114 10.00 -4.11 5.99
C SER A 114 9.74 -4.09 7.49
N GLY A 115 10.44 -3.21 8.19
CA GLY A 115 10.28 -3.11 9.64
C GLY A 115 9.47 -1.89 10.04
N PHE A 116 8.14 -2.06 10.07
CA PHE A 116 7.26 -0.96 10.45
C PHE A 116 6.96 -0.98 11.94
N PHE A 117 6.66 0.18 12.50
CA PHE A 117 6.36 0.29 13.92
C PHE A 117 5.64 1.60 14.22
N CYS A 118 4.48 1.49 14.88
CA CYS A 118 3.69 2.66 15.23
C CYS A 118 3.84 3.00 16.71
N GLU A 119 4.48 4.12 17.00
CA GLU A 119 4.69 4.56 18.38
C GLU A 119 3.48 5.36 18.88
N GLU A 120 3.01 5.00 20.08
CA GLU A 120 1.87 5.68 20.68
C GLU A 120 2.32 6.80 21.61
N ASN A 121 1.68 7.96 21.50
CA ASN A 121 2.02 9.10 22.33
C ASN A 121 0.81 9.58 23.12
N SER A 122 1.01 9.85 24.41
CA SER A 122 -0.07 10.31 25.28
C SER A 122 0.38 11.50 26.11
N GLY A 123 -0.54 12.44 26.34
CA GLY A 123 -0.23 13.62 27.12
C GLY A 123 -0.30 13.36 28.61
N PRO A 124 0.09 14.38 29.41
CA PRO A 124 0.07 14.27 30.87
C PRO A 124 -1.34 14.24 31.44
N SER A 125 -2.22 15.06 30.88
CA SER A 125 -3.60 15.12 31.33
C SER A 125 -4.11 13.74 31.71
N SER A 126 -4.72 13.63 32.89
CA SER A 126 -5.25 12.37 33.38
C SER A 126 -6.71 12.21 32.98
N GLY A 127 -7.54 13.17 33.39
CA GLY A 127 -8.95 13.12 33.08
C GLY A 127 -9.77 12.53 34.22
N GLY A 1 13.22 -22.82 -11.95
CA GLY A 1 12.04 -22.01 -12.21
C GLY A 1 10.81 -22.85 -12.55
N SER A 2 9.64 -22.24 -12.45
CA SER A 2 8.39 -22.94 -12.74
C SER A 2 7.20 -21.98 -12.66
N SER A 3 6.25 -22.15 -13.57
CA SER A 3 5.07 -21.31 -13.61
C SER A 3 3.94 -21.99 -14.39
N GLY A 4 2.73 -21.92 -13.84
CA GLY A 4 1.59 -22.53 -14.49
C GLY A 4 0.59 -21.51 -14.98
N SER A 5 -0.20 -21.89 -15.99
CA SER A 5 -1.18 -21.00 -16.57
C SER A 5 -2.55 -21.67 -16.62
N SER A 6 -3.57 -20.97 -16.12
CA SER A 6 -4.93 -21.50 -16.10
C SER A 6 -5.91 -20.45 -15.58
N GLY A 7 -7.16 -20.55 -16.03
CA GLY A 7 -8.17 -19.60 -15.61
C GLY A 7 -9.08 -19.17 -16.75
N ARG A 8 -10.16 -18.48 -16.41
CA ARG A 8 -11.11 -18.01 -17.40
C ARG A 8 -10.70 -16.64 -17.94
N SER A 9 -10.74 -15.63 -17.06
CA SER A 9 -10.39 -14.28 -17.45
C SER A 9 -9.21 -13.77 -16.62
N ILE A 10 -8.57 -12.71 -17.11
CA ILE A 10 -7.42 -12.14 -16.40
C ILE A 10 -7.56 -10.62 -16.28
N ARG A 11 -7.72 -10.15 -15.05
CA ARG A 11 -7.87 -8.73 -14.79
C ARG A 11 -6.50 -8.05 -14.71
N LEU A 12 -5.66 -8.51 -13.81
CA LEU A 12 -4.33 -7.95 -13.64
C LEU A 12 -3.50 -8.09 -14.92
N PRO A 13 -2.48 -7.24 -15.06
CA PRO A 13 -1.60 -7.24 -16.23
C PRO A 13 -0.70 -8.47 -16.28
N GLU A 14 -1.07 -9.44 -17.13
CA GLU A 14 -0.30 -10.66 -17.27
C GLU A 14 1.16 -10.36 -17.60
N THR A 15 1.39 -9.20 -18.23
CA THR A 15 2.74 -8.80 -18.60
C THR A 15 3.51 -8.28 -17.39
N ILE A 16 2.91 -8.41 -16.21
CA ILE A 16 3.55 -7.97 -14.98
C ILE A 16 3.35 -8.98 -13.86
N ASP A 17 4.22 -8.95 -12.87
CA ASP A 17 4.14 -9.85 -11.73
C ASP A 17 4.21 -9.09 -10.42
N LEU A 18 3.08 -9.02 -9.72
CA LEU A 18 3.02 -8.32 -8.43
C LEU A 18 4.30 -8.53 -7.63
N GLY A 19 4.70 -9.78 -7.48
CA GLY A 19 5.90 -10.10 -6.73
C GLY A 19 7.07 -9.22 -7.14
N ALA A 20 7.33 -9.15 -8.44
CA ALA A 20 8.44 -8.35 -8.96
C ALA A 20 8.21 -6.87 -8.67
N LEU A 21 6.96 -6.43 -8.74
CA LEU A 21 6.62 -5.04 -8.49
C LEU A 21 6.93 -4.65 -7.04
N TYR A 22 6.43 -5.45 -6.11
CA TYR A 22 6.66 -5.19 -4.69
C TYR A 22 8.14 -5.00 -4.40
N LEU A 23 8.98 -5.72 -5.14
CA LEU A 23 10.42 -5.63 -4.96
C LEU A 23 10.93 -4.25 -5.32
N SER A 24 10.40 -3.69 -6.40
CA SER A 24 10.80 -2.36 -6.86
C SER A 24 10.47 -1.31 -5.81
N MET A 25 9.41 -1.55 -5.05
CA MET A 25 8.99 -0.62 -4.00
C MET A 25 9.88 -0.74 -2.78
N LYS A 26 10.51 -1.90 -2.63
CA LYS A 26 11.40 -2.15 -1.49
C LYS A 26 12.69 -1.34 -1.62
N ASP A 27 13.09 -1.07 -2.85
CA ASP A 27 14.30 -0.30 -3.10
C ASP A 27 14.34 0.97 -2.25
N THR A 28 15.54 1.47 -2.01
CA THR A 28 15.72 2.67 -1.20
C THR A 28 15.59 3.93 -2.05
N GLU A 29 15.98 3.83 -3.31
CA GLU A 29 15.91 4.96 -4.23
C GLU A 29 14.95 4.67 -5.38
N LYS A 30 14.74 3.39 -5.66
CA LYS A 30 13.85 2.97 -6.73
C LYS A 30 12.55 2.40 -6.17
N GLY A 31 12.30 2.65 -4.88
CA GLY A 31 11.10 2.15 -4.25
C GLY A 31 10.30 3.26 -3.59
N ILE A 32 9.27 2.87 -2.84
CA ILE A 32 8.42 3.84 -2.15
C ILE A 32 9.03 4.26 -0.81
N LYS A 33 9.14 5.56 -0.61
CA LYS A 33 9.70 6.09 0.62
C LYS A 33 8.63 6.23 1.70
N GLU A 34 9.01 6.03 2.96
CA GLU A 34 8.08 6.15 4.07
C GLU A 34 8.17 7.52 4.72
N LEU A 35 7.21 7.80 5.61
CA LEU A 35 7.19 9.08 6.32
C LEU A 35 6.60 8.93 7.72
N ASN A 36 7.08 9.74 8.65
CA ASN A 36 6.59 9.70 10.02
C ASN A 36 5.45 10.67 10.23
N LEU A 37 4.28 10.33 9.71
CA LEU A 37 3.10 11.18 9.84
C LEU A 37 2.51 11.08 11.25
N GLU A 38 1.55 11.94 11.53
CA GLU A 38 0.90 11.96 12.85
C GLU A 38 -0.62 12.10 12.70
N LYS A 39 -1.33 11.06 13.10
CA LYS A 39 -2.79 11.06 13.02
C LYS A 39 -3.41 10.68 14.35
N ASP A 40 -4.46 11.39 14.75
CA ASP A 40 -5.14 11.13 16.01
C ASP A 40 -4.14 10.98 17.15
N LYS A 41 -3.16 11.88 17.18
CA LYS A 41 -2.14 11.85 18.22
C LYS A 41 -1.35 10.55 18.18
N LYS A 42 -1.27 9.95 16.99
CA LYS A 42 -0.54 8.70 16.82
C LYS A 42 0.44 8.80 15.64
N ILE A 43 1.72 8.65 15.93
CA ILE A 43 2.75 8.72 14.90
C ILE A 43 2.96 7.36 14.24
N PHE A 44 3.07 7.36 12.92
CA PHE A 44 3.28 6.13 12.17
C PHE A 44 4.60 6.17 11.42
N ASN A 45 5.62 5.52 11.99
CA ASN A 45 6.94 5.48 11.37
C ASN A 45 7.03 4.36 10.34
N HIS A 46 7.77 4.61 9.27
CA HIS A 46 7.93 3.62 8.20
C HIS A 46 6.60 3.36 7.50
N CYS A 47 5.89 4.43 7.18
CA CYS A 47 4.60 4.32 6.50
C CYS A 47 4.47 5.36 5.39
N PHE A 48 4.05 4.91 4.22
CA PHE A 48 3.88 5.80 3.08
C PHE A 48 2.42 6.17 2.87
N THR A 49 2.18 7.28 2.18
CA THR A 49 0.83 7.74 1.92
C THR A 49 0.23 7.04 0.71
N GLY A 50 -1.10 7.04 0.62
CA GLY A 50 -1.77 6.41 -0.50
C GLY A 50 -1.28 6.93 -1.83
N ASN A 51 -1.22 8.25 -1.97
CA ASN A 51 -0.77 8.88 -3.21
C ASN A 51 0.58 8.31 -3.65
N CYS A 52 1.56 8.36 -2.76
CA CYS A 52 2.89 7.84 -3.06
C CYS A 52 2.80 6.54 -3.85
N VAL A 53 2.05 5.58 -3.31
CA VAL A 53 1.88 4.28 -3.96
C VAL A 53 1.45 4.45 -5.41
N ILE A 54 0.31 5.13 -5.61
CA ILE A 54 -0.21 5.36 -6.94
C ILE A 54 0.81 6.06 -7.83
N ASP A 55 1.09 7.32 -7.51
CA ASP A 55 2.05 8.10 -8.28
C ASP A 55 3.30 7.28 -8.59
N TRP A 56 3.90 6.71 -7.54
CA TRP A 56 5.10 5.88 -7.71
C TRP A 56 4.99 4.99 -8.93
N LEU A 57 3.85 4.34 -9.09
CA LEU A 57 3.62 3.45 -10.23
C LEU A 57 3.69 4.22 -11.54
N VAL A 58 3.08 5.41 -11.56
CA VAL A 58 3.07 6.24 -12.75
C VAL A 58 4.47 6.72 -13.09
N SER A 59 5.18 7.23 -12.09
CA SER A 59 6.53 7.73 -12.28
C SER A 59 7.47 6.61 -12.73
N ASN A 60 7.16 5.39 -12.32
CA ASN A 60 7.96 4.24 -12.68
C ASN A 60 7.56 3.69 -14.05
N GLN A 61 6.72 4.45 -14.75
CA GLN A 61 6.25 4.04 -16.07
C GLN A 61 5.57 2.68 -16.02
N SER A 62 4.96 2.38 -14.87
CA SER A 62 4.28 1.10 -14.69
C SER A 62 2.82 1.21 -15.12
N VAL A 63 2.24 2.39 -14.95
CA VAL A 63 0.84 2.62 -15.32
C VAL A 63 0.72 3.82 -16.26
N ARG A 64 -0.43 3.93 -16.92
CA ARG A 64 -0.67 5.03 -17.84
C ARG A 64 -1.06 6.30 -17.09
N ASN A 65 -1.73 6.12 -15.95
CA ASN A 65 -2.16 7.26 -15.14
C ASN A 65 -2.43 6.81 -13.71
N ARG A 66 -2.93 7.75 -12.89
CA ARG A 66 -3.23 7.46 -11.50
C ARG A 66 -4.21 6.29 -11.38
N GLN A 67 -5.38 6.45 -11.98
CA GLN A 67 -6.41 5.41 -11.95
C GLN A 67 -5.80 4.04 -12.23
N GLU A 68 -5.02 3.96 -13.30
CA GLU A 68 -4.38 2.70 -13.68
C GLU A 68 -3.61 2.11 -12.51
N GLY A 69 -2.99 2.97 -11.71
CA GLY A 69 -2.23 2.52 -10.56
C GLY A 69 -3.12 2.10 -9.41
N LEU A 70 -4.39 2.48 -9.46
CA LEU A 70 -5.34 2.14 -8.42
C LEU A 70 -5.45 0.63 -8.26
N MET A 71 -5.76 -0.06 -9.36
CA MET A 71 -5.90 -1.51 -9.35
C MET A 71 -4.63 -2.17 -8.83
N ILE A 72 -3.52 -1.90 -9.49
CA ILE A 72 -2.22 -2.46 -9.09
C ILE A 72 -1.98 -2.27 -7.60
N ALA A 73 -2.40 -1.12 -7.08
CA ALA A 73 -2.22 -0.81 -5.66
C ALA A 73 -3.19 -1.63 -4.81
N SER A 74 -4.37 -1.89 -5.35
CA SER A 74 -5.39 -2.65 -4.64
C SER A 74 -5.00 -4.12 -4.52
N SER A 75 -4.48 -4.67 -5.61
CA SER A 75 -4.07 -6.07 -5.64
C SER A 75 -2.95 -6.33 -4.63
N LEU A 76 -2.00 -5.39 -4.54
CA LEU A 76 -0.89 -5.51 -3.61
C LEU A 76 -1.39 -5.79 -2.20
N LEU A 77 -2.53 -5.21 -1.85
CA LEU A 77 -3.11 -5.41 -0.52
C LEU A 77 -3.80 -6.77 -0.43
N ASN A 78 -4.31 -7.25 -1.55
CA ASN A 78 -5.01 -8.53 -1.60
C ASN A 78 -4.03 -9.68 -1.36
N GLU A 79 -2.82 -9.54 -1.89
CA GLU A 79 -1.80 -10.56 -1.72
C GLU A 79 -1.11 -10.45 -0.37
N GLY A 80 -0.90 -9.21 0.08
CA GLY A 80 -0.26 -8.98 1.36
C GLY A 80 0.95 -8.09 1.24
N TYR A 81 1.40 -7.85 0.02
CA TYR A 81 2.57 -7.00 -0.22
C TYR A 81 2.47 -5.71 0.57
N LEU A 82 1.25 -5.18 0.69
CA LEU A 82 1.02 -3.95 1.42
C LEU A 82 0.02 -4.16 2.55
N GLN A 83 0.23 -3.44 3.65
CA GLN A 83 -0.66 -3.56 4.81
C GLN A 83 -1.25 -2.19 5.17
N PRO A 84 -2.56 -2.18 5.50
CA PRO A 84 -3.26 -0.95 5.87
C PRO A 84 -2.82 -0.42 7.23
N ALA A 85 -2.77 0.90 7.35
CA ALA A 85 -2.37 1.54 8.60
C ALA A 85 -3.31 2.68 8.96
N GLY A 86 -4.19 2.43 9.93
CA GLY A 86 -5.12 3.44 10.37
C GLY A 86 -6.55 3.10 9.98
N ASP A 87 -7.51 3.72 10.66
CA ASP A 87 -8.92 3.48 10.39
C ASP A 87 -9.27 3.88 8.95
N MET A 88 -8.58 4.88 8.43
CA MET A 88 -8.82 5.34 7.07
C MET A 88 -8.91 4.17 6.11
N SER A 89 -7.83 3.40 5.99
CA SER A 89 -7.80 2.26 5.09
C SER A 89 -8.48 1.05 5.73
N LYS A 90 -8.08 0.74 6.96
CA LYS A 90 -8.65 -0.40 7.68
C LYS A 90 -10.13 -0.56 7.37
N SER A 91 -10.79 0.55 7.10
CA SER A 91 -12.22 0.53 6.78
C SER A 91 -12.45 0.09 5.34
N ALA A 92 -11.70 0.70 4.41
CA ALA A 92 -11.82 0.36 3.00
C ALA A 92 -11.55 -1.11 2.76
N VAL A 93 -10.53 -1.64 3.44
CA VAL A 93 -10.16 -3.04 3.30
C VAL A 93 -11.27 -3.96 3.80
N ASP A 94 -12.22 -3.38 4.52
CA ASP A 94 -13.35 -4.14 5.05
C ASP A 94 -14.10 -4.86 3.94
N GLY A 95 -14.29 -4.17 2.82
CA GLY A 95 -15.00 -4.76 1.69
C GLY A 95 -16.05 -3.83 1.13
N THR A 96 -16.70 -3.06 1.99
CA THR A 96 -17.73 -2.12 1.57
C THR A 96 -17.28 -1.32 0.36
N ALA A 97 -15.97 -1.23 0.16
CA ALA A 97 -15.41 -0.50 -0.97
C ALA A 97 -14.81 -1.44 -2.00
N GLU A 98 -15.38 -1.42 -3.21
CA GLU A 98 -14.91 -2.28 -4.29
C GLU A 98 -13.39 -2.42 -4.24
N ASN A 99 -12.70 -1.34 -3.87
CA ASN A 99 -11.26 -1.34 -3.79
C ASN A 99 -10.79 -1.07 -2.36
N PRO A 100 -10.05 -2.03 -1.79
CA PRO A 100 -9.53 -1.91 -0.42
C PRO A 100 -8.43 -0.86 -0.31
N PHE A 101 -8.09 -0.23 -1.43
CA PHE A 101 -7.06 0.79 -1.46
C PHE A 101 -7.67 2.18 -1.61
N LEU A 102 -6.88 3.20 -1.32
CA LEU A 102 -7.34 4.58 -1.43
C LEU A 102 -6.25 5.48 -2.00
N ASP A 103 -6.54 6.11 -3.13
CA ASP A 103 -5.59 6.99 -3.78
C ASP A 103 -5.54 8.35 -3.08
N ASN A 104 -5.57 8.33 -1.75
CA ASN A 104 -5.53 9.55 -0.97
C ASN A 104 -4.18 9.70 -0.26
N PRO A 105 -3.70 10.95 -0.17
CA PRO A 105 -2.43 11.26 0.48
C PRO A 105 -2.48 11.07 1.99
N ASP A 106 -3.67 10.77 2.51
CA ASP A 106 -3.85 10.55 3.93
C ASP A 106 -3.68 9.08 4.29
N ALA A 107 -4.27 8.20 3.48
CA ALA A 107 -4.17 6.77 3.71
C ALA A 107 -2.71 6.33 3.83
N PHE A 108 -2.37 5.75 4.97
CA PHE A 108 -1.01 5.29 5.21
C PHE A 108 -0.88 3.79 4.93
N TYR A 109 0.29 3.37 4.47
CA TYR A 109 0.53 1.97 4.16
C TYR A 109 1.95 1.56 4.55
N TYR A 110 2.15 0.27 4.76
CA TYR A 110 3.45 -0.25 5.14
C TYR A 110 3.66 -1.66 4.59
N PHE A 111 4.92 -2.02 4.36
CA PHE A 111 5.25 -3.33 3.83
C PHE A 111 5.42 -4.35 4.95
N PRO A 112 5.10 -5.61 4.67
CA PRO A 112 5.19 -6.70 5.64
C PRO A 112 6.64 -7.05 5.97
N ASP A 113 7.57 -6.53 5.19
CA ASP A 113 8.99 -6.77 5.41
C ASP A 113 9.59 -5.72 6.33
N SER A 114 9.17 -4.47 6.17
CA SER A 114 9.67 -3.38 6.99
C SER A 114 9.21 -3.53 8.44
N GLY A 115 9.94 -2.92 9.35
CA GLY A 115 9.60 -3.00 10.76
C GLY A 115 8.78 -1.80 11.23
N PHE A 116 7.51 -1.77 10.84
CA PHE A 116 6.62 -0.69 11.22
C PHE A 116 6.24 -0.78 12.69
N PHE A 117 6.00 0.36 13.31
CA PHE A 117 5.62 0.41 14.73
C PHE A 117 4.78 1.64 15.02
N CYS A 118 3.57 1.42 15.54
CA CYS A 118 2.66 2.51 15.87
C CYS A 118 2.93 3.03 17.28
N GLU A 119 2.71 4.33 17.47
CA GLU A 119 2.93 4.95 18.77
C GLU A 119 1.87 6.02 19.05
N GLU A 120 1.57 6.23 20.33
CA GLU A 120 0.58 7.23 20.72
C GLU A 120 1.26 8.51 21.20
N ASN A 121 1.60 9.38 20.26
CA ASN A 121 2.26 10.65 20.59
C ASN A 121 1.74 11.18 21.92
N SER A 122 2.67 11.69 22.74
CA SER A 122 2.31 12.24 24.05
C SER A 122 1.08 13.13 23.94
N GLY A 123 0.47 13.42 25.08
CA GLY A 123 -0.72 14.26 25.10
C GLY A 123 -1.08 14.72 26.50
N PRO A 124 -2.20 15.44 26.61
CA PRO A 124 -2.69 15.95 27.90
C PRO A 124 -3.19 14.84 28.81
N SER A 125 -3.10 13.60 28.34
CA SER A 125 -3.56 12.46 29.12
C SER A 125 -3.31 12.68 30.61
N SER A 126 -4.38 12.64 31.39
CA SER A 126 -4.28 12.84 32.83
C SER A 126 -3.83 11.55 33.52
N GLY A 127 -3.30 11.69 34.73
CA GLY A 127 -2.83 10.55 35.49
C GLY A 127 -1.53 9.99 34.93
N GLY A 1 9.35 -27.26 -4.91
CA GLY A 1 8.52 -27.25 -6.10
C GLY A 1 7.04 -27.28 -5.78
N SER A 2 6.27 -26.41 -6.42
CA SER A 2 4.84 -26.34 -6.19
C SER A 2 4.18 -25.34 -7.14
N SER A 3 3.19 -25.81 -7.89
CA SER A 3 2.48 -24.95 -8.84
C SER A 3 0.97 -25.05 -8.64
N GLY A 4 0.24 -24.20 -9.34
CA GLY A 4 -1.21 -24.20 -9.23
C GLY A 4 -1.82 -22.85 -9.53
N SER A 5 -3.03 -22.85 -10.11
CA SER A 5 -3.72 -21.62 -10.44
C SER A 5 -5.18 -21.89 -10.76
N SER A 6 -6.00 -20.83 -10.72
CA SER A 6 -7.42 -20.95 -11.00
C SER A 6 -8.02 -19.60 -11.36
N GLY A 7 -9.32 -19.59 -11.64
CA GLY A 7 -9.99 -18.35 -12.00
C GLY A 7 -10.49 -18.36 -13.42
N ARG A 8 -11.19 -17.29 -13.81
CA ARG A 8 -11.75 -17.19 -15.16
C ARG A 8 -11.20 -15.95 -15.86
N SER A 9 -11.57 -14.78 -15.36
CA SER A 9 -11.12 -13.52 -15.95
C SER A 9 -9.75 -13.12 -15.40
N ILE A 10 -9.14 -12.11 -16.02
CA ILE A 10 -7.83 -11.64 -15.60
C ILE A 10 -7.84 -10.12 -15.39
N ARG A 11 -7.90 -9.69 -14.14
CA ARG A 11 -7.91 -8.27 -13.81
C ARG A 11 -6.51 -7.69 -13.90
N LEU A 12 -5.57 -8.33 -13.21
CA LEU A 12 -4.18 -7.87 -13.21
C LEU A 12 -3.51 -8.14 -14.56
N PRO A 13 -2.45 -7.37 -14.86
CA PRO A 13 -1.70 -7.50 -16.10
C PRO A 13 -0.91 -8.81 -16.16
N GLU A 14 -1.45 -9.80 -16.87
CA GLU A 14 -0.78 -11.09 -17.00
C GLU A 14 0.67 -10.92 -17.45
N THR A 15 0.93 -9.80 -18.13
CA THR A 15 2.27 -9.52 -18.62
C THR A 15 3.18 -9.00 -17.51
N ILE A 16 2.70 -9.10 -16.27
CA ILE A 16 3.46 -8.65 -15.12
C ILE A 16 3.24 -9.57 -13.92
N ASP A 17 4.19 -9.55 -12.99
CA ASP A 17 4.10 -10.38 -11.80
C ASP A 17 4.15 -9.52 -10.53
N LEU A 18 3.01 -9.42 -9.86
CA LEU A 18 2.91 -8.63 -8.64
C LEU A 18 4.15 -8.82 -7.76
N GLY A 19 4.50 -10.08 -7.52
CA GLY A 19 5.66 -10.38 -6.71
C GLY A 19 6.87 -9.55 -7.09
N ALA A 20 7.18 -9.52 -8.39
CA ALA A 20 8.31 -8.76 -8.89
C ALA A 20 8.12 -7.26 -8.66
N LEU A 21 6.88 -6.81 -8.78
CA LEU A 21 6.56 -5.40 -8.59
C LEU A 21 6.84 -4.97 -7.14
N TYR A 22 6.28 -5.72 -6.20
CA TYR A 22 6.45 -5.42 -4.78
C TYR A 22 7.93 -5.25 -4.45
N LEU A 23 8.77 -6.02 -5.12
CA LEU A 23 10.22 -5.96 -4.90
C LEU A 23 10.76 -4.59 -5.26
N SER A 24 10.28 -4.05 -6.38
CA SER A 24 10.73 -2.74 -6.84
C SER A 24 10.41 -1.65 -5.82
N MET A 25 9.33 -1.86 -5.07
CA MET A 25 8.91 -0.91 -4.05
C MET A 25 9.76 -1.05 -2.79
N LYS A 26 10.40 -2.20 -2.63
CA LYS A 26 11.25 -2.45 -1.48
C LYS A 26 12.59 -1.73 -1.61
N ASP A 27 12.94 -1.38 -2.84
CA ASP A 27 14.19 -0.68 -3.11
C ASP A 27 14.25 0.63 -2.34
N THR A 28 15.47 1.04 -2.00
CA THR A 28 15.67 2.29 -1.25
C THR A 28 15.64 3.50 -2.18
N GLU A 29 16.16 3.33 -3.38
CA GLU A 29 16.18 4.40 -4.37
C GLU A 29 15.20 4.14 -5.50
N LYS A 30 14.85 2.86 -5.69
CA LYS A 30 13.92 2.47 -6.74
C LYS A 30 12.59 2.02 -6.14
N GLY A 31 12.42 2.25 -4.84
CA GLY A 31 11.19 1.87 -4.18
C GLY A 31 10.39 3.06 -3.69
N ILE A 32 9.24 2.80 -3.09
CA ILE A 32 8.38 3.86 -2.58
C ILE A 32 9.02 4.55 -1.38
N LYS A 33 8.78 5.85 -1.25
CA LYS A 33 9.33 6.63 -0.14
C LYS A 33 8.74 6.15 1.19
N GLU A 34 9.56 6.16 2.23
CA GLU A 34 9.13 5.73 3.56
C GLU A 34 9.18 6.89 4.54
N LEU A 35 8.18 6.98 5.41
CA LEU A 35 8.11 8.03 6.40
C LEU A 35 7.35 7.57 7.65
N ASN A 36 7.36 8.40 8.69
CA ASN A 36 6.68 8.07 9.93
C ASN A 36 5.72 9.18 10.32
N LEU A 37 4.45 9.01 9.97
CA LEU A 37 3.42 10.00 10.28
C LEU A 37 2.65 9.60 11.54
N GLU A 38 2.00 10.57 12.17
CA GLU A 38 1.21 10.32 13.37
C GLU A 38 -0.26 10.63 13.15
N LYS A 39 -1.11 9.64 13.41
CA LYS A 39 -2.55 9.80 13.23
C LYS A 39 -3.32 8.94 14.22
N ASP A 40 -4.40 9.49 14.77
CA ASP A 40 -5.22 8.77 15.74
C ASP A 40 -4.41 8.41 16.98
N LYS A 41 -3.69 9.39 17.51
CA LYS A 41 -2.87 9.17 18.70
C LYS A 41 -1.92 7.99 18.50
N LYS A 42 -1.44 7.84 17.28
CA LYS A 42 -0.51 6.75 16.96
C LYS A 42 0.46 7.18 15.87
N ILE A 43 1.60 6.49 15.80
CA ILE A 43 2.62 6.80 14.80
C ILE A 43 3.01 5.56 14.01
N PHE A 44 2.81 5.63 12.69
CA PHE A 44 3.14 4.50 11.82
C PHE A 44 4.48 4.72 11.14
N ASN A 45 5.48 3.94 11.54
CA ASN A 45 6.81 4.05 10.96
C ASN A 45 6.90 3.28 9.65
N HIS A 46 7.92 3.60 8.85
CA HIS A 46 8.13 2.94 7.57
C HIS A 46 6.81 2.83 6.80
N CYS A 47 6.00 3.88 6.89
CA CYS A 47 4.71 3.91 6.20
C CYS A 47 4.72 4.95 5.09
N PHE A 48 3.82 4.78 4.12
CA PHE A 48 3.72 5.70 3.01
C PHE A 48 2.26 5.99 2.66
N THR A 49 1.93 7.28 2.52
CA THR A 49 0.57 7.69 2.20
C THR A 49 0.05 6.94 0.97
N GLY A 50 -1.25 7.07 0.72
CA GLY A 50 -1.85 6.41 -0.43
C GLY A 50 -1.36 6.99 -1.75
N ASN A 51 -1.53 8.29 -1.93
CA ASN A 51 -1.10 8.96 -3.15
C ASN A 51 0.29 8.52 -3.55
N CYS A 52 1.23 8.63 -2.63
CA CYS A 52 2.62 8.23 -2.89
C CYS A 52 2.68 6.94 -3.68
N VAL A 53 1.95 5.93 -3.21
CA VAL A 53 1.91 4.63 -3.86
C VAL A 53 1.54 4.77 -5.33
N ILE A 54 0.26 5.03 -5.59
CA ILE A 54 -0.22 5.19 -6.96
C ILE A 54 0.81 5.87 -7.83
N ASP A 55 1.20 7.09 -7.45
CA ASP A 55 2.18 7.85 -8.20
C ASP A 55 3.41 7.00 -8.50
N TRP A 56 4.05 6.48 -7.46
CA TRP A 56 5.23 5.65 -7.61
C TRP A 56 5.11 4.76 -8.84
N LEU A 57 3.93 4.16 -9.01
CA LEU A 57 3.69 3.27 -10.15
C LEU A 57 3.71 4.05 -11.46
N VAL A 58 3.11 5.24 -11.44
CA VAL A 58 3.06 6.09 -12.63
C VAL A 58 4.45 6.57 -13.03
N SER A 59 5.13 7.22 -12.09
CA SER A 59 6.47 7.73 -12.35
C SER A 59 7.41 6.62 -12.78
N ASN A 60 7.14 5.41 -12.29
CA ASN A 60 7.96 4.24 -12.63
C ASN A 60 7.58 3.69 -14.00
N GLN A 61 6.70 4.40 -14.70
CA GLN A 61 6.25 3.98 -16.03
C GLN A 61 5.58 2.61 -15.96
N SER A 62 4.89 2.35 -14.85
CA SER A 62 4.20 1.08 -14.66
C SER A 62 2.76 1.17 -15.15
N VAL A 63 2.23 2.40 -15.19
CA VAL A 63 0.86 2.61 -15.64
C VAL A 63 0.76 3.88 -16.49
N ARG A 64 -0.45 4.18 -16.94
CA ARG A 64 -0.68 5.36 -17.77
C ARG A 64 -1.06 6.56 -16.90
N ASN A 65 -1.84 6.31 -15.85
CA ASN A 65 -2.27 7.36 -14.95
C ASN A 65 -2.53 6.82 -13.54
N ARG A 66 -3.02 7.67 -12.65
CA ARG A 66 -3.31 7.27 -11.29
C ARG A 66 -4.29 6.10 -11.26
N GLN A 67 -5.51 6.34 -11.74
CA GLN A 67 -6.53 5.30 -11.78
C GLN A 67 -5.94 3.97 -12.20
N GLU A 68 -5.12 4.00 -13.25
CA GLU A 68 -4.48 2.78 -13.77
C GLU A 68 -3.70 2.07 -12.67
N GLY A 69 -3.04 2.85 -11.82
CA GLY A 69 -2.26 2.28 -10.74
C GLY A 69 -3.12 1.80 -9.60
N LEU A 70 -4.37 2.24 -9.58
CA LEU A 70 -5.30 1.84 -8.53
C LEU A 70 -5.43 0.33 -8.46
N MET A 71 -5.56 -0.30 -9.63
CA MET A 71 -5.69 -1.76 -9.69
C MET A 71 -4.43 -2.44 -9.14
N ILE A 72 -3.28 -2.08 -9.68
CA ILE A 72 -2.01 -2.66 -9.25
C ILE A 72 -1.80 -2.45 -7.75
N ALA A 73 -2.10 -1.24 -7.28
CA ALA A 73 -1.94 -0.91 -5.87
C ALA A 73 -2.89 -1.73 -5.00
N SER A 74 -4.17 -1.76 -5.39
CA SER A 74 -5.18 -2.50 -4.65
C SER A 74 -4.77 -3.96 -4.50
N SER A 75 -4.40 -4.58 -5.61
CA SER A 75 -3.99 -5.99 -5.61
C SER A 75 -2.86 -6.21 -4.61
N LEU A 76 -1.78 -5.46 -4.77
CA LEU A 76 -0.62 -5.58 -3.89
C LEU A 76 -1.06 -5.70 -2.43
N LEU A 77 -2.13 -5.00 -2.09
CA LEU A 77 -2.65 -5.04 -0.72
C LEU A 77 -3.48 -6.30 -0.48
N ASN A 78 -4.24 -6.70 -1.50
CA ASN A 78 -5.07 -7.90 -1.40
C ASN A 78 -4.22 -9.13 -1.12
N GLU A 79 -3.09 -9.23 -1.80
CA GLU A 79 -2.19 -10.37 -1.63
C GLU A 79 -1.49 -10.29 -0.27
N GLY A 80 -1.11 -9.07 0.12
CA GLY A 80 -0.42 -8.89 1.39
C GLY A 80 0.80 -8.00 1.26
N TYR A 81 1.29 -7.84 0.03
CA TYR A 81 2.46 -7.01 -0.22
C TYR A 81 2.34 -5.66 0.50
N LEU A 82 1.11 -5.23 0.72
CA LEU A 82 0.86 -3.96 1.39
C LEU A 82 -0.14 -4.13 2.53
N GLN A 83 0.08 -3.44 3.64
CA GLN A 83 -0.80 -3.52 4.79
C GLN A 83 -1.29 -2.14 5.20
N PRO A 84 -2.57 -2.06 5.58
CA PRO A 84 -3.20 -0.79 6.00
C PRO A 84 -2.66 -0.30 7.34
N ALA A 85 -2.47 1.02 7.44
CA ALA A 85 -1.96 1.61 8.67
C ALA A 85 -2.87 2.75 9.15
N GLY A 86 -4.18 2.50 9.14
CA GLY A 86 -5.13 3.50 9.58
C GLY A 86 -6.57 3.05 9.41
N ASP A 87 -7.41 3.35 10.38
CA ASP A 87 -8.81 2.98 10.33
C ASP A 87 -9.39 3.22 8.93
N MET A 88 -9.12 4.40 8.39
CA MET A 88 -9.62 4.76 7.06
C MET A 88 -9.50 3.57 6.10
N SER A 89 -8.27 3.08 5.93
CA SER A 89 -8.03 1.95 5.04
C SER A 89 -8.61 0.65 5.62
N LYS A 90 -8.26 0.38 6.88
CA LYS A 90 -8.75 -0.82 7.56
C LYS A 90 -10.22 -1.06 7.24
N SER A 91 -10.95 0.01 6.93
CA SER A 91 -12.37 -0.09 6.61
C SER A 91 -12.57 -0.55 5.18
N ALA A 92 -11.75 -0.02 4.27
CA ALA A 92 -11.84 -0.38 2.86
C ALA A 92 -11.43 -1.83 2.64
N VAL A 93 -10.27 -2.20 3.17
CA VAL A 93 -9.77 -3.56 3.02
C VAL A 93 -10.72 -4.58 3.66
N ASP A 94 -11.49 -4.11 4.64
CA ASP A 94 -12.45 -4.97 5.33
C ASP A 94 -13.08 -5.97 4.37
N GLY A 95 -13.87 -5.47 3.42
CA GLY A 95 -14.52 -6.33 2.46
C GLY A 95 -15.51 -5.58 1.59
N THR A 96 -16.40 -4.82 2.23
CA THR A 96 -17.40 -4.06 1.50
C THR A 96 -16.78 -2.88 0.75
N ALA A 97 -16.00 -3.21 -0.27
CA ALA A 97 -15.35 -2.18 -1.08
C ALA A 97 -14.65 -2.79 -2.29
N GLU A 98 -15.21 -2.56 -3.47
CA GLU A 98 -14.65 -3.09 -4.70
C GLU A 98 -13.12 -3.10 -4.65
N ASN A 99 -12.54 -1.97 -4.27
CA ASN A 99 -11.10 -1.84 -4.17
C ASN A 99 -10.68 -1.48 -2.75
N PRO A 100 -9.75 -2.28 -2.18
CA PRO A 100 -9.24 -2.07 -0.82
C PRO A 100 -8.38 -0.81 -0.72
N PHE A 101 -7.96 -0.30 -1.87
CA PHE A 101 -7.13 0.90 -1.90
C PHE A 101 -7.98 2.16 -2.02
N LEU A 102 -7.73 3.12 -1.15
CA LEU A 102 -8.47 4.38 -1.17
C LEU A 102 -7.72 5.46 -1.94
N ASP A 103 -6.54 5.09 -2.46
CA ASP A 103 -5.73 6.03 -3.23
C ASP A 103 -5.88 7.45 -2.70
N ASN A 104 -5.71 7.61 -1.39
CA ASN A 104 -5.83 8.93 -0.76
C ASN A 104 -4.62 9.21 0.12
N PRO A 105 -4.33 10.51 0.30
CA PRO A 105 -3.19 10.95 1.14
C PRO A 105 -3.43 10.69 2.61
N ASP A 106 -4.70 10.64 3.01
CA ASP A 106 -5.05 10.40 4.40
C ASP A 106 -4.82 8.94 4.78
N ALA A 107 -4.75 8.08 3.78
CA ALA A 107 -4.52 6.66 4.00
C ALA A 107 -3.03 6.33 4.00
N PHE A 108 -2.61 5.52 4.96
CA PHE A 108 -1.20 5.13 5.06
C PHE A 108 -1.06 3.62 4.93
N TYR A 109 0.07 3.19 4.36
CA TYR A 109 0.33 1.77 4.16
C TYR A 109 1.79 1.45 4.44
N TYR A 110 2.10 0.16 4.55
CA TYR A 110 3.47 -0.28 4.81
C TYR A 110 3.67 -1.71 4.37
N PHE A 111 4.94 -2.11 4.19
CA PHE A 111 5.26 -3.47 3.77
C PHE A 111 5.48 -4.37 4.97
N PRO A 112 5.09 -5.65 4.84
CA PRO A 112 5.23 -6.64 5.90
C PRO A 112 6.69 -7.01 6.15
N ASP A 113 7.41 -7.35 5.09
CA ASP A 113 8.81 -7.73 5.20
C ASP A 113 9.65 -6.56 5.73
N SER A 114 9.34 -5.36 5.24
CA SER A 114 10.06 -4.17 5.65
C SER A 114 10.24 -4.13 7.17
N GLY A 115 9.17 -4.48 7.89
CA GLY A 115 9.22 -4.49 9.33
C GLY A 115 8.51 -3.29 9.94
N PHE A 116 7.19 -3.28 9.85
CA PHE A 116 6.40 -2.17 10.39
C PHE A 116 6.12 -2.38 11.88
N PHE A 117 6.19 -1.30 12.64
CA PHE A 117 5.96 -1.37 14.07
C PHE A 117 5.19 -0.13 14.56
N CYS A 118 3.98 -0.35 15.05
CA CYS A 118 3.14 0.74 15.55
C CYS A 118 3.60 1.19 16.92
N GLU A 119 3.20 2.40 17.31
CA GLU A 119 3.57 2.96 18.60
C GLU A 119 2.55 4.00 19.06
N GLU A 120 1.75 3.63 20.06
CA GLU A 120 0.72 4.53 20.59
C GLU A 120 1.37 5.72 21.29
N ASN A 121 1.24 6.90 20.68
CA ASN A 121 1.81 8.12 21.23
C ASN A 121 1.37 8.31 22.69
N SER A 122 2.33 8.44 23.59
CA SER A 122 2.05 8.63 25.01
C SER A 122 3.22 9.29 25.72
N GLY A 123 2.91 10.20 26.63
CA GLY A 123 3.96 10.89 27.37
C GLY A 123 3.41 11.71 28.52
N PRO A 124 4.30 12.14 29.42
CA PRO A 124 3.91 12.94 30.59
C PRO A 124 3.47 14.35 30.21
N SER A 125 2.35 14.79 30.78
CA SER A 125 1.81 16.11 30.50
C SER A 125 2.65 17.19 31.17
N SER A 126 2.63 18.39 30.60
CA SER A 126 3.39 19.50 31.14
C SER A 126 2.47 20.49 31.87
N GLY A 127 1.48 21.00 31.15
CA GLY A 127 0.55 21.94 31.74
C GLY A 127 -0.62 21.25 32.41
N GLY A 1 1.44 -30.00 -5.27
CA GLY A 1 0.02 -30.34 -5.23
C GLY A 1 -0.52 -30.72 -6.58
N SER A 2 -1.44 -31.69 -6.60
CA SER A 2 -2.03 -32.15 -7.85
C SER A 2 -2.76 -31.01 -8.56
N SER A 3 -2.57 -30.94 -9.87
CA SER A 3 -3.20 -29.89 -10.67
C SER A 3 -4.68 -29.74 -10.31
N GLY A 4 -5.19 -28.53 -10.44
CA GLY A 4 -6.59 -28.26 -10.12
C GLY A 4 -6.99 -26.84 -10.41
N SER A 5 -7.67 -26.63 -11.54
CA SER A 5 -8.11 -25.30 -11.92
C SER A 5 -9.64 -25.22 -11.98
N SER A 6 -10.22 -24.57 -10.99
CA SER A 6 -11.68 -24.43 -10.91
C SER A 6 -12.18 -23.47 -11.98
N GLY A 7 -11.79 -22.21 -11.87
CA GLY A 7 -12.22 -21.21 -12.84
C GLY A 7 -12.36 -19.83 -12.23
N ARG A 8 -11.69 -18.85 -12.83
CA ARG A 8 -11.74 -17.48 -12.33
C ARG A 8 -11.08 -16.52 -13.32
N SER A 9 -11.86 -15.57 -13.82
CA SER A 9 -11.37 -14.60 -14.78
C SER A 9 -10.08 -13.95 -14.28
N ILE A 10 -9.54 -13.02 -15.08
CA ILE A 10 -8.31 -12.34 -14.71
C ILE A 10 -8.46 -10.83 -14.88
N ARG A 11 -8.19 -10.09 -13.80
CA ARG A 11 -8.29 -8.63 -13.83
C ARG A 11 -6.91 -8.00 -13.92
N LEU A 12 -5.96 -8.55 -13.17
CA LEU A 12 -4.60 -8.03 -13.17
C LEU A 12 -3.90 -8.31 -14.50
N PRO A 13 -2.86 -7.52 -14.81
CA PRO A 13 -2.09 -7.66 -16.05
C PRO A 13 -1.26 -8.94 -16.06
N GLU A 14 -1.75 -9.95 -16.76
CA GLU A 14 -1.04 -11.23 -16.86
C GLU A 14 0.39 -11.02 -17.34
N THR A 15 0.61 -9.94 -18.07
CA THR A 15 1.93 -9.63 -18.60
C THR A 15 2.83 -9.06 -17.51
N ILE A 16 2.34 -9.07 -16.28
CA ILE A 16 3.11 -8.56 -15.15
C ILE A 16 2.96 -9.46 -13.92
N ASP A 17 3.94 -9.40 -13.04
CA ASP A 17 3.93 -10.22 -11.83
C ASP A 17 4.00 -9.33 -10.58
N LEU A 18 2.96 -9.41 -9.76
CA LEU A 18 2.91 -8.61 -8.52
C LEU A 18 4.17 -8.80 -7.71
N GLY A 19 4.56 -10.06 -7.50
CA GLY A 19 5.76 -10.36 -6.73
C GLY A 19 6.94 -9.51 -7.15
N ALA A 20 7.22 -9.49 -8.45
CA ALA A 20 8.33 -8.71 -8.98
C ALA A 20 8.13 -7.21 -8.74
N LEU A 21 6.88 -6.77 -8.85
CA LEU A 21 6.55 -5.36 -8.64
C LEU A 21 6.84 -4.95 -7.20
N TYR A 22 6.31 -5.70 -6.25
CA TYR A 22 6.52 -5.40 -4.84
C TYR A 22 8.00 -5.21 -4.53
N LEU A 23 8.85 -5.96 -5.23
CA LEU A 23 10.29 -5.88 -5.03
C LEU A 23 10.81 -4.50 -5.42
N SER A 24 10.29 -3.97 -6.52
CA SER A 24 10.71 -2.65 -7.00
C SER A 24 10.36 -1.57 -5.99
N MET A 25 9.34 -1.83 -5.17
CA MET A 25 8.92 -0.88 -4.15
C MET A 25 9.77 -1.01 -2.89
N LYS A 26 10.45 -2.15 -2.75
CA LYS A 26 11.30 -2.39 -1.60
C LYS A 26 12.61 -1.61 -1.71
N ASP A 27 12.99 -1.28 -2.94
CA ASP A 27 14.22 -0.53 -3.20
C ASP A 27 14.22 0.77 -2.41
N THR A 28 15.43 1.26 -2.08
CA THR A 28 15.57 2.49 -1.33
C THR A 28 15.52 3.70 -2.26
N GLU A 29 16.04 3.53 -3.47
CA GLU A 29 16.05 4.62 -4.45
C GLU A 29 15.07 4.33 -5.58
N LYS A 30 14.76 3.06 -5.79
CA LYS A 30 13.83 2.66 -6.83
C LYS A 30 12.53 2.12 -6.24
N GLY A 31 12.35 2.33 -4.94
CA GLY A 31 11.15 1.88 -4.27
C GLY A 31 10.39 3.00 -3.60
N ILE A 32 9.23 2.68 -3.04
CA ILE A 32 8.40 3.68 -2.36
C ILE A 32 9.04 4.13 -1.05
N LYS A 33 9.13 5.44 -0.87
CA LYS A 33 9.72 6.00 0.34
C LYS A 33 8.70 6.07 1.46
N GLU A 34 9.18 6.11 2.70
CA GLU A 34 8.30 6.18 3.87
C GLU A 34 8.46 7.52 4.59
N LEU A 35 7.48 7.85 5.42
CA LEU A 35 7.52 9.10 6.17
C LEU A 35 7.27 8.85 7.65
N ASN A 36 7.30 9.92 8.44
CA ASN A 36 7.08 9.81 9.88
C ASN A 36 5.92 10.69 10.31
N LEU A 37 4.72 10.11 10.34
CA LEU A 37 3.52 10.83 10.74
C LEU A 37 3.05 10.38 12.11
N GLU A 38 2.05 11.09 12.65
CA GLU A 38 1.50 10.76 13.96
C GLU A 38 -0.02 10.89 13.97
N LYS A 39 -0.69 9.86 14.47
CA LYS A 39 -2.15 9.87 14.53
C LYS A 39 -2.64 9.12 15.77
N ASP A 40 -3.82 9.48 16.24
CA ASP A 40 -4.41 8.84 17.42
C ASP A 40 -3.37 8.66 18.51
N LYS A 41 -2.49 9.65 18.65
CA LYS A 41 -1.44 9.60 19.67
C LYS A 41 -0.50 8.43 19.42
N LYS A 42 -0.08 8.26 18.17
CA LYS A 42 0.84 7.19 17.80
C LYS A 42 1.70 7.58 16.61
N ILE A 43 3.00 7.32 16.71
CA ILE A 43 3.92 7.64 15.63
C ILE A 43 3.98 6.53 14.60
N PHE A 44 3.38 6.77 13.44
CA PHE A 44 3.37 5.78 12.36
C PHE A 44 4.68 5.83 11.56
N ASN A 45 5.60 4.92 11.89
CA ASN A 45 6.88 4.86 11.20
C ASN A 45 6.84 3.85 10.06
N HIS A 46 7.70 4.06 9.07
CA HIS A 46 7.76 3.17 7.91
C HIS A 46 6.42 3.09 7.21
N CYS A 47 5.77 4.24 7.06
CA CYS A 47 4.46 4.31 6.41
C CYS A 47 4.47 5.32 5.26
N PHE A 48 3.80 4.97 4.17
CA PHE A 48 3.74 5.83 3.00
C PHE A 48 2.29 6.13 2.62
N THR A 49 1.98 7.42 2.46
CA THR A 49 0.63 7.83 2.10
C THR A 49 0.09 7.01 0.93
N GLY A 50 -1.20 7.15 0.66
CA GLY A 50 -1.81 6.42 -0.44
C GLY A 50 -1.38 6.95 -1.80
N ASN A 51 -1.34 8.27 -1.93
CA ASN A 51 -0.95 8.90 -3.18
C ASN A 51 0.44 8.44 -3.62
N CYS A 52 1.41 8.57 -2.72
CA CYS A 52 2.77 8.17 -3.00
C CYS A 52 2.81 6.83 -3.75
N VAL A 53 2.01 5.88 -3.28
CA VAL A 53 1.94 4.57 -3.90
C VAL A 53 1.51 4.66 -5.36
N ILE A 54 0.30 5.19 -5.57
CA ILE A 54 -0.23 5.33 -6.92
C ILE A 54 0.78 6.01 -7.84
N ASP A 55 1.15 7.24 -7.52
CA ASP A 55 2.11 7.99 -8.32
C ASP A 55 3.35 7.13 -8.61
N TRP A 56 3.89 6.52 -7.57
CA TRP A 56 5.08 5.68 -7.72
C TRP A 56 4.96 4.79 -8.94
N LEU A 57 3.79 4.16 -9.12
CA LEU A 57 3.56 3.28 -10.25
C LEU A 57 3.64 4.04 -11.57
N VAL A 58 3.12 5.27 -11.56
CA VAL A 58 3.14 6.11 -12.76
C VAL A 58 4.56 6.57 -13.08
N SER A 59 5.21 7.20 -12.11
CA SER A 59 6.57 7.69 -12.29
C SER A 59 7.51 6.55 -12.67
N ASN A 60 7.06 5.32 -12.45
CA ASN A 60 7.86 4.14 -12.76
C ASN A 60 7.43 3.54 -14.10
N GLN A 61 6.76 4.34 -14.93
CA GLN A 61 6.30 3.89 -16.22
C GLN A 61 5.61 2.53 -16.12
N SER A 62 4.94 2.30 -14.99
CA SER A 62 4.24 1.05 -14.77
C SER A 62 2.77 1.15 -15.20
N VAL A 63 2.20 2.34 -15.00
CA VAL A 63 0.81 2.56 -15.37
C VAL A 63 0.68 3.79 -16.27
N ARG A 64 -0.49 3.94 -16.89
CA ARG A 64 -0.75 5.06 -17.78
C ARG A 64 -1.05 6.32 -16.98
N ASN A 65 -1.79 6.16 -15.89
CA ASN A 65 -2.16 7.29 -15.05
C ASN A 65 -2.43 6.83 -13.62
N ARG A 66 -2.82 7.77 -12.77
CA ARG A 66 -3.12 7.46 -11.37
C ARG A 66 -4.13 6.32 -11.26
N GLN A 67 -5.34 6.57 -11.74
CA GLN A 67 -6.40 5.55 -11.70
C GLN A 67 -5.85 4.18 -12.08
N GLU A 68 -5.08 4.13 -13.16
CA GLU A 68 -4.49 2.88 -13.62
C GLU A 68 -3.72 2.20 -12.50
N GLY A 69 -3.03 2.99 -11.68
CA GLY A 69 -2.26 2.44 -10.58
C GLY A 69 -3.13 2.02 -9.42
N LEU A 70 -4.39 2.47 -9.42
CA LEU A 70 -5.33 2.13 -8.36
C LEU A 70 -5.54 0.62 -8.27
N MET A 71 -5.70 -0.02 -9.41
CA MET A 71 -5.90 -1.46 -9.46
C MET A 71 -4.65 -2.20 -9.00
N ILE A 72 -3.53 -1.94 -9.67
CA ILE A 72 -2.26 -2.57 -9.33
C ILE A 72 -1.94 -2.39 -7.85
N ALA A 73 -2.27 -1.22 -7.31
CA ALA A 73 -2.01 -0.91 -5.91
C ALA A 73 -2.86 -1.80 -5.00
N SER A 74 -4.16 -1.83 -5.25
CA SER A 74 -5.08 -2.63 -4.46
C SER A 74 -4.63 -4.09 -4.41
N SER A 75 -4.39 -4.66 -5.59
CA SER A 75 -3.97 -6.06 -5.69
C SER A 75 -2.81 -6.33 -4.74
N LEU A 76 -1.76 -5.52 -4.84
CA LEU A 76 -0.59 -5.69 -4.00
C LEU A 76 -0.99 -5.88 -2.53
N LEU A 77 -1.99 -5.12 -2.10
CA LEU A 77 -2.47 -5.20 -0.73
C LEU A 77 -3.32 -6.45 -0.52
N ASN A 78 -4.05 -6.84 -1.57
CA ASN A 78 -4.90 -8.02 -1.50
C ASN A 78 -4.08 -9.28 -1.24
N GLU A 79 -2.90 -9.35 -1.85
CA GLU A 79 -2.01 -10.49 -1.67
C GLU A 79 -1.32 -10.44 -0.32
N GLY A 80 -0.98 -9.24 0.12
CA GLY A 80 -0.31 -9.07 1.40
C GLY A 80 0.90 -8.15 1.31
N TYR A 81 1.35 -7.89 0.08
CA TYR A 81 2.50 -7.03 -0.13
C TYR A 81 2.35 -5.72 0.65
N LEU A 82 1.12 -5.23 0.74
CA LEU A 82 0.86 -3.99 1.45
C LEU A 82 -0.15 -4.22 2.59
N GLN A 83 0.03 -3.48 3.68
CA GLN A 83 -0.86 -3.61 4.83
C GLN A 83 -1.41 -2.25 5.25
N PRO A 84 -2.71 -2.22 5.61
CA PRO A 84 -3.37 -0.99 6.03
C PRO A 84 -2.89 -0.50 7.39
N ALA A 85 -2.77 0.81 7.53
CA ALA A 85 -2.31 1.41 8.78
C ALA A 85 -3.18 2.61 9.17
N GLY A 86 -4.22 2.34 9.95
CA GLY A 86 -5.12 3.41 10.37
C GLY A 86 -6.58 3.07 10.11
N ASP A 87 -7.45 3.57 10.97
CA ASP A 87 -8.89 3.32 10.83
C ASP A 87 -9.35 3.63 9.41
N MET A 88 -8.82 4.70 8.84
CA MET A 88 -9.17 5.09 7.47
C MET A 88 -9.17 3.89 6.53
N SER A 89 -7.97 3.38 6.25
CA SER A 89 -7.82 2.24 5.36
C SER A 89 -8.47 0.99 5.96
N LYS A 90 -8.19 0.75 7.23
CA LYS A 90 -8.74 -0.41 7.93
C LYS A 90 -10.23 -0.56 7.63
N SER A 91 -10.91 0.57 7.44
CA SER A 91 -12.34 0.56 7.15
C SER A 91 -12.59 0.18 5.70
N ALA A 92 -11.68 0.58 4.81
CA ALA A 92 -11.81 0.28 3.40
C ALA A 92 -11.48 -1.18 3.11
N VAL A 93 -10.46 -1.70 3.79
CA VAL A 93 -10.05 -3.08 3.61
C VAL A 93 -11.08 -4.04 4.20
N ASP A 94 -11.65 -3.67 5.33
CA ASP A 94 -12.66 -4.49 5.99
C ASP A 94 -14.06 -3.92 5.78
N GLY A 95 -14.36 -3.54 4.54
CA GLY A 95 -15.65 -2.98 4.24
C GLY A 95 -16.23 -3.52 2.95
N THR A 96 -17.08 -2.74 2.30
CA THR A 96 -17.71 -3.16 1.04
C THR A 96 -17.19 -2.34 -0.13
N ALA A 97 -15.88 -2.09 -0.14
CA ALA A 97 -15.26 -1.32 -1.22
C ALA A 97 -14.49 -2.23 -2.17
N GLU A 98 -14.90 -2.22 -3.43
CA GLU A 98 -14.25 -3.04 -4.45
C GLU A 98 -12.74 -3.02 -4.27
N ASN A 99 -12.19 -1.85 -3.98
CA ASN A 99 -10.75 -1.70 -3.78
C ASN A 99 -10.44 -1.30 -2.35
N PRO A 100 -9.72 -2.18 -1.64
CA PRO A 100 -9.33 -1.93 -0.24
C PRO A 100 -8.29 -0.83 -0.12
N PHE A 101 -7.80 -0.35 -1.25
CA PHE A 101 -6.79 0.71 -1.27
C PHE A 101 -7.45 2.07 -1.44
N LEU A 102 -6.73 3.12 -1.04
CA LEU A 102 -7.24 4.48 -1.16
C LEU A 102 -6.16 5.41 -1.68
N ASP A 103 -6.41 5.99 -2.85
CA ASP A 103 -5.46 6.91 -3.47
C ASP A 103 -5.50 8.27 -2.77
N ASN A 104 -5.50 8.25 -1.45
CA ASN A 104 -5.54 9.48 -0.67
C ASN A 104 -4.23 9.68 0.09
N PRO A 105 -3.83 10.96 0.25
CA PRO A 105 -2.59 11.31 0.96
C PRO A 105 -2.70 11.05 2.46
N ASP A 106 -3.86 10.60 2.90
CA ASP A 106 -4.08 10.30 4.31
C ASP A 106 -3.94 8.81 4.59
N ALA A 107 -4.42 8.00 3.66
CA ALA A 107 -4.35 6.55 3.79
C ALA A 107 -2.90 6.07 3.80
N PHE A 108 -2.48 5.47 4.91
CA PHE A 108 -1.12 4.97 5.03
C PHE A 108 -1.05 3.48 4.69
N TYR A 109 0.15 3.00 4.37
CA TYR A 109 0.35 1.61 4.02
C TYR A 109 1.82 1.21 4.17
N TYR A 110 2.07 0.14 4.91
CA TYR A 110 3.42 -0.34 5.12
C TYR A 110 3.62 -1.72 4.51
N PHE A 111 4.87 -2.19 4.49
CA PHE A 111 5.19 -3.49 3.93
C PHE A 111 5.32 -4.54 5.03
N PRO A 112 4.91 -5.78 4.71
CA PRO A 112 4.98 -6.90 5.65
C PRO A 112 6.41 -7.34 5.94
N ASP A 113 7.34 -6.82 5.16
CA ASP A 113 8.76 -7.15 5.34
C ASP A 113 9.45 -6.13 6.21
N SER A 114 9.19 -4.85 5.96
CA SER A 114 9.79 -3.77 6.73
C SER A 114 9.60 -3.99 8.22
N GLY A 115 8.34 -3.97 8.66
CA GLY A 115 8.04 -4.18 10.06
C GLY A 115 7.47 -2.94 10.72
N PHE A 116 6.31 -2.50 10.22
CA PHE A 116 5.66 -1.31 10.77
C PHE A 116 5.47 -1.42 12.27
N PHE A 117 5.43 -0.28 12.94
CA PHE A 117 5.26 -0.25 14.39
C PHE A 117 4.78 1.12 14.86
N CYS A 118 3.66 1.13 15.57
CA CYS A 118 3.09 2.38 16.08
C CYS A 118 3.40 2.55 17.56
N GLU A 119 4.11 3.62 17.89
CA GLU A 119 4.47 3.91 19.28
C GLU A 119 3.62 5.04 19.84
N GLU A 120 2.93 4.75 20.95
CA GLU A 120 2.07 5.75 21.59
C GLU A 120 2.91 6.89 22.18
N ASN A 121 2.41 8.11 22.04
CA ASN A 121 3.11 9.28 22.56
C ASN A 121 2.29 9.96 23.65
N SER A 122 2.38 9.43 24.87
CA SER A 122 1.65 9.99 25.99
C SER A 122 2.49 11.04 26.72
N GLY A 123 2.07 12.30 26.60
CA GLY A 123 2.79 13.38 27.25
C GLY A 123 4.23 13.48 26.79
N PRO A 124 5.04 14.28 27.51
CA PRO A 124 6.45 14.48 27.17
C PRO A 124 7.29 13.23 27.44
N SER A 125 7.44 12.40 26.42
CA SER A 125 8.22 11.17 26.55
C SER A 125 9.30 11.10 25.46
N SER A 126 10.40 10.42 25.77
CA SER A 126 11.50 10.28 24.84
C SER A 126 11.07 9.50 23.60
N GLY A 127 11.84 9.62 22.52
CA GLY A 127 11.52 8.92 21.30
C GLY A 127 12.39 9.37 20.14
N GLY A 1 4.58 -28.72 2.42
CA GLY A 1 3.25 -28.31 2.06
C GLY A 1 3.22 -26.98 1.35
N SER A 2 2.62 -26.96 0.15
CA SER A 2 2.53 -25.74 -0.64
C SER A 2 1.17 -25.63 -1.32
N SER A 3 0.90 -24.47 -1.91
CA SER A 3 -0.35 -24.24 -2.59
C SER A 3 -0.30 -22.94 -3.40
N GLY A 4 -1.24 -22.79 -4.34
CA GLY A 4 -1.28 -21.60 -5.17
C GLY A 4 -2.43 -21.62 -6.15
N SER A 5 -3.50 -20.90 -5.83
CA SER A 5 -4.67 -20.84 -6.70
C SER A 5 -4.75 -19.49 -7.42
N SER A 6 -4.89 -19.55 -8.74
CA SER A 6 -4.97 -18.33 -9.55
C SER A 6 -6.38 -17.75 -9.50
N GLY A 7 -7.35 -18.49 -10.01
CA GLY A 7 -8.73 -18.02 -10.01
C GLY A 7 -9.44 -18.33 -11.31
N ARG A 8 -10.62 -17.75 -11.48
CA ARG A 8 -11.41 -17.96 -12.69
C ARG A 8 -10.86 -17.15 -13.85
N SER A 9 -10.95 -15.83 -13.74
CA SER A 9 -10.46 -14.93 -14.79
C SER A 9 -9.19 -14.22 -14.34
N ILE A 10 -8.66 -13.38 -15.22
CA ILE A 10 -7.45 -12.62 -14.91
C ILE A 10 -7.64 -11.14 -15.22
N ARG A 11 -7.97 -10.36 -14.18
CA ARG A 11 -8.19 -8.94 -14.33
C ARG A 11 -6.85 -8.19 -14.36
N LEU A 12 -5.90 -8.65 -13.54
CA LEU A 12 -4.59 -8.03 -13.47
C LEU A 12 -3.85 -8.15 -14.79
N PRO A 13 -2.86 -7.27 -15.01
CA PRO A 13 -2.06 -7.26 -16.23
C PRO A 13 -1.14 -8.46 -16.33
N GLU A 14 -1.50 -9.42 -17.18
CA GLU A 14 -0.70 -10.63 -17.37
C GLU A 14 0.73 -10.27 -17.76
N THR A 15 0.89 -9.12 -18.38
CA THR A 15 2.21 -8.66 -18.82
C THR A 15 3.03 -8.13 -17.64
N ILE A 16 2.49 -8.31 -16.43
CA ILE A 16 3.16 -7.85 -15.23
C ILE A 16 3.04 -8.88 -14.10
N ASP A 17 3.97 -8.82 -13.15
CA ASP A 17 3.97 -9.74 -12.02
C ASP A 17 4.04 -8.98 -10.70
N LEU A 18 2.94 -8.98 -9.96
CA LEU A 18 2.88 -8.29 -8.68
C LEU A 18 4.15 -8.53 -7.87
N GLY A 19 4.54 -9.79 -7.73
CA GLY A 19 5.74 -10.13 -6.99
C GLY A 19 6.92 -9.27 -7.39
N ALA A 20 7.19 -9.19 -8.68
CA ALA A 20 8.30 -8.40 -9.19
C ALA A 20 8.10 -6.91 -8.89
N LEU A 21 6.85 -6.46 -8.95
CA LEU A 21 6.53 -5.06 -8.68
C LEU A 21 6.85 -4.71 -7.23
N TYR A 22 6.32 -5.50 -6.31
CA TYR A 22 6.55 -5.26 -4.88
C TYR A 22 8.04 -5.11 -4.59
N LEU A 23 8.87 -5.83 -5.33
CA LEU A 23 10.31 -5.77 -5.15
C LEU A 23 10.84 -4.38 -5.50
N SER A 24 10.31 -3.79 -6.57
CA SER A 24 10.74 -2.47 -7.01
C SER A 24 10.43 -1.42 -5.95
N MET A 25 9.40 -1.68 -5.15
CA MET A 25 9.00 -0.77 -4.09
C MET A 25 9.90 -0.93 -2.87
N LYS A 26 10.60 -2.05 -2.79
CA LYS A 26 11.49 -2.33 -1.66
C LYS A 26 12.79 -1.55 -1.81
N ASP A 27 13.10 -1.13 -3.03
CA ASP A 27 14.32 -0.36 -3.29
C ASP A 27 14.33 0.93 -2.48
N THR A 28 15.54 1.42 -2.19
CA THR A 28 15.69 2.65 -1.42
C THR A 28 15.61 3.88 -2.33
N GLU A 29 16.08 3.72 -3.57
CA GLU A 29 16.06 4.82 -4.53
C GLU A 29 15.05 4.55 -5.64
N LYS A 30 14.75 3.28 -5.86
CA LYS A 30 13.79 2.89 -6.89
C LYS A 30 12.52 2.32 -6.27
N GLY A 31 12.36 2.52 -4.97
CA GLY A 31 11.19 2.02 -4.27
C GLY A 31 10.42 3.11 -3.56
N ILE A 32 9.38 2.73 -2.82
CA ILE A 32 8.57 3.70 -2.10
C ILE A 32 9.20 4.05 -0.75
N LYS A 33 9.34 5.35 -0.49
CA LYS A 33 9.92 5.81 0.76
C LYS A 33 8.86 5.88 1.86
N GLU A 34 9.32 6.01 3.10
CA GLU A 34 8.41 6.09 4.24
C GLU A 34 8.68 7.34 5.07
N LEU A 35 7.62 7.98 5.55
CA LEU A 35 7.75 9.19 6.35
C LEU A 35 7.39 8.91 7.81
N ASN A 36 7.47 9.94 8.64
CA ASN A 36 7.14 9.81 10.05
C ASN A 36 5.98 10.72 10.44
N LEU A 37 4.77 10.21 10.29
CA LEU A 37 3.56 10.97 10.62
C LEU A 37 2.96 10.49 11.93
N GLU A 38 2.05 11.29 12.49
CA GLU A 38 1.39 10.94 13.74
C GLU A 38 -0.12 11.03 13.60
N LYS A 39 -0.81 9.95 13.97
CA LYS A 39 -2.27 9.91 13.89
C LYS A 39 -2.86 9.39 15.19
N ASP A 40 -3.96 10.01 15.63
CA ASP A 40 -4.62 9.61 16.86
C ASP A 40 -3.62 9.44 17.99
N LYS A 41 -2.68 10.36 18.10
CA LYS A 41 -1.66 10.32 19.13
C LYS A 41 -0.81 9.06 19.00
N LYS A 42 -0.50 8.69 17.76
CA LYS A 42 0.31 7.51 17.50
C LYS A 42 1.21 7.73 16.29
N ILE A 43 2.52 7.61 16.50
CA ILE A 43 3.50 7.80 15.43
C ILE A 43 3.61 6.55 14.58
N PHE A 44 3.37 6.70 13.28
CA PHE A 44 3.44 5.57 12.36
C PHE A 44 4.71 5.67 11.49
N ASN A 45 5.77 5.00 11.94
CA ASN A 45 7.03 5.01 11.22
C ASN A 45 7.05 3.93 10.14
N HIS A 46 7.84 4.16 9.10
CA HIS A 46 7.95 3.20 8.00
C HIS A 46 6.62 3.06 7.27
N CYS A 47 5.94 4.18 7.07
CA CYS A 47 4.65 4.19 6.38
C CYS A 47 4.64 5.23 5.26
N PHE A 48 3.84 4.96 4.24
CA PHE A 48 3.74 5.88 3.09
C PHE A 48 2.28 6.20 2.79
N THR A 49 2.02 7.43 2.38
CA THR A 49 0.68 7.88 2.06
C THR A 49 0.13 7.12 0.85
N GLY A 50 -1.19 7.15 0.69
CA GLY A 50 -1.81 6.46 -0.44
C GLY A 50 -1.43 7.08 -1.77
N ASN A 51 -1.66 8.38 -1.90
CA ASN A 51 -1.33 9.09 -3.14
C ASN A 51 0.07 8.74 -3.62
N CYS A 52 1.01 8.64 -2.69
CA CYS A 52 2.38 8.30 -3.02
C CYS A 52 2.46 6.97 -3.76
N VAL A 53 1.83 5.95 -3.20
CA VAL A 53 1.83 4.62 -3.81
C VAL A 53 1.43 4.70 -5.27
N ILE A 54 0.28 5.31 -5.54
CA ILE A 54 -0.22 5.44 -6.91
C ILE A 54 0.81 6.14 -7.80
N ASP A 55 1.14 7.38 -7.46
CA ASP A 55 2.11 8.15 -8.22
C ASP A 55 3.36 7.31 -8.52
N TRP A 56 3.93 6.73 -7.48
CA TRP A 56 5.12 5.90 -7.63
C TRP A 56 5.01 5.01 -8.85
N LEU A 57 3.90 4.30 -8.98
CA LEU A 57 3.67 3.41 -10.11
C LEU A 57 3.83 4.15 -11.43
N VAL A 58 3.10 5.24 -11.58
CA VAL A 58 3.16 6.05 -12.79
C VAL A 58 4.59 6.52 -13.07
N SER A 59 5.26 7.00 -12.03
CA SER A 59 6.62 7.48 -12.17
C SER A 59 7.53 6.38 -12.71
N ASN A 60 7.28 5.15 -12.28
CA ASN A 60 8.07 4.01 -12.73
C ASN A 60 7.62 3.53 -14.10
N GLN A 61 6.80 4.33 -14.77
CA GLN A 61 6.30 3.99 -16.08
C GLN A 61 5.59 2.64 -16.07
N SER A 62 5.00 2.30 -14.93
CA SER A 62 4.30 1.03 -14.77
C SER A 62 2.84 1.15 -15.21
N VAL A 63 2.26 2.33 -14.96
CA VAL A 63 0.87 2.58 -15.34
C VAL A 63 0.75 3.78 -16.27
N ARG A 64 -0.37 3.88 -16.96
CA ARG A 64 -0.60 4.98 -17.89
C ARG A 64 -0.97 6.26 -17.13
N ASN A 65 -1.77 6.10 -16.07
CA ASN A 65 -2.20 7.23 -15.27
C ASN A 65 -2.43 6.82 -13.81
N ARG A 66 -2.81 7.77 -12.98
CA ARG A 66 -3.06 7.50 -11.56
C ARG A 66 -4.07 6.37 -11.40
N GLN A 67 -5.24 6.53 -12.00
CA GLN A 67 -6.29 5.53 -11.92
C GLN A 67 -5.73 4.14 -12.21
N GLU A 68 -4.99 4.01 -13.30
CA GLU A 68 -4.40 2.74 -13.69
C GLU A 68 -3.66 2.10 -12.52
N GLY A 69 -2.99 2.94 -11.73
CA GLY A 69 -2.26 2.43 -10.58
C GLY A 69 -3.16 2.03 -9.44
N LEU A 70 -4.40 2.53 -9.46
CA LEU A 70 -5.36 2.22 -8.41
C LEU A 70 -5.53 0.70 -8.25
N MET A 71 -5.76 0.02 -9.38
CA MET A 71 -5.94 -1.42 -9.36
C MET A 71 -4.68 -2.12 -8.85
N ILE A 72 -3.57 -1.89 -9.53
CA ILE A 72 -2.30 -2.49 -9.15
C ILE A 72 -2.04 -2.32 -7.64
N ALA A 73 -2.39 -1.15 -7.12
CA ALA A 73 -2.20 -0.87 -5.71
C ALA A 73 -3.11 -1.73 -4.84
N SER A 74 -4.35 -1.91 -5.30
CA SER A 74 -5.32 -2.71 -4.56
C SER A 74 -4.87 -4.16 -4.48
N SER A 75 -4.55 -4.75 -5.64
CA SER A 75 -4.11 -6.13 -5.70
C SER A 75 -2.99 -6.39 -4.70
N LEU A 76 -2.07 -5.45 -4.60
CA LEU A 76 -0.94 -5.57 -3.69
C LEU A 76 -1.42 -5.85 -2.27
N LEU A 77 -2.57 -5.30 -1.91
CA LEU A 77 -3.15 -5.49 -0.59
C LEU A 77 -3.86 -6.83 -0.50
N ASN A 78 -4.36 -7.31 -1.63
CA ASN A 78 -5.07 -8.58 -1.67
C ASN A 78 -4.10 -9.75 -1.45
N GLU A 79 -2.87 -9.58 -1.90
CA GLU A 79 -1.85 -10.61 -1.75
C GLU A 79 -1.13 -10.48 -0.41
N GLY A 80 -1.01 -9.24 0.07
CA GLY A 80 -0.33 -9.00 1.33
C GLY A 80 0.90 -8.13 1.17
N TYR A 81 1.31 -7.91 -0.07
CA TYR A 81 2.49 -7.10 -0.35
C TYR A 81 2.46 -5.80 0.45
N LEU A 82 1.26 -5.24 0.61
CA LEU A 82 1.10 -4.00 1.37
C LEU A 82 0.18 -4.21 2.57
N GLN A 83 0.41 -3.44 3.62
CA GLN A 83 -0.40 -3.53 4.83
C GLN A 83 -0.95 -2.18 5.23
N PRO A 84 -2.26 -2.13 5.53
CA PRO A 84 -2.94 -0.89 5.94
C PRO A 84 -2.49 -0.41 7.31
N ALA A 85 -2.42 0.90 7.47
CA ALA A 85 -2.01 1.50 8.74
C ALA A 85 -2.93 2.66 9.13
N GLY A 86 -3.95 2.35 9.94
CA GLY A 86 -4.88 3.38 10.37
C GLY A 86 -6.32 3.00 10.08
N ASP A 87 -7.25 3.59 10.83
CA ASP A 87 -8.67 3.32 10.63
C ASP A 87 -9.10 3.67 9.21
N MET A 88 -8.45 4.67 8.63
CA MET A 88 -8.77 5.11 7.28
C MET A 88 -8.81 3.92 6.32
N SER A 89 -7.64 3.32 6.09
CA SER A 89 -7.54 2.18 5.19
C SER A 89 -8.16 0.93 5.82
N LYS A 90 -7.85 0.69 7.08
CA LYS A 90 -8.38 -0.46 7.80
C LYS A 90 -9.84 -0.69 7.45
N SER A 91 -10.56 0.40 7.20
CA SER A 91 -11.97 0.32 6.86
C SER A 91 -12.16 -0.08 5.40
N ALA A 92 -11.30 0.46 4.54
CA ALA A 92 -11.37 0.15 3.11
C ALA A 92 -11.06 -1.32 2.85
N VAL A 93 -10.01 -1.82 3.47
CA VAL A 93 -9.61 -3.22 3.31
C VAL A 93 -10.68 -4.16 3.84
N ASP A 94 -11.40 -3.72 4.86
CA ASP A 94 -12.46 -4.52 5.47
C ASP A 94 -13.20 -5.33 4.41
N GLY A 95 -13.35 -4.73 3.23
CA GLY A 95 -14.04 -5.41 2.14
C GLY A 95 -15.29 -4.67 1.69
N THR A 96 -16.31 -5.42 1.31
CA THR A 96 -17.57 -4.83 0.86
C THR A 96 -17.32 -3.58 0.03
N ALA A 97 -16.35 -3.66 -0.87
CA ALA A 97 -16.01 -2.54 -1.73
C ALA A 97 -15.34 -3.01 -3.03
N GLU A 98 -15.16 -2.09 -3.96
CA GLU A 98 -14.53 -2.42 -5.24
C GLU A 98 -13.02 -2.46 -5.11
N ASN A 99 -12.47 -1.52 -4.36
CA ASN A 99 -11.02 -1.44 -4.14
C ASN A 99 -10.71 -1.06 -2.70
N PRO A 100 -10.05 -1.98 -1.98
CA PRO A 100 -9.67 -1.77 -0.58
C PRO A 100 -8.56 -0.73 -0.44
N PHE A 101 -8.08 -0.23 -1.56
CA PHE A 101 -7.02 0.78 -1.56
C PHE A 101 -7.61 2.19 -1.65
N LEU A 102 -6.82 3.18 -1.26
CA LEU A 102 -7.26 4.58 -1.30
C LEU A 102 -6.16 5.47 -1.86
N ASP A 103 -6.45 6.11 -2.99
CA ASP A 103 -5.50 7.00 -3.63
C ASP A 103 -5.44 8.35 -2.92
N ASN A 104 -5.46 8.30 -1.58
CA ASN A 104 -5.41 9.51 -0.77
C ASN A 104 -4.05 9.66 -0.10
N PRO A 105 -3.57 10.92 -0.01
CA PRO A 105 -2.28 11.22 0.61
C PRO A 105 -2.30 11.02 2.11
N ASP A 106 -3.44 10.58 2.64
CA ASP A 106 -3.59 10.34 4.07
C ASP A 106 -3.49 8.85 4.38
N ALA A 107 -4.03 8.03 3.50
CA ALA A 107 -4.00 6.58 3.69
C ALA A 107 -2.57 6.08 3.83
N PHE A 108 -2.23 5.59 5.02
CA PHE A 108 -0.89 5.08 5.29
C PHE A 108 -0.78 3.63 4.86
N TYR A 109 0.44 3.22 4.51
CA TYR A 109 0.70 1.85 4.07
C TYR A 109 2.15 1.45 4.35
N TYR A 110 2.37 0.15 4.52
CA TYR A 110 3.70 -0.36 4.79
C TYR A 110 3.83 -1.81 4.31
N PHE A 111 5.07 -2.22 4.07
CA PHE A 111 5.34 -3.58 3.60
C PHE A 111 5.50 -4.54 4.78
N PRO A 112 5.04 -5.79 4.59
CA PRO A 112 5.13 -6.82 5.62
C PRO A 112 6.56 -7.28 5.88
N ASP A 113 7.35 -7.34 4.81
CA ASP A 113 8.74 -7.76 4.92
C ASP A 113 9.60 -6.66 5.54
N SER A 114 9.39 -5.43 5.07
CA SER A 114 10.16 -4.29 5.57
C SER A 114 10.13 -4.25 7.09
N GLY A 115 10.85 -3.29 7.67
CA GLY A 115 10.90 -3.16 9.11
C GLY A 115 10.02 -2.03 9.62
N PHE A 116 8.72 -2.32 9.77
CA PHE A 116 7.78 -1.32 10.26
C PHE A 116 7.32 -1.65 11.68
N PHE A 117 6.91 -0.62 12.41
CA PHE A 117 6.45 -0.80 13.77
C PHE A 117 5.81 0.48 14.31
N CYS A 118 4.58 0.36 14.82
CA CYS A 118 3.86 1.50 15.36
C CYS A 118 4.19 1.71 16.84
N GLU A 119 4.32 2.97 17.24
CA GLU A 119 4.64 3.31 18.62
C GLU A 119 3.60 4.27 19.20
N GLU A 120 2.92 3.82 20.25
CA GLU A 120 1.89 4.62 20.90
C GLU A 120 2.53 5.78 21.67
N ASN A 121 2.27 7.01 21.20
CA ASN A 121 2.81 8.20 21.85
C ASN A 121 1.94 8.62 23.03
N SER A 122 1.53 7.65 23.84
CA SER A 122 0.69 7.93 24.99
C SER A 122 1.22 7.20 26.23
N GLY A 123 2.07 7.89 26.98
CA GLY A 123 2.64 7.29 28.19
C GLY A 123 4.15 7.12 28.09
N PRO A 124 4.75 6.61 29.17
CA PRO A 124 6.20 6.38 29.23
C PRO A 124 6.65 5.25 28.31
N SER A 125 5.70 4.64 27.62
CA SER A 125 6.00 3.55 26.71
C SER A 125 7.31 3.81 25.96
N SER A 126 8.39 3.25 26.48
CA SER A 126 9.71 3.42 25.85
C SER A 126 9.82 2.57 24.59
N GLY A 127 10.93 2.76 23.86
CA GLY A 127 11.14 2.01 22.64
C GLY A 127 12.50 1.35 22.60
N GLY A 1 -2.22 -13.34 3.76
CA GLY A 1 -2.47 -13.23 2.34
C GLY A 1 -3.79 -13.87 1.93
N SER A 2 -4.02 -13.94 0.63
CA SER A 2 -5.25 -14.53 0.10
C SER A 2 -4.99 -15.23 -1.24
N SER A 3 -5.30 -16.51 -1.29
CA SER A 3 -5.10 -17.29 -2.51
C SER A 3 -6.44 -17.61 -3.17
N GLY A 4 -6.44 -17.63 -4.50
CA GLY A 4 -7.65 -17.92 -5.24
C GLY A 4 -7.66 -17.28 -6.62
N SER A 5 -6.74 -17.72 -7.48
CA SER A 5 -6.64 -17.19 -8.83
C SER A 5 -7.64 -17.87 -9.76
N SER A 6 -8.88 -17.38 -9.74
CA SER A 6 -9.93 -17.94 -10.58
C SER A 6 -10.22 -17.03 -11.78
N GLY A 7 -11.14 -17.46 -12.63
CA GLY A 7 -11.49 -16.68 -13.80
C GLY A 7 -10.49 -16.84 -14.92
N ARG A 8 -10.97 -17.32 -16.06
CA ARG A 8 -10.11 -17.53 -17.22
C ARG A 8 -9.18 -16.32 -17.43
N SER A 9 -9.77 -15.13 -17.45
CA SER A 9 -9.00 -13.91 -17.65
C SER A 9 -8.57 -13.32 -16.31
N ILE A 10 -7.61 -12.40 -16.36
CA ILE A 10 -7.11 -11.76 -15.15
C ILE A 10 -7.10 -10.24 -15.30
N ARG A 11 -7.93 -9.57 -14.49
CA ARG A 11 -8.02 -8.11 -14.53
C ARG A 11 -6.63 -7.49 -14.52
N LEU A 12 -5.76 -7.99 -13.66
CA LEU A 12 -4.40 -7.48 -13.55
C LEU A 12 -3.64 -7.68 -14.85
N PRO A 13 -2.58 -6.88 -15.05
CA PRO A 13 -1.74 -6.96 -16.26
C PRO A 13 -0.90 -8.23 -16.29
N GLU A 14 -1.32 -9.20 -17.10
CA GLU A 14 -0.61 -10.45 -17.22
C GLU A 14 0.85 -10.21 -17.61
N THR A 15 1.11 -9.09 -18.28
CA THR A 15 2.46 -8.75 -18.70
C THR A 15 3.30 -8.25 -17.53
N ILE A 16 2.72 -8.34 -16.33
CA ILE A 16 3.42 -7.90 -15.13
C ILE A 16 3.22 -8.88 -13.98
N ASP A 17 4.13 -8.87 -13.02
CA ASP A 17 4.05 -9.76 -11.87
C ASP A 17 4.11 -8.97 -10.57
N LEU A 18 3.00 -8.95 -9.84
CA LEU A 18 2.92 -8.23 -8.58
C LEU A 18 4.17 -8.47 -7.73
N GLY A 19 4.54 -9.73 -7.58
CA GLY A 19 5.72 -10.07 -6.80
C GLY A 19 6.92 -9.23 -7.18
N ALA A 20 7.20 -9.15 -8.46
CA ALA A 20 8.34 -8.37 -8.95
C ALA A 20 8.16 -6.89 -8.65
N LEU A 21 6.91 -6.41 -8.74
CA LEU A 21 6.61 -5.02 -8.47
C LEU A 21 6.90 -4.67 -7.01
N TYR A 22 6.36 -5.45 -6.09
CA TYR A 22 6.58 -5.22 -4.66
C TYR A 22 8.06 -5.08 -4.35
N LEU A 23 8.89 -5.80 -5.10
CA LEU A 23 10.33 -5.75 -4.90
C LEU A 23 10.89 -4.37 -5.23
N SER A 24 10.39 -3.78 -6.32
CA SER A 24 10.84 -2.47 -6.74
C SER A 24 10.52 -1.41 -5.68
N MET A 25 9.46 -1.66 -4.92
CA MET A 25 9.04 -0.73 -3.87
C MET A 25 9.90 -0.92 -2.63
N LYS A 26 10.63 -2.03 -2.57
CA LYS A 26 11.50 -2.32 -1.43
C LYS A 26 12.81 -1.55 -1.53
N ASP A 27 13.14 -1.12 -2.74
CA ASP A 27 14.37 -0.36 -2.98
C ASP A 27 14.38 0.93 -2.17
N THR A 28 15.57 1.39 -1.82
CA THR A 28 15.72 2.62 -1.05
C THR A 28 15.56 3.85 -1.94
N GLU A 29 16.03 3.75 -3.17
CA GLU A 29 15.95 4.85 -4.12
C GLU A 29 14.99 4.51 -5.26
N LYS A 30 14.84 3.21 -5.54
CA LYS A 30 13.96 2.76 -6.60
C LYS A 30 12.64 2.24 -6.04
N GLY A 31 12.42 2.48 -4.75
CA GLY A 31 11.20 2.03 -4.11
C GLY A 31 10.43 3.17 -3.46
N ILE A 32 9.36 2.83 -2.75
CA ILE A 32 8.54 3.84 -2.08
C ILE A 32 9.15 4.25 -0.74
N LYS A 33 9.31 5.55 -0.54
CA LYS A 33 9.88 6.07 0.69
C LYS A 33 8.80 6.27 1.75
N GLU A 34 9.01 5.70 2.92
CA GLU A 34 8.05 5.83 4.01
C GLU A 34 8.18 7.18 4.71
N LEU A 35 7.07 7.68 5.23
CA LEU A 35 7.06 8.97 5.91
C LEU A 35 6.60 8.81 7.36
N ASN A 36 6.80 9.86 8.15
CA ASN A 36 6.40 9.84 9.56
C ASN A 36 5.37 10.93 9.85
N LEU A 37 4.10 10.58 9.74
CA LEU A 37 3.03 11.54 9.99
C LEU A 37 2.29 11.21 11.28
N GLU A 38 1.54 12.18 11.81
CA GLU A 38 0.79 11.98 13.04
C GLU A 38 -0.68 12.35 12.84
N LYS A 39 -1.56 11.55 13.43
CA LYS A 39 -3.00 11.79 13.33
C LYS A 39 -3.64 11.89 14.70
N ASP A 40 -3.73 10.76 15.39
CA ASP A 40 -4.31 10.72 16.72
C ASP A 40 -3.30 10.25 17.75
N LYS A 41 -2.57 11.20 18.34
CA LYS A 41 -1.56 10.88 19.34
C LYS A 41 -0.86 9.57 19.01
N LYS A 42 -0.63 9.33 17.72
CA LYS A 42 0.03 8.11 17.27
C LYS A 42 0.89 8.38 16.05
N ILE A 43 2.16 8.00 16.13
CA ILE A 43 3.08 8.21 15.02
C ILE A 43 3.32 6.91 14.25
N PHE A 44 2.88 6.88 13.00
CA PHE A 44 3.04 5.69 12.16
C PHE A 44 4.37 5.74 11.40
N ASN A 45 5.45 5.38 12.10
CA ASN A 45 6.77 5.38 11.49
C ASN A 45 6.89 4.30 10.43
N HIS A 46 7.67 4.58 9.38
CA HIS A 46 7.86 3.62 8.31
C HIS A 46 6.55 3.35 7.57
N CYS A 47 5.82 4.42 7.28
CA CYS A 47 4.54 4.31 6.59
C CYS A 47 4.40 5.40 5.53
N PHE A 48 3.97 5.02 4.34
CA PHE A 48 3.79 5.97 3.24
C PHE A 48 2.31 6.20 2.95
N THR A 49 1.98 7.37 2.44
CA THR A 49 0.60 7.71 2.12
C THR A 49 0.11 6.92 0.92
N GLY A 50 -1.19 7.02 0.64
CA GLY A 50 -1.77 6.31 -0.48
C GLY A 50 -1.27 6.81 -1.81
N ASN A 51 -1.37 8.11 -2.03
CA ASN A 51 -0.92 8.73 -3.27
C ASN A 51 0.45 8.19 -3.68
N CYS A 52 1.42 8.34 -2.79
CA CYS A 52 2.77 7.87 -3.06
C CYS A 52 2.75 6.56 -3.85
N VAL A 53 2.01 5.58 -3.34
CA VAL A 53 1.91 4.29 -4.00
C VAL A 53 1.46 4.45 -5.45
N ILE A 54 0.33 5.12 -5.64
CA ILE A 54 -0.22 5.34 -6.98
C ILE A 54 0.81 6.01 -7.89
N ASP A 55 1.15 7.25 -7.56
CA ASP A 55 2.13 8.00 -8.35
C ASP A 55 3.38 7.15 -8.61
N TRP A 56 3.98 6.65 -7.55
CA TRP A 56 5.18 5.83 -7.67
C TRP A 56 5.09 4.88 -8.85
N LEU A 57 3.90 4.28 -9.03
CA LEU A 57 3.68 3.35 -10.13
C LEU A 57 3.75 4.08 -11.48
N VAL A 58 3.14 5.26 -11.53
CA VAL A 58 3.12 6.06 -12.75
C VAL A 58 4.52 6.54 -13.11
N SER A 59 5.20 7.15 -12.14
CA SER A 59 6.55 7.66 -12.35
C SER A 59 7.48 6.54 -12.83
N ASN A 60 7.21 5.32 -12.40
CA ASN A 60 8.01 4.17 -12.79
C ASN A 60 7.58 3.63 -14.14
N GLN A 61 6.72 4.39 -14.83
CA GLN A 61 6.24 4.00 -16.15
C GLN A 61 5.52 2.65 -16.07
N SER A 62 4.95 2.35 -14.91
CA SER A 62 4.23 1.09 -14.71
C SER A 62 2.77 1.23 -15.13
N VAL A 63 2.24 2.45 -15.00
CA VAL A 63 0.85 2.71 -15.37
C VAL A 63 0.75 3.94 -16.27
N ARG A 64 -0.38 4.06 -16.95
CA ARG A 64 -0.61 5.19 -17.86
C ARG A 64 -1.02 6.43 -17.07
N ASN A 65 -1.76 6.23 -15.99
CA ASN A 65 -2.21 7.34 -15.15
C ASN A 65 -2.46 6.86 -13.72
N ARG A 66 -2.93 7.77 -12.88
CA ARG A 66 -3.21 7.46 -11.48
C ARG A 66 -4.20 6.30 -11.38
N GLN A 67 -5.40 6.50 -11.92
CA GLN A 67 -6.44 5.48 -11.88
C GLN A 67 -5.85 4.10 -12.21
N GLU A 68 -5.04 4.04 -13.26
CA GLU A 68 -4.42 2.79 -13.67
C GLU A 68 -3.66 2.15 -12.51
N GLY A 69 -3.04 2.99 -11.69
CA GLY A 69 -2.29 2.49 -10.55
C GLY A 69 -3.18 2.09 -9.39
N LEU A 70 -4.43 2.53 -9.44
CA LEU A 70 -5.38 2.22 -8.38
C LEU A 70 -5.56 0.71 -8.23
N MET A 71 -5.71 0.02 -9.36
CA MET A 71 -5.88 -1.42 -9.36
C MET A 71 -4.63 -2.12 -8.83
N ILE A 72 -3.49 -1.84 -9.46
CA ILE A 72 -2.23 -2.44 -9.06
C ILE A 72 -2.00 -2.30 -7.55
N ALA A 73 -2.33 -1.13 -7.02
CA ALA A 73 -2.17 -0.86 -5.60
C ALA A 73 -3.13 -1.71 -4.77
N SER A 74 -4.35 -1.88 -5.27
CA SER A 74 -5.35 -2.67 -4.58
C SER A 74 -4.91 -4.13 -4.46
N SER A 75 -4.49 -4.70 -5.58
CA SER A 75 -4.04 -6.09 -5.61
C SER A 75 -2.94 -6.33 -4.58
N LEU A 76 -1.94 -5.47 -4.59
CA LEU A 76 -0.82 -5.58 -3.65
C LEU A 76 -1.32 -5.84 -2.24
N LEU A 77 -2.45 -5.24 -1.90
CA LEU A 77 -3.04 -5.41 -0.57
C LEU A 77 -3.77 -6.74 -0.46
N ASN A 78 -4.28 -7.22 -1.59
CA ASN A 78 -4.98 -8.50 -1.61
C ASN A 78 -4.02 -9.67 -1.42
N GLU A 79 -2.78 -9.49 -1.87
CA GLU A 79 -1.77 -10.52 -1.74
C GLU A 79 -1.04 -10.41 -0.40
N GLY A 80 -0.91 -9.19 0.09
CA GLY A 80 -0.23 -8.97 1.36
C GLY A 80 0.98 -8.07 1.22
N TYR A 81 1.40 -7.83 -0.02
CA TYR A 81 2.55 -6.98 -0.28
C TYR A 81 2.46 -5.67 0.49
N LEU A 82 1.23 -5.17 0.63
CA LEU A 82 1.00 -3.91 1.35
C LEU A 82 -0.02 -4.11 2.47
N GLN A 83 0.19 -3.43 3.58
CA GLN A 83 -0.71 -3.52 4.72
C GLN A 83 -1.24 -2.14 5.11
N PRO A 84 -2.54 -2.10 5.46
CA PRO A 84 -3.20 -0.85 5.86
C PRO A 84 -2.72 -0.34 7.21
N ALA A 85 -2.66 0.98 7.36
CA ALA A 85 -2.22 1.59 8.61
C ALA A 85 -3.13 2.76 9.00
N GLY A 86 -3.98 2.53 9.99
CA GLY A 86 -4.88 3.58 10.45
C GLY A 86 -6.32 3.31 10.06
N ASP A 87 -7.24 3.74 10.91
CA ASP A 87 -8.66 3.53 10.67
C ASP A 87 -9.04 3.97 9.26
N MET A 88 -8.27 4.92 8.71
CA MET A 88 -8.52 5.43 7.37
C MET A 88 -8.74 4.29 6.39
N SER A 89 -7.69 3.53 6.13
CA SER A 89 -7.76 2.40 5.20
C SER A 89 -8.41 1.20 5.86
N LYS A 90 -7.98 0.90 7.10
CA LYS A 90 -8.51 -0.23 7.84
C LYS A 90 -10.02 -0.38 7.60
N SER A 91 -10.69 0.75 7.38
CA SER A 91 -12.13 0.75 7.15
C SER A 91 -12.44 0.36 5.70
N ALA A 92 -11.69 0.93 4.77
CA ALA A 92 -11.88 0.64 3.35
C ALA A 92 -11.62 -0.83 3.05
N VAL A 93 -10.53 -1.36 3.60
CA VAL A 93 -10.17 -2.76 3.39
C VAL A 93 -11.25 -3.68 3.92
N ASP A 94 -11.82 -3.33 5.07
CA ASP A 94 -12.86 -4.14 5.68
C ASP A 94 -14.24 -3.50 5.47
N GLY A 95 -14.50 -3.08 4.24
CA GLY A 95 -15.77 -2.46 3.92
C GLY A 95 -16.36 -2.98 2.62
N THR A 96 -17.41 -2.30 2.14
CA THR A 96 -18.07 -2.71 0.90
C THR A 96 -17.52 -1.93 -0.29
N ALA A 97 -16.21 -1.82 -0.38
CA ALA A 97 -15.57 -1.09 -1.47
C ALA A 97 -14.81 -2.05 -2.39
N GLU A 98 -15.15 -2.01 -3.68
CA GLU A 98 -14.50 -2.87 -4.66
C GLU A 98 -12.99 -2.88 -4.48
N ASN A 99 -12.42 -1.69 -4.27
CA ASN A 99 -10.98 -1.55 -4.08
C ASN A 99 -10.66 -1.13 -2.65
N PRO A 100 -10.01 -2.03 -1.90
CA PRO A 100 -9.63 -1.77 -0.51
C PRO A 100 -8.53 -0.72 -0.39
N PHE A 101 -8.11 -0.17 -1.53
CA PHE A 101 -7.06 0.84 -1.57
C PHE A 101 -7.67 2.24 -1.69
N LEU A 102 -6.91 3.23 -1.25
CA LEU A 102 -7.37 4.63 -1.31
C LEU A 102 -6.27 5.53 -1.86
N ASP A 103 -6.53 6.14 -3.01
CA ASP A 103 -5.56 7.03 -3.64
C ASP A 103 -5.53 8.38 -2.92
N ASN A 104 -5.50 8.34 -1.60
CA ASN A 104 -5.48 9.55 -0.79
C ASN A 104 -4.15 9.69 -0.06
N PRO A 105 -3.67 10.94 0.09
CA PRO A 105 -2.41 11.22 0.77
C PRO A 105 -2.50 10.99 2.27
N ASP A 106 -3.69 10.64 2.75
CA ASP A 106 -3.90 10.39 4.16
C ASP A 106 -3.78 8.90 4.47
N ALA A 107 -4.29 8.07 3.56
CA ALA A 107 -4.23 6.62 3.75
C ALA A 107 -2.80 6.14 3.88
N PHE A 108 -2.44 5.69 5.08
CA PHE A 108 -1.09 5.20 5.34
C PHE A 108 -0.96 3.73 4.94
N TYR A 109 0.27 3.30 4.70
CA TYR A 109 0.54 1.92 4.30
C TYR A 109 1.95 1.51 4.71
N TYR A 110 2.17 0.19 4.78
CA TYR A 110 3.47 -0.34 5.16
C TYR A 110 3.68 -1.74 4.59
N PHE A 111 4.94 -2.14 4.45
CA PHE A 111 5.27 -3.46 3.91
C PHE A 111 5.41 -4.48 5.04
N PRO A 112 4.98 -5.73 4.76
CA PRO A 112 5.05 -6.82 5.73
C PRO A 112 6.48 -7.27 6.00
N ASP A 113 7.43 -6.66 5.30
CA ASP A 113 8.84 -6.99 5.47
C ASP A 113 9.60 -5.84 6.11
N SER A 114 9.26 -4.61 5.71
CA SER A 114 9.91 -3.42 6.24
C SER A 114 9.83 -3.41 7.76
N GLY A 115 8.63 -3.54 8.30
CA GLY A 115 8.44 -3.54 9.74
C GLY A 115 7.85 -2.23 10.24
N PHE A 116 6.53 -2.16 10.29
CA PHE A 116 5.84 -0.95 10.75
C PHE A 116 5.57 -1.03 12.25
N PHE A 117 5.84 0.07 12.95
CA PHE A 117 5.62 0.14 14.39
C PHE A 117 4.86 1.40 14.78
N CYS A 118 3.84 1.24 15.61
CA CYS A 118 3.02 2.37 16.05
C CYS A 118 3.40 2.78 17.46
N GLU A 119 3.61 4.08 17.67
CA GLU A 119 3.98 4.60 18.98
C GLU A 119 2.94 5.59 19.47
N GLU A 120 2.30 5.27 20.59
CA GLU A 120 1.28 6.14 21.16
C GLU A 120 1.92 7.31 21.91
N ASN A 121 2.42 8.28 21.15
CA ASN A 121 3.06 9.45 21.74
C ASN A 121 2.11 10.17 22.70
N SER A 122 2.63 10.53 23.86
CA SER A 122 1.82 11.22 24.87
C SER A 122 1.99 12.74 24.76
N GLY A 123 0.98 13.47 25.20
CA GLY A 123 1.04 14.92 25.15
C GLY A 123 1.73 15.53 26.35
N PRO A 124 2.24 16.76 26.19
CA PRO A 124 2.94 17.46 27.26
C PRO A 124 2.00 17.88 28.39
N SER A 125 2.29 17.41 29.59
CA SER A 125 1.47 17.73 30.76
C SER A 125 1.52 19.22 31.06
N SER A 126 0.66 19.67 31.96
CA SER A 126 0.60 21.08 32.35
C SER A 126 2.01 21.67 32.45
N GLY A 127 2.38 22.46 31.43
CA GLY A 127 3.70 23.07 31.42
C GLY A 127 4.63 22.41 30.44
N GLY A 1 3.92 -33.20 -14.98
CA GLY A 1 2.78 -33.56 -15.82
C GLY A 1 1.83 -32.40 -16.03
N SER A 2 0.82 -32.30 -15.17
CA SER A 2 -0.16 -31.23 -15.28
C SER A 2 0.07 -30.16 -14.21
N SER A 3 -0.20 -28.91 -14.56
CA SER A 3 -0.01 -27.80 -13.63
C SER A 3 -1.33 -27.42 -12.96
N GLY A 4 -2.27 -26.93 -13.76
CA GLY A 4 -3.56 -26.53 -13.24
C GLY A 4 -4.02 -25.20 -13.78
N SER A 5 -4.99 -25.24 -14.70
CA SER A 5 -5.52 -24.02 -15.31
C SER A 5 -6.78 -23.57 -14.60
N SER A 6 -7.13 -22.30 -14.77
CA SER A 6 -8.32 -21.73 -14.13
C SER A 6 -8.56 -20.31 -14.62
N GLY A 7 -9.83 -19.95 -14.76
CA GLY A 7 -10.19 -18.61 -15.21
C GLY A 7 -9.79 -18.37 -16.65
N ARG A 8 -10.60 -17.58 -17.36
CA ARG A 8 -10.33 -17.27 -18.76
C ARG A 8 -9.31 -16.13 -18.87
N SER A 9 -9.77 -14.91 -18.58
CA SER A 9 -8.92 -13.74 -18.65
C SER A 9 -8.39 -13.36 -17.27
N ILE A 10 -7.68 -12.25 -17.21
CA ILE A 10 -7.12 -11.77 -15.94
C ILE A 10 -7.11 -10.25 -15.89
N ARG A 11 -7.62 -9.70 -14.78
CA ARG A 11 -7.67 -8.26 -14.60
C ARG A 11 -6.27 -7.65 -14.60
N LEU A 12 -5.48 -8.01 -13.59
CA LEU A 12 -4.12 -7.50 -13.48
C LEU A 12 -3.35 -7.72 -14.77
N PRO A 13 -2.28 -6.94 -14.96
CA PRO A 13 -1.43 -7.03 -16.16
C PRO A 13 -0.61 -8.31 -16.20
N GLU A 14 -1.06 -9.27 -17.00
CA GLU A 14 -0.37 -10.55 -17.13
C GLU A 14 1.10 -10.34 -17.48
N THR A 15 1.39 -9.25 -18.17
CA THR A 15 2.75 -8.93 -18.59
C THR A 15 3.59 -8.45 -17.39
N ILE A 16 2.99 -8.49 -16.21
CA ILE A 16 3.67 -8.05 -15.00
C ILE A 16 3.40 -9.01 -13.84
N ASP A 17 4.33 -9.06 -12.89
CA ASP A 17 4.19 -9.94 -11.73
C ASP A 17 4.25 -9.12 -10.44
N LEU A 18 3.11 -9.03 -9.75
CA LEU A 18 3.04 -8.29 -8.50
C LEU A 18 4.30 -8.51 -7.67
N GLY A 19 4.67 -9.77 -7.48
CA GLY A 19 5.86 -10.08 -6.70
C GLY A 19 7.04 -9.23 -7.09
N ALA A 20 7.33 -9.16 -8.40
CA ALA A 20 8.44 -8.38 -8.89
C ALA A 20 8.25 -6.89 -8.60
N LEU A 21 7.00 -6.43 -8.68
CA LEU A 21 6.69 -5.03 -8.43
C LEU A 21 6.99 -4.66 -6.98
N TYR A 22 6.46 -5.44 -6.05
CA TYR A 22 6.68 -5.20 -4.64
C TYR A 22 8.16 -5.03 -4.33
N LEU A 23 9.00 -5.76 -5.06
CA LEU A 23 10.45 -5.69 -4.87
C LEU A 23 10.97 -4.31 -5.25
N SER A 24 10.44 -3.75 -6.32
CA SER A 24 10.86 -2.43 -6.80
C SER A 24 10.53 -1.35 -5.76
N MET A 25 9.51 -1.62 -4.95
CA MET A 25 9.10 -0.67 -3.91
C MET A 25 9.97 -0.80 -2.68
N LYS A 26 10.57 -1.98 -2.50
CA LYS A 26 11.44 -2.24 -1.36
C LYS A 26 12.73 -1.44 -1.47
N ASP A 27 13.13 -1.12 -2.69
CA ASP A 27 14.34 -0.35 -2.94
C ASP A 27 14.35 0.94 -2.13
N THR A 28 15.54 1.42 -1.78
CA THR A 28 15.67 2.64 -1.02
C THR A 28 15.62 3.87 -1.92
N GLU A 29 16.18 3.74 -3.11
CA GLU A 29 16.19 4.84 -4.07
C GLU A 29 15.23 4.57 -5.22
N LYS A 30 14.93 3.30 -5.45
CA LYS A 30 14.02 2.91 -6.52
C LYS A 30 12.70 2.39 -5.95
N GLY A 31 12.51 2.59 -4.65
CA GLY A 31 11.28 2.14 -4.00
C GLY A 31 10.45 3.28 -3.47
N ILE A 32 9.35 2.95 -2.80
CA ILE A 32 8.47 3.96 -2.22
C ILE A 32 9.03 4.50 -0.92
N LYS A 33 9.11 5.83 -0.81
CA LYS A 33 9.63 6.48 0.39
C LYS A 33 8.66 6.29 1.56
N GLU A 34 9.20 6.26 2.77
CA GLU A 34 8.39 6.10 3.97
C GLU A 34 8.65 7.22 4.96
N LEU A 35 7.59 7.70 5.60
CA LEU A 35 7.71 8.78 6.58
C LEU A 35 7.29 8.31 7.96
N ASN A 36 7.35 9.21 8.94
CA ASN A 36 6.97 8.89 10.31
C ASN A 36 5.96 9.90 10.84
N LEU A 37 4.70 9.73 10.45
CA LEU A 37 3.63 10.62 10.89
C LEU A 37 2.91 10.05 12.11
N GLU A 38 2.09 10.88 12.73
CA GLU A 38 1.33 10.46 13.92
C GLU A 38 -0.17 10.66 13.71
N LYS A 39 -0.94 9.60 13.89
CA LYS A 39 -2.39 9.67 13.73
C LYS A 39 -3.09 8.78 14.75
N ASP A 40 -4.11 9.33 15.39
CA ASP A 40 -4.88 8.59 16.40
C ASP A 40 -4.00 8.23 17.58
N LYS A 41 -3.23 9.19 18.06
CA LYS A 41 -2.33 8.97 19.19
C LYS A 41 -1.40 7.78 18.94
N LYS A 42 -1.04 7.60 17.67
CA LYS A 42 -0.15 6.49 17.31
C LYS A 42 0.77 6.91 16.16
N ILE A 43 2.07 6.74 16.36
CA ILE A 43 3.06 7.10 15.35
C ILE A 43 3.36 5.91 14.44
N PHE A 44 2.96 6.02 13.18
CA PHE A 44 3.19 4.96 12.21
C PHE A 44 4.51 5.16 11.47
N ASN A 45 5.51 4.37 11.83
CA ASN A 45 6.83 4.47 11.20
C ASN A 45 6.86 3.68 9.89
N HIS A 46 7.95 3.85 9.14
CA HIS A 46 8.11 3.17 7.87
C HIS A 46 6.78 3.06 7.14
N CYS A 47 5.98 4.12 7.20
CA CYS A 47 4.68 4.15 6.55
C CYS A 47 4.62 5.26 5.51
N PHE A 48 3.92 5.01 4.42
CA PHE A 48 3.78 5.99 3.35
C PHE A 48 2.32 6.38 3.15
N THR A 49 2.08 7.30 2.22
CA THR A 49 0.73 7.77 1.95
C THR A 49 0.13 7.03 0.75
N GLY A 50 -1.20 6.95 0.71
CA GLY A 50 -1.87 6.27 -0.38
C GLY A 50 -1.43 6.77 -1.74
N ASN A 51 -1.36 8.09 -1.89
CA ASN A 51 -0.96 8.71 -3.14
C ASN A 51 0.39 8.17 -3.60
N CYS A 52 1.38 8.25 -2.72
CA CYS A 52 2.72 7.76 -3.04
C CYS A 52 2.65 6.49 -3.89
N VAL A 53 1.87 5.52 -3.42
CA VAL A 53 1.72 4.26 -4.14
C VAL A 53 1.30 4.49 -5.59
N ILE A 54 0.14 5.12 -5.77
CA ILE A 54 -0.37 5.41 -7.11
C ILE A 54 0.70 6.06 -7.98
N ASP A 55 1.08 7.29 -7.63
CA ASP A 55 2.10 8.01 -8.39
C ASP A 55 3.33 7.14 -8.62
N TRP A 56 3.93 6.66 -7.54
CA TRP A 56 5.11 5.81 -7.64
C TRP A 56 5.02 4.89 -8.83
N LEU A 57 3.89 4.21 -8.97
CA LEU A 57 3.68 3.29 -10.09
C LEU A 57 3.76 4.02 -11.42
N VAL A 58 3.15 5.21 -11.49
CA VAL A 58 3.16 6.01 -12.70
C VAL A 58 4.57 6.47 -13.05
N SER A 59 5.24 7.09 -12.08
CA SER A 59 6.60 7.57 -12.28
C SER A 59 7.51 6.46 -12.78
N ASN A 60 7.21 5.23 -12.38
CA ASN A 60 8.00 4.08 -12.79
C ASN A 60 7.54 3.54 -14.13
N GLN A 61 6.73 4.33 -14.84
CA GLN A 61 6.21 3.94 -16.14
C GLN A 61 5.45 2.61 -16.04
N SER A 62 4.91 2.32 -14.87
CA SER A 62 4.18 1.08 -14.65
C SER A 62 2.72 1.23 -15.09
N VAL A 63 2.21 2.45 -15.03
CA VAL A 63 0.83 2.72 -15.43
C VAL A 63 0.76 3.95 -16.32
N ARG A 64 -0.38 4.13 -16.99
CA ARG A 64 -0.58 5.27 -17.88
C ARG A 64 -1.00 6.50 -17.09
N ASN A 65 -1.77 6.30 -16.04
CA ASN A 65 -2.23 7.39 -15.20
C ASN A 65 -2.46 6.93 -13.77
N ARG A 66 -2.96 7.83 -12.93
CA ARG A 66 -3.23 7.52 -11.52
C ARG A 66 -4.20 6.35 -11.40
N GLN A 67 -5.40 6.52 -11.96
CA GLN A 67 -6.42 5.49 -11.92
C GLN A 67 -5.82 4.13 -12.25
N GLU A 68 -5.06 4.06 -13.34
CA GLU A 68 -4.43 2.83 -13.77
C GLU A 68 -3.64 2.19 -12.62
N GLY A 69 -3.03 3.02 -11.79
CA GLY A 69 -2.26 2.52 -10.67
C GLY A 69 -3.13 2.10 -9.51
N LEU A 70 -4.38 2.56 -9.51
CA LEU A 70 -5.32 2.23 -8.45
C LEU A 70 -5.49 0.72 -8.32
N MET A 71 -5.63 0.06 -9.46
CA MET A 71 -5.80 -1.40 -9.48
C MET A 71 -4.57 -2.10 -8.91
N ILE A 72 -3.43 -1.86 -9.54
CA ILE A 72 -2.17 -2.47 -9.10
C ILE A 72 -2.00 -2.32 -7.59
N ALA A 73 -2.27 -1.13 -7.08
CA ALA A 73 -2.15 -0.87 -5.64
C ALA A 73 -3.09 -1.75 -4.84
N SER A 74 -4.31 -1.91 -5.34
CA SER A 74 -5.31 -2.72 -4.66
C SER A 74 -4.85 -4.17 -4.53
N SER A 75 -4.45 -4.76 -5.66
CA SER A 75 -3.98 -6.14 -5.66
C SER A 75 -2.88 -6.34 -4.63
N LEU A 76 -1.95 -5.42 -4.57
CA LEU A 76 -0.84 -5.49 -3.62
C LEU A 76 -1.35 -5.74 -2.21
N LEU A 77 -2.52 -5.20 -1.90
CA LEU A 77 -3.13 -5.37 -0.59
C LEU A 77 -3.82 -6.72 -0.47
N ASN A 78 -4.26 -7.25 -1.61
CA ASN A 78 -4.94 -8.54 -1.64
C ASN A 78 -3.95 -9.67 -1.39
N GLU A 79 -2.74 -9.51 -1.88
CA GLU A 79 -1.70 -10.52 -1.72
C GLU A 79 -1.01 -10.38 -0.36
N GLY A 80 -0.84 -9.13 0.08
CA GLY A 80 -0.20 -8.89 1.36
C GLY A 80 1.00 -7.97 1.23
N TYR A 81 1.44 -7.72 -0.01
CA TYR A 81 2.58 -6.86 -0.25
C TYR A 81 2.47 -5.56 0.54
N LEU A 82 1.24 -5.09 0.71
CA LEU A 82 0.99 -3.85 1.44
C LEU A 82 -0.03 -4.08 2.55
N GLN A 83 0.14 -3.36 3.67
CA GLN A 83 -0.76 -3.48 4.80
C GLN A 83 -1.27 -2.11 5.24
N PRO A 84 -2.56 -2.05 5.59
CA PRO A 84 -3.19 -0.80 6.04
C PRO A 84 -2.69 -0.35 7.42
N ALA A 85 -2.64 0.96 7.63
CA ALA A 85 -2.18 1.51 8.89
C ALA A 85 -3.11 2.62 9.37
N GLY A 86 -4.09 2.25 10.17
CA GLY A 86 -5.04 3.24 10.69
C GLY A 86 -6.47 2.92 10.29
N ASP A 87 -7.42 3.48 11.04
CA ASP A 87 -8.84 3.25 10.76
C ASP A 87 -9.19 3.73 9.36
N MET A 88 -8.35 4.59 8.79
CA MET A 88 -8.58 5.12 7.46
C MET A 88 -8.73 4.00 6.44
N SER A 89 -7.65 3.26 6.21
CA SER A 89 -7.66 2.15 5.25
C SER A 89 -8.31 0.92 5.87
N LYS A 90 -7.99 0.66 7.14
CA LYS A 90 -8.53 -0.49 7.84
C LYS A 90 -10.02 -0.67 7.53
N SER A 91 -10.71 0.44 7.29
CA SER A 91 -12.12 0.42 6.99
C SER A 91 -12.37 -0.05 5.55
N ALA A 92 -11.59 0.48 4.63
CA ALA A 92 -11.71 0.11 3.22
C ALA A 92 -11.56 -1.39 3.03
N VAL A 93 -10.44 -1.93 3.52
CA VAL A 93 -10.18 -3.37 3.41
C VAL A 93 -11.32 -4.18 4.00
N ASP A 94 -11.85 -3.71 5.13
CA ASP A 94 -12.95 -4.40 5.80
C ASP A 94 -14.27 -3.67 5.58
N GLY A 95 -14.49 -3.23 4.34
CA GLY A 95 -15.72 -2.51 4.02
C GLY A 95 -16.26 -2.89 2.66
N THR A 96 -17.30 -2.18 2.23
CA THR A 96 -17.91 -2.44 0.93
C THR A 96 -17.33 -1.53 -0.15
N ALA A 97 -16.19 -1.94 -0.71
CA ALA A 97 -15.53 -1.17 -1.76
C ALA A 97 -14.78 -2.08 -2.73
N GLU A 98 -15.03 -1.89 -4.02
CA GLU A 98 -14.39 -2.70 -5.04
C GLU A 98 -12.89 -2.80 -4.79
N ASN A 99 -12.27 -1.67 -4.43
CA ASN A 99 -10.84 -1.63 -4.16
C ASN A 99 -10.58 -1.25 -2.70
N PRO A 100 -9.90 -2.15 -1.98
CA PRO A 100 -9.57 -1.93 -0.57
C PRO A 100 -8.51 -0.84 -0.39
N PHE A 101 -7.94 -0.39 -1.49
CA PHE A 101 -6.91 0.66 -1.45
C PHE A 101 -7.55 2.05 -1.59
N LEU A 102 -6.78 3.07 -1.21
CA LEU A 102 -7.27 4.44 -1.29
C LEU A 102 -6.19 5.37 -1.85
N ASP A 103 -6.51 6.06 -2.93
CA ASP A 103 -5.57 6.98 -3.55
C ASP A 103 -5.54 8.32 -2.82
N ASN A 104 -5.67 8.26 -1.50
CA ASN A 104 -5.67 9.46 -0.67
C ASN A 104 -4.33 9.60 0.06
N PRO A 105 -3.87 10.85 0.21
CA PRO A 105 -2.61 11.16 0.89
C PRO A 105 -2.69 10.91 2.39
N ASP A 106 -3.91 10.81 2.91
CA ASP A 106 -4.12 10.57 4.33
C ASP A 106 -4.01 9.08 4.65
N ALA A 107 -4.27 8.24 3.66
CA ALA A 107 -4.18 6.79 3.83
C ALA A 107 -2.75 6.35 4.07
N PHE A 108 -2.53 5.61 5.16
CA PHE A 108 -1.21 5.12 5.50
C PHE A 108 -1.06 3.63 5.17
N TYR A 109 0.12 3.26 4.68
CA TYR A 109 0.38 1.87 4.31
C TYR A 109 1.86 1.53 4.50
N TYR A 110 2.14 0.25 4.72
CA TYR A 110 3.50 -0.21 4.91
C TYR A 110 3.71 -1.60 4.31
N PHE A 111 4.94 -2.08 4.36
CA PHE A 111 5.27 -3.40 3.82
C PHE A 111 5.41 -4.42 4.95
N PRO A 112 5.03 -5.67 4.65
CA PRO A 112 5.10 -6.77 5.62
C PRO A 112 6.54 -7.18 5.92
N ASP A 113 7.48 -6.56 5.22
CA ASP A 113 8.90 -6.86 5.42
C ASP A 113 9.61 -5.71 6.11
N SER A 114 9.28 -4.48 5.69
CA SER A 114 9.89 -3.29 6.27
C SER A 114 9.99 -3.41 7.79
N GLY A 115 8.83 -3.45 8.45
CA GLY A 115 8.81 -3.56 9.89
C GLY A 115 8.03 -2.45 10.55
N PHE A 116 6.79 -2.24 10.10
CA PHE A 116 5.94 -1.19 10.65
C PHE A 116 5.77 -1.36 12.15
N PHE A 117 5.42 -0.27 12.82
CA PHE A 117 5.22 -0.30 14.27
C PHE A 117 4.58 1.00 14.75
N CYS A 118 3.74 0.89 15.78
CA CYS A 118 3.06 2.05 16.34
C CYS A 118 3.60 2.38 17.74
N GLU A 119 3.65 3.66 18.05
CA GLU A 119 4.14 4.10 19.35
C GLU A 119 3.06 4.87 20.11
N GLU A 120 2.14 4.12 20.72
CA GLU A 120 1.04 4.72 21.47
C GLU A 120 1.54 5.90 22.30
N ASN A 121 1.46 7.10 21.73
CA ASN A 121 1.90 8.30 22.41
C ASN A 121 1.11 8.52 23.70
N SER A 122 1.55 9.49 24.50
CA SER A 122 0.89 9.79 25.77
C SER A 122 0.64 11.30 25.89
N GLY A 123 1.71 12.07 25.87
CA GLY A 123 1.59 13.51 25.99
C GLY A 123 1.72 14.00 27.42
N PRO A 124 1.62 15.32 27.62
CA PRO A 124 1.73 15.94 28.94
C PRO A 124 0.54 15.61 29.84
N SER A 125 0.57 16.14 31.06
CA SER A 125 -0.51 15.90 32.02
C SER A 125 -0.31 16.71 33.28
N SER A 126 -1.37 16.90 34.04
CA SER A 126 -1.31 17.67 35.28
C SER A 126 -1.25 16.74 36.50
N GLY A 127 -0.04 16.48 36.97
CA GLY A 127 0.15 15.62 38.12
C GLY A 127 1.59 15.17 38.30
N GLY A 1 6.36 -25.59 -5.56
CA GLY A 1 5.74 -24.82 -6.64
C GLY A 1 4.70 -25.62 -7.39
N SER A 2 4.11 -25.01 -8.41
CA SER A 2 3.09 -25.68 -9.21
C SER A 2 2.79 -24.87 -10.48
N SER A 3 2.13 -25.52 -11.44
CA SER A 3 1.80 -24.87 -12.70
C SER A 3 0.39 -25.27 -13.15
N GLY A 4 -0.29 -24.35 -13.82
CA GLY A 4 -1.63 -24.62 -14.30
C GLY A 4 -2.55 -23.43 -14.15
N SER A 5 -3.31 -23.13 -15.20
CA SER A 5 -4.23 -21.99 -15.19
C SER A 5 -5.23 -22.10 -16.33
N SER A 6 -6.27 -21.27 -16.27
CA SER A 6 -7.30 -21.27 -17.30
C SER A 6 -8.11 -19.97 -17.25
N GLY A 7 -9.06 -19.84 -18.18
CA GLY A 7 -9.88 -18.65 -18.24
C GLY A 7 -9.71 -17.89 -19.53
N ARG A 8 -10.78 -17.23 -19.98
CA ARG A 8 -10.75 -16.46 -21.22
C ARG A 8 -9.73 -15.33 -21.14
N SER A 9 -9.97 -14.40 -20.24
CA SER A 9 -9.07 -13.25 -20.05
C SER A 9 -8.75 -13.05 -18.58
N ILE A 10 -7.89 -12.07 -18.31
CA ILE A 10 -7.50 -11.77 -16.93
C ILE A 10 -7.66 -10.28 -16.62
N ARG A 11 -8.04 -9.98 -15.39
CA ARG A 11 -8.24 -8.59 -14.96
C ARG A 11 -6.91 -7.87 -14.84
N LEU A 12 -5.99 -8.47 -14.08
CA LEU A 12 -4.67 -7.88 -13.88
C LEU A 12 -3.84 -7.96 -15.15
N PRO A 13 -2.82 -7.08 -15.25
CA PRO A 13 -1.93 -7.03 -16.41
C PRO A 13 -1.01 -8.25 -16.49
N GLU A 14 -1.34 -9.16 -17.39
CA GLU A 14 -0.54 -10.37 -17.57
C GLU A 14 0.91 -10.03 -17.90
N THR A 15 1.12 -8.85 -18.47
CA THR A 15 2.47 -8.40 -18.82
C THR A 15 3.21 -7.88 -17.61
N ILE A 16 2.66 -8.13 -16.42
CA ILE A 16 3.28 -7.69 -15.18
C ILE A 16 3.14 -8.74 -14.09
N ASP A 17 4.01 -8.67 -13.09
CA ASP A 17 3.99 -9.61 -11.98
C ASP A 17 4.06 -8.89 -10.64
N LEU A 18 2.93 -8.82 -9.94
CA LEU A 18 2.87 -8.15 -8.65
C LEU A 18 4.13 -8.40 -7.84
N GLY A 19 4.50 -9.67 -7.72
CA GLY A 19 5.69 -10.03 -6.97
C GLY A 19 6.89 -9.19 -7.34
N ALA A 20 7.16 -9.08 -8.64
CA ALA A 20 8.29 -8.30 -9.13
C ALA A 20 8.11 -6.82 -8.81
N LEU A 21 6.86 -6.35 -8.89
CA LEU A 21 6.55 -4.95 -8.61
C LEU A 21 6.85 -4.61 -7.15
N TYR A 22 6.32 -5.41 -6.23
CA TYR A 22 6.54 -5.19 -4.80
C TYR A 22 8.02 -5.05 -4.49
N LEU A 23 8.85 -5.78 -5.24
CA LEU A 23 10.30 -5.73 -5.05
C LEU A 23 10.85 -4.34 -5.36
N SER A 24 10.35 -3.74 -6.44
CA SER A 24 10.78 -2.41 -6.84
C SER A 24 10.46 -1.38 -5.76
N MET A 25 9.41 -1.63 -5.01
CA MET A 25 9.00 -0.73 -3.94
C MET A 25 9.86 -0.92 -2.70
N LYS A 26 10.62 -2.01 -2.69
CA LYS A 26 11.51 -2.31 -1.56
C LYS A 26 12.82 -1.55 -1.68
N ASP A 27 13.10 -1.03 -2.87
CA ASP A 27 14.33 -0.28 -3.11
C ASP A 27 14.32 1.03 -2.33
N THR A 28 15.52 1.51 -1.98
CA THR A 28 15.65 2.76 -1.23
C THR A 28 15.55 3.97 -2.16
N GLU A 29 16.04 3.81 -3.38
CA GLU A 29 16.00 4.89 -4.36
C GLU A 29 15.02 4.58 -5.49
N LYS A 30 14.76 3.30 -5.70
CA LYS A 30 13.84 2.86 -6.74
C LYS A 30 12.55 2.31 -6.14
N GLY A 31 12.37 2.52 -4.84
CA GLY A 31 11.18 2.04 -4.17
C GLY A 31 10.42 3.16 -3.47
N ILE A 32 9.34 2.80 -2.80
CA ILE A 32 8.52 3.77 -2.09
C ILE A 32 9.14 4.14 -0.74
N LYS A 33 9.27 5.44 -0.48
CA LYS A 33 9.85 5.92 0.76
C LYS A 33 8.79 6.00 1.86
N GLU A 34 9.22 5.87 3.11
CA GLU A 34 8.31 5.93 4.25
C GLU A 34 8.52 7.21 5.05
N LEU A 35 7.44 7.77 5.57
CA LEU A 35 7.50 8.99 6.35
C LEU A 35 7.07 8.74 7.80
N ASN A 36 7.15 9.77 8.63
CA ASN A 36 6.77 9.66 10.03
C ASN A 36 5.71 10.69 10.38
N LEU A 37 4.44 10.28 10.31
CA LEU A 37 3.33 11.17 10.62
C LEU A 37 2.78 10.87 12.01
N GLU A 38 1.88 11.74 12.48
CA GLU A 38 1.27 11.56 13.79
C GLU A 38 -0.25 11.72 13.71
N LYS A 39 -0.94 10.62 13.44
CA LYS A 39 -2.40 10.63 13.35
C LYS A 39 -3.02 9.75 14.42
N ASP A 40 -4.21 10.13 14.88
CA ASP A 40 -4.91 9.38 15.91
C ASP A 40 -4.03 9.16 17.13
N LYS A 41 -3.50 10.25 17.68
CA LYS A 41 -2.63 10.19 18.85
C LYS A 41 -1.64 9.04 18.72
N LYS A 42 -1.30 8.69 17.48
CA LYS A 42 -0.35 7.61 17.22
C LYS A 42 0.60 7.98 16.09
N ILE A 43 1.88 7.69 16.28
CA ILE A 43 2.89 7.99 15.27
C ILE A 43 3.33 6.72 14.54
N PHE A 44 2.85 6.55 13.31
CA PHE A 44 3.20 5.39 12.52
C PHE A 44 4.58 5.55 11.88
N ASN A 45 5.48 4.62 12.18
CA ASN A 45 6.83 4.65 11.65
C ASN A 45 6.96 3.75 10.43
N HIS A 46 7.83 4.14 9.50
CA HIS A 46 8.04 3.37 8.29
C HIS A 46 6.73 3.15 7.53
N CYS A 47 5.99 4.23 7.31
CA CYS A 47 4.73 4.16 6.61
C CYS A 47 4.63 5.24 5.53
N PHE A 48 4.04 4.89 4.40
CA PHE A 48 3.89 5.83 3.29
C PHE A 48 2.42 6.16 3.06
N THR A 49 2.17 7.34 2.49
CA THR A 49 0.82 7.79 2.22
C THR A 49 0.17 6.93 1.14
N GLY A 50 -1.07 7.26 0.80
CA GLY A 50 -1.78 6.51 -0.23
C GLY A 50 -1.47 6.99 -1.63
N ASN A 51 -1.53 8.31 -1.83
CA ASN A 51 -1.25 8.90 -3.13
C ASN A 51 0.13 8.49 -3.63
N CYS A 52 1.14 8.69 -2.78
CA CYS A 52 2.51 8.34 -3.14
C CYS A 52 2.57 6.97 -3.82
N VAL A 53 1.84 6.01 -3.27
CA VAL A 53 1.80 4.67 -3.82
C VAL A 53 1.40 4.68 -5.28
N ILE A 54 0.39 5.49 -5.61
CA ILE A 54 -0.08 5.59 -6.97
C ILE A 54 0.93 6.31 -7.86
N ASP A 55 1.27 7.54 -7.49
CA ASP A 55 2.24 8.32 -8.25
C ASP A 55 3.52 7.51 -8.52
N TRP A 56 3.91 6.72 -7.53
CA TRP A 56 5.11 5.90 -7.65
C TRP A 56 5.01 4.96 -8.85
N LEU A 57 3.86 4.31 -9.00
CA LEU A 57 3.64 3.39 -10.10
C LEU A 57 3.76 4.11 -11.44
N VAL A 58 3.09 5.26 -11.55
CA VAL A 58 3.12 6.04 -12.78
C VAL A 58 4.54 6.51 -13.10
N SER A 59 5.21 7.07 -12.10
CA SER A 59 6.57 7.56 -12.27
C SER A 59 7.49 6.44 -12.78
N ASN A 60 7.16 5.21 -12.42
CA ASN A 60 7.95 4.06 -12.85
C ASN A 60 7.51 3.56 -14.22
N GLN A 61 6.74 4.39 -14.91
CA GLN A 61 6.24 4.03 -16.25
C GLN A 61 5.58 2.66 -16.23
N SER A 62 4.97 2.32 -15.09
CA SER A 62 4.30 1.03 -14.96
C SER A 62 2.83 1.14 -15.34
N VAL A 63 2.25 2.32 -15.13
CA VAL A 63 0.84 2.55 -15.46
C VAL A 63 0.69 3.74 -16.39
N ARG A 64 -0.46 3.81 -17.06
CA ARG A 64 -0.73 4.89 -18.00
C ARG A 64 -1.09 6.18 -17.26
N ASN A 65 -1.77 6.03 -16.12
CA ASN A 65 -2.17 7.17 -15.32
C ASN A 65 -2.37 6.77 -13.86
N ARG A 66 -2.81 7.72 -13.04
CA ARG A 66 -3.03 7.47 -11.63
C ARG A 66 -4.02 6.33 -11.43
N GLN A 67 -5.23 6.49 -11.95
CA GLN A 67 -6.27 5.47 -11.84
C GLN A 67 -5.70 4.08 -12.14
N GLU A 68 -4.94 3.99 -13.23
CA GLU A 68 -4.35 2.72 -13.63
C GLU A 68 -3.63 2.06 -12.46
N GLY A 69 -2.94 2.88 -11.66
CA GLY A 69 -2.22 2.35 -10.51
C GLY A 69 -3.14 1.94 -9.38
N LEU A 70 -4.34 2.51 -9.36
CA LEU A 70 -5.32 2.19 -8.33
C LEU A 70 -5.53 0.68 -8.22
N MET A 71 -5.69 0.03 -9.37
CA MET A 71 -5.90 -1.41 -9.40
C MET A 71 -4.66 -2.14 -8.89
N ILE A 72 -3.51 -1.87 -9.51
CA ILE A 72 -2.26 -2.51 -9.12
C ILE A 72 -2.00 -2.33 -7.63
N ALA A 73 -2.40 -1.19 -7.09
CA ALA A 73 -2.20 -0.89 -5.68
C ALA A 73 -3.14 -1.71 -4.82
N SER A 74 -4.37 -1.93 -5.32
CA SER A 74 -5.36 -2.70 -4.59
C SER A 74 -4.95 -4.16 -4.47
N SER A 75 -4.56 -4.74 -5.59
CA SER A 75 -4.14 -6.15 -5.62
C SER A 75 -3.02 -6.40 -4.61
N LEU A 76 -2.06 -5.49 -4.57
CA LEU A 76 -0.94 -5.61 -3.64
C LEU A 76 -1.43 -5.85 -2.22
N LEU A 77 -2.52 -5.19 -1.86
CA LEU A 77 -3.09 -5.32 -0.52
C LEU A 77 -3.83 -6.65 -0.39
N ASN A 78 -4.28 -7.20 -1.51
CA ASN A 78 -5.01 -8.46 -1.51
C ASN A 78 -4.05 -9.64 -1.33
N GLU A 79 -2.83 -9.49 -1.85
CA GLU A 79 -1.83 -10.53 -1.75
C GLU A 79 -1.09 -10.44 -0.42
N GLY A 80 -0.87 -9.21 0.05
CA GLY A 80 -0.17 -9.00 1.31
C GLY A 80 1.02 -8.08 1.16
N TYR A 81 1.45 -7.85 -0.08
CA TYR A 81 2.59 -6.98 -0.35
C TYR A 81 2.48 -5.68 0.43
N LEU A 82 1.26 -5.21 0.61
CA LEU A 82 1.01 -3.97 1.34
C LEU A 82 0.00 -4.19 2.46
N GLN A 83 0.21 -3.50 3.58
CA GLN A 83 -0.69 -3.62 4.72
C GLN A 83 -1.23 -2.25 5.13
N PRO A 84 -2.54 -2.20 5.42
CA PRO A 84 -3.21 -0.97 5.83
C PRO A 84 -2.79 -0.51 7.22
N ALA A 85 -2.72 0.81 7.41
CA ALA A 85 -2.33 1.37 8.70
C ALA A 85 -3.23 2.54 9.08
N GLY A 86 -4.11 2.32 10.05
CA GLY A 86 -5.01 3.37 10.49
C GLY A 86 -6.46 3.05 10.19
N ASP A 87 -7.34 3.38 11.12
CA ASP A 87 -8.77 3.13 10.95
C ASP A 87 -9.23 3.55 9.55
N MET A 88 -8.58 4.56 9.00
CA MET A 88 -8.93 5.06 7.67
C MET A 88 -8.99 3.92 6.66
N SER A 89 -7.83 3.33 6.37
CA SER A 89 -7.76 2.22 5.43
C SER A 89 -8.37 0.96 6.01
N LYS A 90 -8.05 0.69 7.28
CA LYS A 90 -8.57 -0.49 7.96
C LYS A 90 -10.08 -0.64 7.75
N SER A 91 -10.73 0.47 7.39
CA SER A 91 -12.16 0.48 7.15
C SER A 91 -12.48 0.09 5.70
N ALA A 92 -11.62 0.53 4.79
CA ALA A 92 -11.81 0.23 3.37
C ALA A 92 -11.43 -1.21 3.05
N VAL A 93 -10.52 -1.77 3.85
CA VAL A 93 -10.08 -3.14 3.66
C VAL A 93 -11.04 -4.13 4.32
N ASP A 94 -11.75 -3.67 5.34
CA ASP A 94 -12.69 -4.50 6.05
C ASP A 94 -14.09 -4.40 5.44
N GLY A 95 -14.49 -3.19 5.09
CA GLY A 95 -15.79 -2.97 4.49
C GLY A 95 -15.96 -3.72 3.19
N THR A 96 -17.20 -3.78 2.69
CA THR A 96 -17.48 -4.47 1.44
C THR A 96 -17.26 -3.55 0.24
N ALA A 97 -16.01 -3.40 -0.16
CA ALA A 97 -15.66 -2.56 -1.30
C ALA A 97 -14.85 -3.32 -2.33
N GLU A 98 -14.86 -2.83 -3.56
CA GLU A 98 -14.12 -3.48 -4.65
C GLU A 98 -12.62 -3.21 -4.52
N ASN A 99 -12.27 -1.97 -4.22
CA ASN A 99 -10.87 -1.58 -4.07
C ASN A 99 -10.57 -1.17 -2.63
N PRO A 100 -9.93 -2.07 -1.88
CA PRO A 100 -9.56 -1.83 -0.49
C PRO A 100 -8.46 -0.78 -0.34
N PHE A 101 -8.03 -0.22 -1.47
CA PHE A 101 -6.98 0.79 -1.47
C PHE A 101 -7.58 2.18 -1.59
N LEU A 102 -6.83 3.18 -1.10
CA LEU A 102 -7.29 4.57 -1.15
C LEU A 102 -6.20 5.48 -1.70
N ASP A 103 -6.47 6.08 -2.86
CA ASP A 103 -5.51 6.98 -3.48
C ASP A 103 -5.47 8.33 -2.76
N ASN A 104 -5.45 8.28 -1.44
CA ASN A 104 -5.41 9.50 -0.63
C ASN A 104 -4.06 9.64 0.07
N PRO A 105 -3.59 10.89 0.18
CA PRO A 105 -2.30 11.19 0.84
C PRO A 105 -2.36 10.98 2.34
N ASP A 106 -3.57 10.80 2.86
CA ASP A 106 -3.75 10.58 4.30
C ASP A 106 -3.57 9.12 4.65
N ALA A 107 -4.17 8.24 3.84
CA ALA A 107 -4.08 6.80 4.07
C ALA A 107 -2.62 6.36 4.20
N PHE A 108 -2.32 5.62 5.26
CA PHE A 108 -0.97 5.13 5.49
C PHE A 108 -0.85 3.67 5.11
N TYR A 109 0.33 3.28 4.65
CA TYR A 109 0.58 1.90 4.23
C TYR A 109 2.03 1.49 4.53
N TYR A 110 2.25 0.20 4.69
CA TYR A 110 3.59 -0.32 4.98
C TYR A 110 3.76 -1.73 4.42
N PHE A 111 5.01 -2.17 4.30
CA PHE A 111 5.30 -3.49 3.78
C PHE A 111 5.45 -4.50 4.92
N PRO A 112 5.04 -5.75 4.65
CA PRO A 112 5.11 -6.83 5.64
C PRO A 112 6.55 -7.25 5.94
N ASP A 113 7.44 -7.05 4.97
CA ASP A 113 8.85 -7.40 5.13
C ASP A 113 9.55 -6.42 6.06
N SER A 114 9.27 -5.12 5.86
CA SER A 114 9.88 -4.08 6.66
C SER A 114 9.45 -4.19 8.13
N GLY A 115 10.06 -3.38 8.99
CA GLY A 115 9.71 -3.40 10.40
C GLY A 115 8.87 -2.22 10.80
N PHE A 116 7.55 -2.37 10.74
CA PHE A 116 6.63 -1.30 11.10
C PHE A 116 6.30 -1.35 12.59
N PHE A 117 6.23 -0.18 13.21
CA PHE A 117 5.91 -0.10 14.63
C PHE A 117 5.07 1.13 14.93
N CYS A 118 4.04 0.96 15.77
CA CYS A 118 3.15 2.05 16.13
C CYS A 118 3.40 2.49 17.57
N GLU A 119 3.67 3.78 17.76
CA GLU A 119 3.93 4.33 19.09
C GLU A 119 2.78 5.23 19.53
N GLU A 120 2.29 4.99 20.74
CA GLU A 120 1.18 5.78 21.28
C GLU A 120 1.70 7.08 21.90
N ASN A 121 1.55 8.18 21.16
CA ASN A 121 2.00 9.48 21.64
C ASN A 121 1.47 9.76 23.05
N SER A 122 0.18 9.51 23.23
CA SER A 122 -0.46 9.74 24.52
C SER A 122 -0.39 8.50 25.40
N GLY A 123 -0.52 8.70 26.70
CA GLY A 123 -0.46 7.57 27.63
C GLY A 123 -1.33 7.79 28.85
N PRO A 124 -1.01 7.09 29.95
CA PRO A 124 -1.76 7.19 31.20
C PRO A 124 -1.57 8.54 31.88
N SER A 125 -2.45 9.49 31.57
CA SER A 125 -2.37 10.82 32.15
C SER A 125 -3.18 10.90 33.44
N SER A 126 -2.51 10.71 34.56
CA SER A 126 -3.17 10.75 35.86
C SER A 126 -4.34 9.77 35.91
N GLY A 127 -4.19 8.64 35.24
CA GLY A 127 -5.24 7.64 35.23
C GLY A 127 -4.94 6.46 36.12
N GLY A 1 -8.76 -16.82 0.71
CA GLY A 1 -9.50 -17.65 -0.22
C GLY A 1 -10.01 -16.88 -1.42
N SER A 2 -11.33 -16.80 -1.55
CA SER A 2 -11.95 -16.08 -2.66
C SER A 2 -11.55 -16.70 -3.99
N SER A 3 -11.53 -18.03 -4.05
CA SER A 3 -11.16 -18.74 -5.26
C SER A 3 -12.08 -19.94 -5.50
N GLY A 4 -12.17 -20.37 -6.75
CA GLY A 4 -13.02 -21.50 -7.08
C GLY A 4 -14.14 -21.12 -8.03
N SER A 5 -13.82 -21.08 -9.33
CA SER A 5 -14.81 -20.72 -10.34
C SER A 5 -14.42 -21.30 -11.70
N SER A 6 -15.41 -21.41 -12.58
CA SER A 6 -15.18 -21.95 -13.92
C SER A 6 -14.75 -20.85 -14.88
N GLY A 7 -13.65 -21.08 -15.59
CA GLY A 7 -13.15 -20.11 -16.54
C GLY A 7 -12.72 -18.82 -15.87
N ARG A 8 -11.72 -18.91 -14.99
CA ARG A 8 -11.21 -17.75 -14.28
C ARG A 8 -10.60 -16.74 -15.24
N SER A 9 -10.93 -15.47 -15.06
CA SER A 9 -10.41 -14.41 -15.92
C SER A 9 -9.20 -13.73 -15.28
N ILE A 10 -8.59 -12.80 -16.01
CA ILE A 10 -7.43 -12.09 -15.53
C ILE A 10 -7.58 -10.59 -15.72
N ARG A 11 -7.71 -9.86 -14.62
CA ARG A 11 -7.87 -8.40 -14.68
C ARG A 11 -6.51 -7.71 -14.65
N LEU A 12 -5.62 -8.20 -13.80
CA LEU A 12 -4.29 -7.62 -13.67
C LEU A 12 -3.52 -7.74 -14.99
N PRO A 13 -2.50 -6.88 -15.16
CA PRO A 13 -1.67 -6.88 -16.37
C PRO A 13 -0.77 -8.11 -16.45
N GLU A 14 -1.18 -9.08 -17.25
CA GLU A 14 -0.41 -10.31 -17.42
C GLU A 14 1.04 -10.00 -17.78
N THR A 15 1.25 -8.84 -18.39
CA THR A 15 2.59 -8.42 -18.79
C THR A 15 3.38 -7.90 -17.60
N ILE A 16 2.84 -8.10 -16.40
CA ILE A 16 3.50 -7.64 -15.18
C ILE A 16 3.30 -8.65 -14.05
N ASP A 17 4.21 -8.64 -13.09
CA ASP A 17 4.15 -9.55 -11.96
C ASP A 17 4.20 -8.77 -10.64
N LEU A 18 3.12 -8.84 -9.87
CA LEU A 18 3.03 -8.15 -8.59
C LEU A 18 4.31 -8.37 -7.77
N GLY A 19 4.72 -9.63 -7.66
CA GLY A 19 5.91 -9.96 -6.91
C GLY A 19 7.08 -9.07 -7.25
N ALA A 20 7.35 -8.94 -8.55
CA ALA A 20 8.45 -8.10 -9.02
C ALA A 20 8.22 -6.63 -8.66
N LEU A 21 6.97 -6.20 -8.71
CA LEU A 21 6.62 -4.82 -8.39
C LEU A 21 6.92 -4.51 -6.92
N TYR A 22 6.41 -5.35 -6.03
CA TYR A 22 6.63 -5.16 -4.60
C TYR A 22 8.12 -5.03 -4.29
N LEU A 23 8.95 -5.74 -5.05
CA LEU A 23 10.40 -5.69 -4.85
C LEU A 23 10.95 -4.32 -5.23
N SER A 24 10.40 -3.73 -6.29
CA SER A 24 10.84 -2.42 -6.75
C SER A 24 10.53 -1.34 -5.71
N MET A 25 9.46 -1.55 -4.97
CA MET A 25 9.06 -0.60 -3.93
C MET A 25 9.97 -0.69 -2.71
N LYS A 26 10.49 -1.89 -2.46
CA LYS A 26 11.39 -2.12 -1.34
C LYS A 26 12.70 -1.35 -1.52
N ASP A 27 13.07 -1.13 -2.77
CA ASP A 27 14.30 -0.41 -3.09
C ASP A 27 14.43 0.85 -2.25
N THR A 28 15.66 1.36 -2.11
CA THR A 28 15.91 2.55 -1.34
C THR A 28 15.90 3.80 -2.22
N GLU A 29 16.15 3.61 -3.51
CA GLU A 29 16.17 4.71 -4.46
C GLU A 29 15.17 4.47 -5.58
N LYS A 30 14.84 3.21 -5.82
CA LYS A 30 13.89 2.85 -6.88
C LYS A 30 12.58 2.36 -6.28
N GLY A 31 12.40 2.59 -4.98
CA GLY A 31 11.19 2.17 -4.30
C GLY A 31 10.41 3.33 -3.74
N ILE A 32 9.30 3.02 -3.07
CA ILE A 32 8.46 4.06 -2.47
C ILE A 32 9.11 4.63 -1.22
N LYS A 33 9.20 5.96 -1.16
CA LYS A 33 9.79 6.64 -0.01
C LYS A 33 8.97 6.39 1.25
N GLU A 34 9.62 6.49 2.40
CA GLU A 34 8.95 6.28 3.68
C GLU A 34 8.89 7.56 4.48
N LEU A 35 7.71 7.89 4.99
CA LEU A 35 7.51 9.10 5.78
C LEU A 35 6.82 8.79 7.11
N ASN A 36 7.04 9.64 8.09
CA ASN A 36 6.44 9.46 9.40
C ASN A 36 5.42 10.56 9.71
N LEU A 37 4.16 10.17 9.88
CA LEU A 37 3.10 11.12 10.17
C LEU A 37 2.39 10.76 11.47
N GLU A 38 1.87 11.78 12.15
CA GLU A 38 1.15 11.57 13.40
C GLU A 38 -0.33 11.87 13.25
N LYS A 39 -1.16 10.83 13.35
CA LYS A 39 -2.60 10.98 13.22
C LYS A 39 -3.34 10.09 14.22
N ASP A 40 -4.46 10.58 14.73
CA ASP A 40 -5.25 9.83 15.70
C ASP A 40 -4.39 9.37 16.87
N LYS A 41 -3.49 10.25 17.30
CA LYS A 41 -2.61 9.93 18.43
C LYS A 41 -1.74 8.72 18.11
N LYS A 42 -1.25 8.65 16.89
CA LYS A 42 -0.41 7.54 16.46
C LYS A 42 0.61 7.99 15.42
N ILE A 43 1.85 7.53 15.57
CA ILE A 43 2.91 7.89 14.64
C ILE A 43 3.40 6.67 13.86
N PHE A 44 2.72 6.38 12.75
CA PHE A 44 3.08 5.24 11.92
C PHE A 44 4.45 5.45 11.27
N ASN A 45 5.47 4.86 11.87
CA ASN A 45 6.83 4.98 11.35
C ASN A 45 7.03 4.09 10.14
N HIS A 46 7.85 4.56 9.19
CA HIS A 46 8.12 3.80 7.99
C HIS A 46 6.85 3.55 7.19
N CYS A 47 6.01 4.58 7.07
CA CYS A 47 4.75 4.46 6.35
C CYS A 47 4.70 5.46 5.19
N PHE A 48 3.89 5.15 4.19
CA PHE A 48 3.75 6.02 3.02
C PHE A 48 2.28 6.32 2.75
N THR A 49 2.02 7.53 2.26
CA THR A 49 0.65 7.95 1.96
C THR A 49 0.08 7.14 0.79
N GLY A 50 -1.25 7.12 0.69
CA GLY A 50 -1.90 6.38 -0.37
C GLY A 50 -1.51 6.89 -1.75
N ASN A 51 -1.24 8.18 -1.85
CA ASN A 51 -0.85 8.79 -3.12
C ASN A 51 0.51 8.26 -3.58
N CYS A 52 1.51 8.37 -2.71
CA CYS A 52 2.85 7.91 -3.02
C CYS A 52 2.82 6.62 -3.84
N VAL A 53 1.99 5.67 -3.40
CA VAL A 53 1.86 4.40 -4.09
C VAL A 53 1.39 4.60 -5.53
N ILE A 54 0.25 5.27 -5.69
CA ILE A 54 -0.30 5.53 -7.02
C ILE A 54 0.72 6.23 -7.90
N ASP A 55 1.17 7.40 -7.46
CA ASP A 55 2.15 8.18 -8.22
C ASP A 55 3.38 7.34 -8.54
N TRP A 56 3.93 6.68 -7.51
CA TRP A 56 5.11 5.84 -7.68
C TRP A 56 4.96 4.92 -8.89
N LEU A 57 3.79 4.31 -9.02
CA LEU A 57 3.51 3.40 -10.13
C LEU A 57 3.53 4.15 -11.46
N VAL A 58 3.13 5.42 -11.43
CA VAL A 58 3.12 6.24 -12.63
C VAL A 58 4.52 6.69 -13.01
N SER A 59 5.30 7.12 -12.01
CA SER A 59 6.65 7.59 -12.25
C SER A 59 7.55 6.44 -12.70
N ASN A 60 7.16 5.22 -12.35
CA ASN A 60 7.93 4.03 -12.71
C ASN A 60 7.53 3.54 -14.10
N GLN A 61 6.68 4.31 -14.77
CA GLN A 61 6.22 3.94 -16.10
C GLN A 61 5.51 2.59 -16.09
N SER A 62 4.89 2.26 -14.95
CA SER A 62 4.18 0.99 -14.81
C SER A 62 2.72 1.15 -15.21
N VAL A 63 2.17 2.34 -14.98
CA VAL A 63 0.78 2.62 -15.31
C VAL A 63 0.67 3.83 -16.24
N ARG A 64 -0.44 3.91 -16.97
CA ARG A 64 -0.67 5.01 -17.89
C ARG A 64 -1.02 6.29 -17.13
N ASN A 65 -1.69 6.13 -16.00
CA ASN A 65 -2.09 7.28 -15.18
C ASN A 65 -2.31 6.85 -13.72
N ARG A 66 -2.70 7.82 -12.89
CA ARG A 66 -2.94 7.55 -11.48
C ARG A 66 -3.96 6.42 -11.31
N GLN A 67 -5.17 6.66 -11.78
CA GLN A 67 -6.24 5.67 -11.68
C GLN A 67 -5.73 4.27 -12.03
N GLU A 68 -5.00 4.18 -13.15
CA GLU A 68 -4.44 2.90 -13.58
C GLU A 68 -3.69 2.21 -12.45
N GLY A 69 -3.01 3.01 -11.64
CA GLY A 69 -2.26 2.46 -10.53
C GLY A 69 -3.15 1.99 -9.39
N LEU A 70 -4.34 2.56 -9.31
CA LEU A 70 -5.30 2.20 -8.26
C LEU A 70 -5.47 0.68 -8.19
N MET A 71 -5.72 0.06 -9.32
CA MET A 71 -5.90 -1.39 -9.38
C MET A 71 -4.67 -2.11 -8.85
N ILE A 72 -3.52 -1.85 -9.47
CA ILE A 72 -2.26 -2.47 -9.06
C ILE A 72 -2.06 -2.35 -7.55
N ALA A 73 -2.42 -1.20 -7.00
CA ALA A 73 -2.28 -0.96 -5.57
C ALA A 73 -3.21 -1.86 -4.77
N SER A 74 -4.43 -2.05 -5.28
CA SER A 74 -5.41 -2.88 -4.61
C SER A 74 -4.93 -4.32 -4.50
N SER A 75 -4.49 -4.88 -5.63
CA SER A 75 -4.01 -6.25 -5.68
C SER A 75 -2.91 -6.46 -4.64
N LEU A 76 -1.97 -5.52 -4.58
CA LEU A 76 -0.86 -5.61 -3.64
C LEU A 76 -1.38 -5.87 -2.22
N LEU A 77 -2.52 -5.28 -1.89
CA LEU A 77 -3.11 -5.46 -0.57
C LEU A 77 -3.81 -6.80 -0.45
N ASN A 78 -4.31 -7.31 -1.58
CA ASN A 78 -4.99 -8.59 -1.61
C ASN A 78 -4.02 -9.74 -1.38
N GLU A 79 -2.78 -9.56 -1.86
CA GLU A 79 -1.75 -10.59 -1.71
C GLU A 79 -1.05 -10.44 -0.36
N GLY A 80 -0.89 -9.20 0.09
CA GLY A 80 -0.23 -8.96 1.36
C GLY A 80 1.00 -8.07 1.21
N TYR A 81 1.41 -7.86 -0.04
CA TYR A 81 2.59 -7.03 -0.31
C TYR A 81 2.53 -5.72 0.47
N LEU A 82 1.31 -5.22 0.66
CA LEU A 82 1.12 -3.96 1.39
C LEU A 82 0.12 -4.15 2.53
N GLN A 83 0.37 -3.47 3.64
CA GLN A 83 -0.50 -3.56 4.81
C GLN A 83 -1.12 -2.20 5.13
N PRO A 84 -2.45 -2.18 5.32
CA PRO A 84 -3.18 -0.95 5.63
C PRO A 84 -2.89 -0.44 7.04
N ALA A 85 -2.88 0.88 7.19
CA ALA A 85 -2.62 1.49 8.49
C ALA A 85 -3.60 2.61 8.78
N GLY A 86 -4.47 2.39 9.76
CA GLY A 86 -5.45 3.38 10.13
C GLY A 86 -6.87 2.98 9.74
N ASP A 87 -7.85 3.44 10.50
CA ASP A 87 -9.25 3.12 10.23
C ASP A 87 -9.61 3.47 8.79
N MET A 88 -8.93 4.47 8.24
CA MET A 88 -9.20 4.90 6.86
C MET A 88 -9.16 3.71 5.91
N SER A 89 -7.97 3.20 5.65
CA SER A 89 -7.80 2.06 4.75
C SER A 89 -8.37 0.79 5.36
N LYS A 90 -8.21 0.65 6.68
CA LYS A 90 -8.71 -0.51 7.40
C LYS A 90 -10.20 -0.69 7.17
N SER A 91 -10.87 0.39 6.79
CA SER A 91 -12.31 0.36 6.54
C SER A 91 -12.60 -0.04 5.10
N ALA A 92 -11.69 0.28 4.20
CA ALA A 92 -11.85 -0.04 2.79
C ALA A 92 -11.51 -1.51 2.52
N VAL A 93 -10.48 -2.01 3.20
CA VAL A 93 -10.06 -3.39 3.03
C VAL A 93 -11.03 -4.34 3.70
N ASP A 94 -11.70 -3.87 4.75
CA ASP A 94 -12.67 -4.69 5.47
C ASP A 94 -13.50 -5.52 4.51
N GLY A 95 -14.24 -4.85 3.64
CA GLY A 95 -15.08 -5.55 2.67
C GLY A 95 -15.94 -4.61 1.87
N THR A 96 -16.77 -3.83 2.55
CA THR A 96 -17.66 -2.89 1.90
C THR A 96 -16.88 -1.77 1.23
N ALA A 97 -16.22 -2.09 0.12
CA ALA A 97 -15.44 -1.11 -0.61
C ALA A 97 -14.91 -1.70 -1.93
N GLU A 98 -15.41 -1.17 -3.04
CA GLU A 98 -14.99 -1.65 -4.36
C GLU A 98 -13.49 -1.95 -4.38
N ASN A 99 -12.70 -0.97 -3.95
CA ASN A 99 -11.25 -1.12 -3.92
C ASN A 99 -10.70 -0.92 -2.51
N PRO A 100 -9.97 -1.93 -2.02
CA PRO A 100 -9.38 -1.88 -0.67
C PRO A 100 -8.25 -0.87 -0.57
N PHE A 101 -7.88 -0.28 -1.70
CA PHE A 101 -6.81 0.71 -1.74
C PHE A 101 -7.35 2.09 -2.14
N LEU A 102 -6.96 3.11 -1.39
CA LEU A 102 -7.39 4.47 -1.67
C LEU A 102 -6.23 5.34 -2.11
N ASP A 103 -6.42 6.08 -3.21
CA ASP A 103 -5.39 6.96 -3.73
C ASP A 103 -5.33 8.26 -2.94
N ASN A 104 -5.92 8.26 -1.75
CA ASN A 104 -5.94 9.44 -0.90
C ASN A 104 -4.57 9.69 -0.28
N PRO A 105 -4.21 10.97 -0.13
CA PRO A 105 -2.92 11.37 0.44
C PRO A 105 -2.84 11.08 1.94
N ASP A 106 -3.99 10.81 2.55
CA ASP A 106 -4.05 10.50 3.97
C ASP A 106 -3.80 9.02 4.22
N ALA A 107 -4.42 8.17 3.40
CA ALA A 107 -4.27 6.73 3.54
C ALA A 107 -2.81 6.34 3.74
N PHE A 108 -2.56 5.50 4.72
CA PHE A 108 -1.21 5.05 5.02
C PHE A 108 -1.03 3.58 4.68
N TYR A 109 0.19 3.20 4.27
CA TYR A 109 0.49 1.83 3.91
C TYR A 109 1.94 1.48 4.25
N TYR A 110 2.15 0.24 4.67
CA TYR A 110 3.49 -0.22 5.02
C TYR A 110 3.74 -1.64 4.51
N PHE A 111 5.00 -1.96 4.27
CA PHE A 111 5.37 -3.28 3.78
C PHE A 111 5.52 -4.27 4.93
N PRO A 112 5.23 -5.55 4.65
CA PRO A 112 5.32 -6.62 5.66
C PRO A 112 6.77 -6.94 6.02
N ASP A 113 7.67 -6.76 5.06
CA ASP A 113 9.08 -7.04 5.28
C ASP A 113 9.75 -5.87 6.00
N SER A 114 9.30 -4.66 5.68
CA SER A 114 9.87 -3.45 6.29
C SER A 114 9.67 -3.48 7.80
N GLY A 115 10.52 -2.74 8.51
CA GLY A 115 10.43 -2.68 9.96
C GLY A 115 9.45 -1.64 10.43
N PHE A 116 8.16 -1.91 10.24
CA PHE A 116 7.10 -0.99 10.65
C PHE A 116 6.75 -1.19 12.12
N PHE A 117 6.24 -0.14 12.74
CA PHE A 117 5.86 -0.20 14.15
C PHE A 117 5.00 1.00 14.53
N CYS A 118 3.81 0.72 15.05
CA CYS A 118 2.88 1.77 15.46
C CYS A 118 3.13 2.18 16.91
N GLU A 119 3.02 3.48 17.17
CA GLU A 119 3.23 4.01 18.52
C GLU A 119 2.09 4.94 18.92
N GLU A 120 1.38 4.56 19.97
CA GLU A 120 0.26 5.36 20.47
C GLU A 120 0.76 6.50 21.35
N ASN A 121 0.43 7.73 20.97
CA ASN A 121 0.84 8.90 21.72
C ASN A 121 -0.32 9.45 22.55
N SER A 122 -0.38 9.05 23.81
CA SER A 122 -1.44 9.50 24.71
C SER A 122 -0.95 9.54 26.16
N GLY A 123 -1.44 10.51 26.92
CA GLY A 123 -1.04 10.65 28.30
C GLY A 123 -1.64 9.57 29.18
N PRO A 124 -0.95 9.26 30.29
CA PRO A 124 -1.40 8.24 31.24
C PRO A 124 -2.64 8.67 32.02
N SER A 125 -3.30 7.71 32.65
CA SER A 125 -4.51 7.99 33.42
C SER A 125 -4.31 9.22 34.30
N SER A 126 -3.24 9.22 35.09
CA SER A 126 -2.94 10.33 35.98
C SER A 126 -1.44 10.62 36.00
N GLY A 127 -1.07 11.83 35.58
CA GLY A 127 0.33 12.21 35.56
C GLY A 127 1.05 11.82 36.84
N GLY A 1 8.07 -22.06 -4.07
CA GLY A 1 7.84 -21.72 -5.45
C GLY A 1 7.05 -22.77 -6.20
N SER A 2 5.78 -22.91 -5.86
CA SER A 2 4.92 -23.90 -6.50
C SER A 2 4.01 -23.25 -7.54
N SER A 3 3.19 -24.06 -8.19
CA SER A 3 2.27 -23.57 -9.22
C SER A 3 0.84 -23.67 -8.75
N GLY A 4 0.12 -22.54 -8.78
CA GLY A 4 -1.27 -22.54 -8.35
C GLY A 4 -2.03 -21.33 -8.87
N SER A 5 -2.89 -21.55 -9.87
CA SER A 5 -3.67 -20.47 -10.45
C SER A 5 -4.95 -21.02 -11.09
N SER A 6 -5.94 -20.15 -11.24
CA SER A 6 -7.22 -20.54 -11.84
C SER A 6 -8.04 -19.31 -12.21
N GLY A 7 -9.00 -19.51 -13.11
CA GLY A 7 -9.84 -18.41 -13.55
C GLY A 7 -10.09 -18.43 -15.04
N ARG A 8 -11.29 -18.02 -15.44
CA ARG A 8 -11.67 -18.00 -16.85
C ARG A 8 -11.05 -16.78 -17.55
N SER A 9 -11.25 -15.61 -16.96
CA SER A 9 -10.72 -14.38 -17.54
C SER A 9 -9.58 -13.84 -16.69
N ILE A 10 -8.93 -12.78 -17.17
CA ILE A 10 -7.82 -12.16 -16.46
C ILE A 10 -8.04 -10.66 -16.29
N ARG A 11 -8.00 -10.22 -15.03
CA ARG A 11 -8.19 -8.80 -14.72
C ARG A 11 -6.85 -8.07 -14.66
N LEU A 12 -5.92 -8.62 -13.89
CA LEU A 12 -4.59 -8.02 -13.74
C LEU A 12 -3.80 -8.12 -15.04
N PRO A 13 -2.79 -7.25 -15.19
CA PRO A 13 -1.94 -7.22 -16.37
C PRO A 13 -1.01 -8.43 -16.45
N GLU A 14 -1.37 -9.37 -17.32
CA GLU A 14 -0.57 -10.59 -17.49
C GLU A 14 0.88 -10.24 -17.83
N THR A 15 1.08 -9.07 -18.43
CA THR A 15 2.42 -8.62 -18.80
C THR A 15 3.19 -8.11 -17.59
N ILE A 16 2.62 -8.31 -16.41
CA ILE A 16 3.26 -7.87 -15.17
C ILE A 16 3.09 -8.91 -14.07
N ASP A 17 3.91 -8.80 -13.03
CA ASP A 17 3.85 -9.74 -11.91
C ASP A 17 3.95 -8.98 -10.58
N LEU A 18 2.86 -8.96 -9.84
CA LEU A 18 2.82 -8.28 -8.55
C LEU A 18 4.11 -8.52 -7.77
N GLY A 19 4.48 -9.80 -7.63
CA GLY A 19 5.69 -10.14 -6.92
C GLY A 19 6.87 -9.29 -7.32
N ALA A 20 7.11 -9.20 -8.64
CA ALA A 20 8.22 -8.42 -9.16
C ALA A 20 8.03 -6.93 -8.85
N LEU A 21 6.79 -6.47 -8.90
CA LEU A 21 6.48 -5.08 -8.63
C LEU A 21 6.82 -4.72 -7.19
N TYR A 22 6.30 -5.52 -6.25
CA TYR A 22 6.55 -5.27 -4.83
C TYR A 22 8.04 -5.11 -4.55
N LEU A 23 8.85 -5.85 -5.31
CA LEU A 23 10.30 -5.79 -5.14
C LEU A 23 10.83 -4.40 -5.51
N SER A 24 10.29 -3.82 -6.56
CA SER A 24 10.71 -2.50 -7.02
C SER A 24 10.41 -1.45 -5.97
N MET A 25 9.40 -1.71 -5.15
CA MET A 25 9.01 -0.78 -4.10
C MET A 25 9.92 -0.93 -2.88
N LYS A 26 10.56 -2.08 -2.76
CA LYS A 26 11.46 -2.35 -1.64
C LYS A 26 12.77 -1.60 -1.80
N ASP A 27 13.11 -1.26 -3.04
CA ASP A 27 14.33 -0.52 -3.33
C ASP A 27 14.41 0.76 -2.52
N THR A 28 15.62 1.22 -2.24
CA THR A 28 15.83 2.44 -1.47
C THR A 28 15.76 3.67 -2.36
N GLU A 29 16.19 3.52 -3.61
CA GLU A 29 16.17 4.63 -4.55
C GLU A 29 15.13 4.39 -5.65
N LYS A 30 14.83 3.12 -5.90
CA LYS A 30 13.86 2.75 -6.92
C LYS A 30 12.57 2.23 -6.29
N GLY A 31 12.43 2.45 -4.99
CA GLY A 31 11.24 2.00 -4.29
C GLY A 31 10.50 3.13 -3.60
N ILE A 32 9.35 2.82 -3.02
CA ILE A 32 8.54 3.82 -2.33
C ILE A 32 9.21 4.25 -1.03
N LYS A 33 9.34 5.56 -0.84
CA LYS A 33 9.95 6.11 0.36
C LYS A 33 8.90 6.36 1.44
N GLU A 34 9.24 6.01 2.68
CA GLU A 34 8.32 6.21 3.80
C GLU A 34 8.54 7.57 4.45
N LEU A 35 7.51 8.08 5.11
CA LEU A 35 7.59 9.38 5.78
C LEU A 35 7.37 9.23 7.28
N ASN A 36 7.52 10.33 8.01
CA ASN A 36 7.35 10.32 9.45
C ASN A 36 6.35 11.39 9.89
N LEU A 37 5.07 11.08 9.73
CA LEU A 37 4.01 12.01 10.11
C LEU A 37 3.56 11.79 11.55
N GLU A 38 3.08 12.85 12.19
CA GLU A 38 2.63 12.76 13.57
C GLU A 38 1.14 13.09 13.68
N LYS A 39 0.31 12.05 13.52
CA LYS A 39 -1.14 12.23 13.58
C LYS A 39 -1.62 12.25 15.04
N ASP A 40 -2.93 12.27 15.23
CA ASP A 40 -3.51 12.31 16.57
C ASP A 40 -2.74 11.38 17.51
N LYS A 41 -1.87 11.96 18.32
CA LYS A 41 -1.07 11.20 19.28
C LYS A 41 -0.62 9.88 18.66
N LYS A 42 -0.36 9.89 17.36
CA LYS A 42 0.08 8.70 16.65
C LYS A 42 1.10 9.04 15.57
N ILE A 43 2.30 8.50 15.71
CA ILE A 43 3.36 8.75 14.73
C ILE A 43 3.67 7.50 13.93
N PHE A 44 3.20 7.45 12.69
CA PHE A 44 3.44 6.32 11.82
C PHE A 44 4.82 6.40 11.17
N ASN A 45 5.74 5.56 11.63
CA ASN A 45 7.10 5.55 11.10
C ASN A 45 7.23 4.52 9.97
N HIS A 46 8.24 4.70 9.14
CA HIS A 46 8.48 3.80 8.01
C HIS A 46 7.17 3.51 7.26
N CYS A 47 6.27 4.48 7.25
CA CYS A 47 5.00 4.33 6.57
C CYS A 47 4.82 5.41 5.51
N PHE A 48 4.13 5.06 4.42
CA PHE A 48 3.90 6.00 3.33
C PHE A 48 2.40 6.26 3.16
N THR A 49 2.08 7.31 2.42
CA THR A 49 0.68 7.67 2.18
C THR A 49 0.12 6.91 0.99
N GLY A 50 -1.17 7.07 0.74
CA GLY A 50 -1.81 6.38 -0.37
C GLY A 50 -1.37 6.93 -1.72
N ASN A 51 -1.64 8.21 -1.96
CA ASN A 51 -1.28 8.85 -3.21
C ASN A 51 0.11 8.41 -3.66
N CYS A 52 1.10 8.61 -2.79
CA CYS A 52 2.47 8.24 -3.11
C CYS A 52 2.53 6.90 -3.82
N VAL A 53 1.82 5.91 -3.27
CA VAL A 53 1.79 4.57 -3.86
C VAL A 53 1.36 4.64 -5.33
N ILE A 54 0.22 5.29 -5.58
CA ILE A 54 -0.28 5.41 -6.94
C ILE A 54 0.73 6.09 -7.85
N ASP A 55 1.10 7.32 -7.51
CA ASP A 55 2.06 8.07 -8.30
C ASP A 55 3.31 7.24 -8.58
N TRP A 56 3.87 6.66 -7.53
CA TRP A 56 5.07 5.84 -7.66
C TRP A 56 4.97 4.92 -8.87
N LEU A 57 3.83 4.26 -9.01
CA LEU A 57 3.60 3.35 -10.13
C LEU A 57 3.75 4.08 -11.47
N VAL A 58 3.11 5.24 -11.57
CA VAL A 58 3.16 6.04 -12.79
C VAL A 58 4.59 6.48 -13.09
N SER A 59 5.24 7.12 -12.12
CA SER A 59 6.60 7.59 -12.27
C SER A 59 7.52 6.45 -12.70
N ASN A 60 7.20 5.24 -12.25
CA ASN A 60 8.00 4.07 -12.58
C ASN A 60 7.60 3.50 -13.94
N GLN A 61 6.86 4.29 -14.71
CA GLN A 61 6.41 3.86 -16.02
C GLN A 61 5.70 2.52 -15.95
N SER A 62 5.04 2.26 -14.83
CA SER A 62 4.33 1.00 -14.62
C SER A 62 2.91 1.09 -15.19
N VAL A 63 2.24 2.20 -14.93
CA VAL A 63 0.88 2.40 -15.40
C VAL A 63 0.80 3.60 -16.34
N ARG A 64 -0.40 3.87 -16.86
CA ARG A 64 -0.61 4.99 -17.76
C ARG A 64 -0.94 6.26 -16.99
N ASN A 65 -1.75 6.11 -15.94
CA ASN A 65 -2.14 7.25 -15.12
C ASN A 65 -2.44 6.82 -13.69
N ARG A 66 -2.85 7.77 -12.86
CA ARG A 66 -3.17 7.47 -11.46
C ARG A 66 -4.19 6.35 -11.36
N GLN A 67 -5.37 6.58 -11.91
CA GLN A 67 -6.44 5.58 -11.88
C GLN A 67 -5.90 4.20 -12.19
N GLU A 68 -5.06 4.11 -13.23
CA GLU A 68 -4.47 2.84 -13.63
C GLU A 68 -3.73 2.19 -12.46
N GLY A 69 -3.03 3.01 -11.68
CA GLY A 69 -2.28 2.50 -10.55
C GLY A 69 -3.19 2.12 -9.39
N LEU A 70 -4.44 2.54 -9.46
CA LEU A 70 -5.41 2.24 -8.41
C LEU A 70 -5.58 0.74 -8.24
N MET A 71 -5.76 0.04 -9.37
CA MET A 71 -5.94 -1.41 -9.35
C MET A 71 -4.68 -2.11 -8.85
N ILE A 72 -3.57 -1.86 -9.54
CA ILE A 72 -2.29 -2.47 -9.18
C ILE A 72 -2.01 -2.29 -7.70
N ALA A 73 -2.42 -1.16 -7.15
CA ALA A 73 -2.21 -0.86 -5.74
C ALA A 73 -3.14 -1.69 -4.86
N SER A 74 -4.38 -1.86 -5.32
CA SER A 74 -5.36 -2.63 -4.58
C SER A 74 -4.99 -4.11 -4.54
N SER A 75 -4.48 -4.61 -5.65
CA SER A 75 -4.09 -6.02 -5.75
C SER A 75 -2.97 -6.34 -4.76
N LEU A 76 -2.01 -5.42 -4.65
CA LEU A 76 -0.88 -5.60 -3.74
C LEU A 76 -1.37 -5.90 -2.33
N LEU A 77 -2.49 -5.30 -1.96
CA LEU A 77 -3.07 -5.51 -0.64
C LEU A 77 -3.81 -6.84 -0.56
N ASN A 78 -4.30 -7.30 -1.70
CA ASN A 78 -5.02 -8.57 -1.76
C ASN A 78 -4.08 -9.75 -1.56
N GLU A 79 -2.81 -9.54 -1.90
CA GLU A 79 -1.81 -10.59 -1.75
C GLU A 79 -1.07 -10.46 -0.42
N GLY A 80 -0.98 -9.22 0.08
CA GLY A 80 -0.30 -8.98 1.34
C GLY A 80 0.94 -8.11 1.17
N TYR A 81 1.37 -7.93 -0.07
CA TYR A 81 2.55 -7.13 -0.36
C TYR A 81 2.51 -5.83 0.43
N LEU A 82 1.32 -5.26 0.59
CA LEU A 82 1.16 -4.01 1.34
C LEU A 82 0.24 -4.21 2.53
N GLN A 83 0.41 -3.38 3.55
CA GLN A 83 -0.40 -3.46 4.76
C GLN A 83 -1.04 -2.11 5.09
N PRO A 84 -2.33 -2.13 5.44
CA PRO A 84 -3.08 -0.92 5.79
C PRO A 84 -2.61 -0.30 7.10
N ALA A 85 -2.69 1.03 7.19
CA ALA A 85 -2.28 1.74 8.39
C ALA A 85 -3.22 2.89 8.69
N GLY A 86 -4.03 2.74 9.72
CA GLY A 86 -4.97 3.78 10.10
C GLY A 86 -6.41 3.39 9.84
N ASP A 87 -7.28 3.67 10.80
CA ASP A 87 -8.70 3.34 10.67
C ASP A 87 -9.20 3.65 9.26
N MET A 88 -8.55 4.60 8.60
CA MET A 88 -8.93 5.00 7.25
C MET A 88 -8.89 3.80 6.30
N SER A 89 -7.68 3.35 5.98
CA SER A 89 -7.50 2.22 5.08
C SER A 89 -8.06 0.94 5.71
N LYS A 90 -7.87 0.79 7.01
CA LYS A 90 -8.36 -0.39 7.72
C LYS A 90 -9.81 -0.66 7.39
N SER A 91 -10.59 0.39 7.25
CA SER A 91 -12.02 0.26 6.92
C SER A 91 -12.20 -0.20 5.48
N ALA A 92 -11.37 0.31 4.59
CA ALA A 92 -11.44 -0.05 3.17
C ALA A 92 -11.12 -1.54 2.98
N VAL A 93 -10.08 -2.02 3.66
CA VAL A 93 -9.69 -3.42 3.55
C VAL A 93 -10.77 -4.34 4.11
N ASP A 94 -11.59 -3.80 5.01
CA ASP A 94 -12.66 -4.58 5.62
C ASP A 94 -13.44 -5.35 4.56
N GLY A 95 -13.37 -4.87 3.32
CA GLY A 95 -14.09 -5.54 2.24
C GLY A 95 -15.26 -4.72 1.74
N THR A 96 -16.36 -5.40 1.43
CA THR A 96 -17.56 -4.73 0.93
C THR A 96 -17.20 -3.57 0.02
N ALA A 97 -16.30 -3.82 -0.93
CA ALA A 97 -15.87 -2.80 -1.87
C ALA A 97 -15.14 -3.41 -3.05
N GLU A 98 -14.85 -2.59 -4.05
CA GLU A 98 -14.15 -3.06 -5.25
C GLU A 98 -12.64 -2.96 -5.06
N ASN A 99 -12.20 -1.92 -4.36
CA ASN A 99 -10.78 -1.72 -4.11
C ASN A 99 -10.54 -1.24 -2.68
N PRO A 100 -9.90 -2.11 -1.87
CA PRO A 100 -9.59 -1.80 -0.47
C PRO A 100 -8.53 -0.73 -0.33
N PHE A 101 -8.03 -0.24 -1.47
CA PHE A 101 -7.00 0.79 -1.47
C PHE A 101 -7.62 2.18 -1.56
N LEU A 102 -6.85 3.19 -1.21
CA LEU A 102 -7.32 4.58 -1.27
C LEU A 102 -6.23 5.51 -1.79
N ASP A 103 -6.50 6.11 -2.95
CA ASP A 103 -5.55 7.03 -3.56
C ASP A 103 -5.54 8.37 -2.83
N ASN A 104 -5.53 8.33 -1.51
CA ASN A 104 -5.51 9.54 -0.70
C ASN A 104 -4.19 9.68 0.04
N PRO A 105 -3.75 10.93 0.20
CA PRO A 105 -2.48 11.25 0.89
C PRO A 105 -2.56 10.97 2.40
N ASP A 106 -3.75 10.60 2.86
CA ASP A 106 -3.95 10.30 4.27
C ASP A 106 -3.82 8.81 4.54
N ALA A 107 -4.30 7.99 3.61
CA ALA A 107 -4.24 6.55 3.74
C ALA A 107 -2.79 6.07 3.86
N PHE A 108 -2.39 5.69 5.08
CA PHE A 108 -1.04 5.22 5.32
C PHE A 108 -0.91 3.74 4.98
N TYR A 109 0.27 3.34 4.54
CA TYR A 109 0.53 1.94 4.18
C TYR A 109 1.99 1.57 4.45
N TYR A 110 2.23 0.28 4.66
CA TYR A 110 3.57 -0.20 4.93
C TYR A 110 3.76 -1.62 4.39
N PHE A 111 5.01 -2.05 4.28
CA PHE A 111 5.33 -3.38 3.77
C PHE A 111 5.46 -4.38 4.92
N PRO A 112 5.01 -5.62 4.69
CA PRO A 112 5.07 -6.69 5.69
C PRO A 112 6.51 -7.15 5.96
N ASP A 113 7.45 -6.62 5.18
CA ASP A 113 8.85 -6.97 5.34
C ASP A 113 9.61 -5.86 6.07
N SER A 114 9.33 -4.62 5.71
CA SER A 114 9.99 -3.47 6.31
C SER A 114 9.77 -3.47 7.83
N GLY A 115 10.51 -2.61 8.53
CA GLY A 115 10.39 -2.52 9.97
C GLY A 115 9.51 -1.36 10.41
N PHE A 116 8.20 -1.52 10.27
CA PHE A 116 7.26 -0.48 10.65
C PHE A 116 6.78 -0.68 12.09
N PHE A 117 6.24 0.39 12.68
CA PHE A 117 5.75 0.33 14.04
C PHE A 117 5.01 1.61 14.42
N CYS A 118 3.73 1.47 14.77
CA CYS A 118 2.90 2.61 15.14
C CYS A 118 3.24 3.09 16.55
N GLU A 119 3.40 4.40 16.71
CA GLU A 119 3.72 4.99 18.00
C GLU A 119 2.55 5.81 18.53
N GLU A 120 1.82 5.25 19.48
CA GLU A 120 0.67 5.94 20.08
C GLU A 120 1.12 6.86 21.21
N ASN A 121 2.19 7.60 20.97
CA ASN A 121 2.73 8.52 21.98
C ASN A 121 1.59 9.18 22.75
N SER A 122 1.55 8.93 24.06
CA SER A 122 0.53 9.50 24.92
C SER A 122 1.14 10.12 26.18
N GLY A 123 0.32 10.84 26.92
CA GLY A 123 0.80 11.47 28.14
C GLY A 123 -0.09 11.19 29.34
N PRO A 124 0.00 12.04 30.37
CA PRO A 124 -0.79 11.90 31.59
C PRO A 124 -2.28 12.19 31.34
N SER A 125 -3.09 11.13 31.38
CA SER A 125 -4.52 11.28 31.16
C SER A 125 -4.81 12.15 29.94
N SER A 126 -4.00 11.98 28.90
CA SER A 126 -4.17 12.76 27.67
C SER A 126 -4.93 11.96 26.63
N GLY A 127 -4.61 10.67 26.51
CA GLY A 127 -5.27 9.82 25.55
C GLY A 127 -5.76 8.52 26.16
N GLY A 1 5.05 -14.48 1.19
CA GLY A 1 4.67 -15.62 0.37
C GLY A 1 4.33 -15.21 -1.05
N SER A 2 4.23 -16.19 -1.95
CA SER A 2 3.90 -15.92 -3.34
C SER A 2 2.53 -16.49 -3.69
N SER A 3 2.35 -17.78 -3.45
CA SER A 3 1.09 -18.44 -3.75
C SER A 3 -0.09 -17.62 -3.23
N GLY A 4 -1.21 -17.68 -3.97
CA GLY A 4 -2.39 -16.94 -3.57
C GLY A 4 -3.08 -16.27 -4.74
N SER A 5 -3.73 -17.07 -5.57
CA SER A 5 -4.43 -16.56 -6.74
C SER A 5 -5.58 -17.47 -7.14
N SER A 6 -6.73 -16.87 -7.44
CA SER A 6 -7.91 -17.62 -7.83
C SER A 6 -8.82 -16.79 -8.73
N GLY A 7 -9.92 -17.39 -9.18
CA GLY A 7 -10.85 -16.70 -10.04
C GLY A 7 -10.76 -17.15 -11.48
N ARG A 8 -11.91 -17.26 -12.15
CA ARG A 8 -11.94 -17.69 -13.54
C ARG A 8 -11.56 -16.55 -14.47
N SER A 9 -11.09 -15.45 -13.89
CA SER A 9 -10.70 -14.28 -14.67
C SER A 9 -9.47 -13.61 -14.06
N ILE A 10 -8.82 -12.76 -14.84
CA ILE A 10 -7.64 -12.05 -14.37
C ILE A 10 -7.70 -10.57 -14.72
N ARG A 11 -7.96 -9.74 -13.72
CA ARG A 11 -8.06 -8.30 -13.91
C ARG A 11 -6.67 -7.67 -13.99
N LEU A 12 -5.74 -8.20 -13.21
CA LEU A 12 -4.38 -7.69 -13.18
C LEU A 12 -3.69 -7.91 -14.51
N PRO A 13 -2.65 -7.11 -14.79
CA PRO A 13 -1.89 -7.20 -16.04
C PRO A 13 -1.04 -8.46 -16.11
N GLU A 14 -1.51 -9.45 -16.86
CA GLU A 14 -0.80 -10.71 -17.00
C GLU A 14 0.65 -10.47 -17.44
N THR A 15 0.87 -9.36 -18.15
CA THR A 15 2.20 -9.02 -18.63
C THR A 15 3.07 -8.50 -17.50
N ILE A 16 2.56 -8.56 -16.27
CA ILE A 16 3.29 -8.10 -15.10
C ILE A 16 3.10 -9.04 -13.92
N ASP A 17 4.06 -9.03 -13.00
CA ASP A 17 4.00 -9.89 -11.82
C ASP A 17 4.08 -9.06 -10.55
N LEU A 18 3.00 -9.05 -9.78
CA LEU A 18 2.94 -8.30 -8.53
C LEU A 18 4.21 -8.52 -7.72
N GLY A 19 4.59 -9.78 -7.55
CA GLY A 19 5.78 -10.11 -6.79
C GLY A 19 6.97 -9.26 -7.18
N ALA A 20 7.25 -9.18 -8.48
CA ALA A 20 8.36 -8.40 -8.98
C ALA A 20 8.17 -6.92 -8.69
N LEU A 21 6.93 -6.46 -8.76
CA LEU A 21 6.61 -5.06 -8.49
C LEU A 21 6.94 -4.69 -7.04
N TYR A 22 6.41 -5.48 -6.11
CA TYR A 22 6.64 -5.25 -4.69
C TYR A 22 8.13 -5.07 -4.40
N LEU A 23 8.96 -5.79 -5.15
CA LEU A 23 10.41 -5.71 -4.97
C LEU A 23 10.93 -4.33 -5.33
N SER A 24 10.41 -3.77 -6.42
CA SER A 24 10.82 -2.44 -6.88
C SER A 24 10.50 -1.39 -5.83
N MET A 25 9.47 -1.65 -5.03
CA MET A 25 9.06 -0.72 -3.98
C MET A 25 9.94 -0.86 -2.75
N LYS A 26 10.63 -2.00 -2.64
CA LYS A 26 11.51 -2.25 -1.51
C LYS A 26 12.81 -1.46 -1.64
N ASP A 27 13.15 -1.09 -2.87
CA ASP A 27 14.37 -0.31 -3.13
C ASP A 27 14.37 0.99 -2.33
N THR A 28 15.55 1.45 -1.98
CA THR A 28 15.69 2.68 -1.21
C THR A 28 15.62 3.91 -2.12
N GLU A 29 16.12 3.77 -3.34
CA GLU A 29 16.12 4.86 -4.30
C GLU A 29 15.14 4.58 -5.43
N LYS A 30 14.83 3.30 -5.64
CA LYS A 30 13.91 2.90 -6.69
C LYS A 30 12.60 2.38 -6.10
N GLY A 31 12.43 2.57 -4.79
CA GLY A 31 11.23 2.11 -4.13
C GLY A 31 10.41 3.25 -3.56
N ILE A 32 9.31 2.92 -2.89
CA ILE A 32 8.44 3.92 -2.29
C ILE A 32 9.04 4.47 -1.00
N LYS A 33 9.12 5.79 -0.90
CA LYS A 33 9.66 6.44 0.29
C LYS A 33 8.62 6.55 1.39
N GLU A 34 9.06 6.47 2.64
CA GLU A 34 8.15 6.56 3.77
C GLU A 34 8.48 7.77 4.63
N LEU A 35 7.47 8.28 5.35
CA LEU A 35 7.65 9.43 6.21
C LEU A 35 7.32 9.09 7.67
N ASN A 36 7.36 10.10 8.53
CA ASN A 36 7.07 9.90 9.95
C ASN A 36 5.98 10.86 10.41
N LEU A 37 4.75 10.61 9.97
CA LEU A 37 3.61 11.44 10.34
C LEU A 37 3.07 11.04 11.71
N GLU A 38 2.46 12.00 12.40
CA GLU A 38 1.88 11.74 13.71
C GLU A 38 0.38 11.94 13.70
N LYS A 39 -0.36 10.87 13.39
CA LYS A 39 -1.81 10.93 13.34
C LYS A 39 -2.43 10.12 14.49
N ASP A 40 -3.62 10.52 14.91
CA ASP A 40 -4.32 9.82 15.99
C ASP A 40 -3.37 9.56 17.15
N LYS A 41 -2.71 10.62 17.62
CA LYS A 41 -1.79 10.50 18.75
C LYS A 41 -0.83 9.33 18.54
N LYS A 42 -0.61 8.97 17.29
CA LYS A 42 0.29 7.87 16.95
C LYS A 42 1.19 8.23 15.78
N ILE A 43 2.46 7.84 15.87
CA ILE A 43 3.42 8.12 14.81
C ILE A 43 3.73 6.87 13.99
N PHE A 44 3.35 6.90 12.72
CA PHE A 44 3.59 5.77 11.83
C PHE A 44 4.90 5.94 11.07
N ASN A 45 5.93 5.23 11.51
CA ASN A 45 7.24 5.30 10.87
C ASN A 45 7.37 4.24 9.78
N HIS A 46 8.25 4.50 8.82
CA HIS A 46 8.47 3.58 7.71
C HIS A 46 7.17 3.32 6.95
N CYS A 47 6.27 4.30 6.98
CA CYS A 47 4.99 4.18 6.30
C CYS A 47 4.82 5.30 5.27
N PHE A 48 4.07 5.02 4.22
CA PHE A 48 3.83 6.00 3.16
C PHE A 48 2.34 6.32 3.06
N THR A 49 1.99 7.13 2.05
CA THR A 49 0.61 7.53 1.84
C THR A 49 0.04 6.87 0.59
N GLY A 50 -1.29 6.86 0.48
CA GLY A 50 -1.93 6.26 -0.68
C GLY A 50 -1.40 6.81 -1.99
N ASN A 51 -1.44 8.12 -2.14
CA ASN A 51 -0.95 8.77 -3.35
C ASN A 51 0.43 8.26 -3.73
N CYS A 52 1.30 8.14 -2.74
CA CYS A 52 2.66 7.66 -2.96
C CYS A 52 2.66 6.39 -3.81
N VAL A 53 1.91 5.39 -3.35
CA VAL A 53 1.83 4.12 -4.07
C VAL A 53 1.38 4.34 -5.51
N ILE A 54 0.35 5.15 -5.69
CA ILE A 54 -0.17 5.45 -7.02
C ILE A 54 0.88 6.16 -7.88
N ASP A 55 1.19 7.39 -7.51
CA ASP A 55 2.19 8.18 -8.24
C ASP A 55 3.44 7.36 -8.50
N TRP A 56 3.89 6.63 -7.49
CA TRP A 56 5.08 5.80 -7.61
C TRP A 56 4.99 4.89 -8.83
N LEU A 57 3.80 4.36 -9.08
CA LEU A 57 3.58 3.47 -10.21
C LEU A 57 3.70 4.22 -11.53
N VAL A 58 3.05 5.39 -11.60
CA VAL A 58 3.08 6.21 -12.80
C VAL A 58 4.49 6.66 -13.12
N SER A 59 5.16 7.24 -12.13
CA SER A 59 6.53 7.72 -12.30
C SER A 59 7.44 6.59 -12.77
N ASN A 60 7.19 5.38 -12.28
CA ASN A 60 7.99 4.22 -12.64
C ASN A 60 7.55 3.66 -13.99
N GLN A 61 6.64 4.38 -14.66
CA GLN A 61 6.14 3.94 -15.96
C GLN A 61 5.43 2.60 -15.84
N SER A 62 4.91 2.31 -14.66
CA SER A 62 4.21 1.06 -14.42
C SER A 62 2.74 1.18 -14.78
N VAL A 63 2.25 2.41 -14.86
CA VAL A 63 0.85 2.67 -15.19
C VAL A 63 0.73 3.88 -16.12
N ARG A 64 -0.36 3.92 -16.89
CA ARG A 64 -0.60 5.02 -17.81
C ARG A 64 -0.98 6.29 -17.06
N ASN A 65 -1.73 6.13 -15.98
CA ASN A 65 -2.17 7.27 -15.18
C ASN A 65 -2.42 6.86 -13.73
N ARG A 66 -2.90 7.79 -12.92
CA ARG A 66 -3.18 7.52 -11.52
C ARG A 66 -4.15 6.35 -11.38
N GLN A 67 -5.35 6.53 -11.94
CA GLN A 67 -6.38 5.49 -11.86
C GLN A 67 -5.78 4.12 -12.16
N GLU A 68 -4.97 4.04 -13.22
CA GLU A 68 -4.34 2.78 -13.61
C GLU A 68 -3.63 2.14 -12.42
N GLY A 69 -2.94 2.97 -11.63
CA GLY A 69 -2.23 2.46 -10.47
C GLY A 69 -3.16 2.03 -9.36
N LEU A 70 -4.41 2.50 -9.41
CA LEU A 70 -5.39 2.15 -8.39
C LEU A 70 -5.55 0.64 -8.28
N MET A 71 -5.70 -0.03 -9.42
CA MET A 71 -5.86 -1.47 -9.44
C MET A 71 -4.61 -2.17 -8.91
N ILE A 72 -3.46 -1.85 -9.51
CA ILE A 72 -2.19 -2.45 -9.10
C ILE A 72 -1.98 -2.28 -7.59
N ALA A 73 -2.30 -1.10 -7.08
CA ALA A 73 -2.15 -0.82 -5.66
C ALA A 73 -3.10 -1.65 -4.83
N SER A 74 -4.32 -1.82 -5.34
CA SER A 74 -5.34 -2.61 -4.64
C SER A 74 -4.92 -4.07 -4.52
N SER A 75 -4.49 -4.65 -5.63
CA SER A 75 -4.07 -6.04 -5.66
C SER A 75 -2.98 -6.29 -4.63
N LEU A 76 -1.96 -5.43 -4.62
CA LEU A 76 -0.85 -5.56 -3.68
C LEU A 76 -1.36 -5.83 -2.27
N LEU A 77 -2.47 -5.18 -1.92
CA LEU A 77 -3.07 -5.35 -0.59
C LEU A 77 -3.79 -6.69 -0.48
N ASN A 78 -4.26 -7.20 -1.61
CA ASN A 78 -4.97 -8.48 -1.65
C ASN A 78 -4.00 -9.63 -1.43
N GLU A 79 -2.77 -9.46 -1.90
CA GLU A 79 -1.75 -10.50 -1.75
C GLU A 79 -1.04 -10.38 -0.41
N GLY A 80 -0.91 -9.15 0.07
CA GLY A 80 -0.24 -8.92 1.35
C GLY A 80 0.95 -8.01 1.21
N TYR A 81 1.44 -7.83 -0.01
CA TYR A 81 2.60 -6.98 -0.26
C TYR A 81 2.50 -5.68 0.53
N LEU A 82 1.28 -5.19 0.70
CA LEU A 82 1.04 -3.95 1.44
C LEU A 82 0.01 -4.17 2.54
N GLN A 83 0.11 -3.38 3.61
CA GLN A 83 -0.81 -3.47 4.73
C GLN A 83 -1.31 -2.10 5.14
N PRO A 84 -2.62 -2.02 5.48
CA PRO A 84 -3.25 -0.77 5.89
C PRO A 84 -2.77 -0.30 7.26
N ALA A 85 -2.70 1.01 7.45
CA ALA A 85 -2.25 1.58 8.71
C ALA A 85 -3.17 2.72 9.15
N GLY A 86 -4.18 2.39 9.93
CA GLY A 86 -5.12 3.40 10.40
C GLY A 86 -6.53 3.15 9.92
N ASP A 87 -7.51 3.63 10.68
CA ASP A 87 -8.92 3.45 10.32
C ASP A 87 -9.15 3.80 8.85
N MET A 88 -8.53 4.88 8.39
CA MET A 88 -8.67 5.30 7.01
C MET A 88 -8.78 4.10 6.07
N SER A 89 -7.66 3.40 5.90
CA SER A 89 -7.63 2.24 5.02
C SER A 89 -8.26 1.03 5.71
N LYS A 90 -7.91 0.82 6.97
CA LYS A 90 -8.44 -0.30 7.75
C LYS A 90 -9.93 -0.49 7.46
N SER A 91 -10.60 0.58 7.07
CA SER A 91 -12.02 0.53 6.77
C SER A 91 -12.26 -0.01 5.36
N ALA A 92 -11.50 0.51 4.40
CA ALA A 92 -11.62 0.08 3.02
C ALA A 92 -11.25 -1.39 2.86
N VAL A 93 -10.33 -1.86 3.68
CA VAL A 93 -9.89 -3.24 3.64
C VAL A 93 -10.91 -4.16 4.29
N ASP A 94 -11.76 -3.59 5.13
CA ASP A 94 -12.79 -4.37 5.83
C ASP A 94 -13.68 -5.10 4.82
N GLY A 95 -14.25 -4.36 3.89
CA GLY A 95 -15.13 -4.95 2.89
C GLY A 95 -16.11 -3.95 2.31
N THR A 96 -17.09 -4.46 1.56
CA THR A 96 -18.09 -3.61 0.94
C THR A 96 -17.45 -2.44 0.20
N ALA A 97 -16.49 -2.76 -0.66
CA ALA A 97 -15.80 -1.73 -1.44
C ALA A 97 -15.09 -2.35 -2.64
N GLU A 98 -15.29 -1.76 -3.81
CA GLU A 98 -14.67 -2.25 -5.03
C GLU A 98 -13.17 -2.44 -4.85
N ASN A 99 -12.51 -1.40 -4.32
CA ASN A 99 -11.06 -1.44 -4.10
C ASN A 99 -10.74 -1.10 -2.64
N PRO A 100 -10.00 -2.01 -1.98
CA PRO A 100 -9.60 -1.82 -0.57
C PRO A 100 -8.57 -0.71 -0.41
N PHE A 101 -8.02 -0.25 -1.53
CA PHE A 101 -7.02 0.80 -1.50
C PHE A 101 -7.67 2.17 -1.64
N LEU A 102 -6.95 3.22 -1.24
CA LEU A 102 -7.45 4.58 -1.33
C LEU A 102 -6.40 5.53 -1.90
N ASP A 103 -6.68 6.10 -3.06
CA ASP A 103 -5.76 7.02 -3.70
C ASP A 103 -5.77 8.38 -3.01
N ASN A 104 -5.72 8.35 -1.68
CA ASN A 104 -5.73 9.58 -0.89
C ASN A 104 -4.39 9.79 -0.21
N PRO A 105 -4.00 11.06 -0.04
CA PRO A 105 -2.73 11.43 0.59
C PRO A 105 -2.72 11.13 2.09
N ASP A 106 -3.83 10.58 2.58
CA ASP A 106 -3.95 10.25 4.00
C ASP A 106 -3.83 8.74 4.21
N ALA A 107 -4.37 7.97 3.26
CA ALA A 107 -4.32 6.52 3.35
C ALA A 107 -2.89 6.02 3.57
N PHE A 108 -2.59 5.61 4.79
CA PHE A 108 -1.27 5.12 5.14
C PHE A 108 -1.12 3.65 4.78
N TYR A 109 0.09 3.26 4.40
CA TYR A 109 0.37 1.87 4.03
C TYR A 109 1.83 1.53 4.23
N TYR A 110 2.11 0.26 4.49
CA TYR A 110 3.47 -0.20 4.72
C TYR A 110 3.68 -1.60 4.16
N PHE A 111 4.91 -2.08 4.21
CA PHE A 111 5.24 -3.42 3.72
C PHE A 111 5.36 -4.41 4.87
N PRO A 112 4.93 -5.66 4.62
CA PRO A 112 4.98 -6.73 5.62
C PRO A 112 6.41 -7.17 5.93
N ASP A 113 7.20 -7.37 4.87
CA ASP A 113 8.58 -7.80 5.02
C ASP A 113 9.40 -6.73 5.72
N SER A 114 9.17 -5.48 5.36
CA SER A 114 9.89 -4.35 5.95
C SER A 114 9.61 -4.25 7.43
N GLY A 115 10.53 -3.62 8.17
CA GLY A 115 10.36 -3.46 9.59
C GLY A 115 9.55 -2.23 9.95
N PHE A 116 8.23 -2.37 9.93
CA PHE A 116 7.34 -1.25 10.25
C PHE A 116 6.85 -1.35 11.70
N PHE A 117 6.57 -0.19 12.29
CA PHE A 117 6.11 -0.13 13.67
C PHE A 117 5.47 1.22 13.97
N CYS A 118 4.39 1.19 14.76
CA CYS A 118 3.68 2.43 15.12
C CYS A 118 3.78 2.66 16.62
N GLU A 119 4.42 3.78 16.99
CA GLU A 119 4.57 4.13 18.40
C GLU A 119 3.37 4.93 18.90
N GLU A 120 2.90 4.59 20.10
CA GLU A 120 1.76 5.28 20.69
C GLU A 120 2.21 6.51 21.46
N ASN A 121 2.40 7.62 20.76
CA ASN A 121 2.83 8.86 21.38
C ASN A 121 1.68 9.51 22.15
N SER A 122 2.00 10.57 22.89
CA SER A 122 1.00 11.27 23.69
C SER A 122 1.08 12.78 23.45
N GLY A 123 -0.04 13.37 23.05
CA GLY A 123 -0.07 14.80 22.80
C GLY A 123 0.74 15.59 23.80
N PRO A 124 1.51 16.58 23.30
CA PRO A 124 2.36 17.42 24.14
C PRO A 124 1.55 18.36 25.03
N SER A 125 2.24 19.22 25.78
CA SER A 125 1.58 20.16 26.66
C SER A 125 2.18 21.57 26.51
N SER A 126 1.89 22.20 25.38
CA SER A 126 2.40 23.53 25.09
C SER A 126 1.45 24.28 24.17
N GLY A 127 1.81 25.53 23.86
CA GLY A 127 0.99 26.35 22.98
C GLY A 127 1.24 27.83 23.15
N GLY A 1 6.51 -24.54 -9.39
CA GLY A 1 5.88 -24.61 -10.70
C GLY A 1 4.37 -24.70 -10.60
N SER A 2 3.75 -25.34 -11.59
CA SER A 2 2.29 -25.48 -11.61
C SER A 2 1.86 -26.39 -12.76
N SER A 3 0.63 -26.88 -12.68
CA SER A 3 0.08 -27.76 -13.71
C SER A 3 -1.44 -27.70 -13.74
N GLY A 4 -2.00 -27.82 -14.93
CA GLY A 4 -3.44 -27.76 -15.08
C GLY A 4 -3.89 -26.72 -16.09
N SER A 5 -5.20 -26.55 -16.22
CA SER A 5 -5.76 -25.58 -17.15
C SER A 5 -6.79 -24.68 -16.47
N SER A 6 -7.27 -23.69 -17.20
CA SER A 6 -8.25 -22.75 -16.66
C SER A 6 -9.06 -22.10 -17.78
N GLY A 7 -9.99 -21.23 -17.41
CA GLY A 7 -10.81 -20.55 -18.39
C GLY A 7 -11.40 -19.26 -17.86
N ARG A 8 -10.70 -18.63 -16.92
CA ARG A 8 -11.17 -17.37 -16.34
C ARG A 8 -10.24 -16.22 -16.70
N SER A 9 -10.82 -15.10 -17.08
CA SER A 9 -10.04 -13.92 -17.47
C SER A 9 -9.30 -13.35 -16.27
N ILE A 10 -8.41 -12.39 -16.53
CA ILE A 10 -7.63 -11.76 -15.47
C ILE A 10 -7.59 -10.25 -15.64
N ARG A 11 -8.14 -9.53 -14.67
CA ARG A 11 -8.16 -8.07 -14.71
C ARG A 11 -6.75 -7.51 -14.72
N LEU A 12 -5.93 -7.92 -13.76
CA LEU A 12 -4.55 -7.46 -13.66
C LEU A 12 -3.80 -7.69 -14.97
N PRO A 13 -2.74 -6.92 -15.19
CA PRO A 13 -1.91 -7.02 -16.40
C PRO A 13 -1.10 -8.31 -16.43
N GLU A 14 -1.55 -9.26 -17.24
CA GLU A 14 -0.87 -10.54 -17.36
C GLU A 14 0.60 -10.34 -17.71
N THR A 15 0.90 -9.26 -18.41
CA THR A 15 2.27 -8.94 -18.80
C THR A 15 3.09 -8.47 -17.61
N ILE A 16 2.49 -8.51 -16.43
CA ILE A 16 3.16 -8.08 -15.21
C ILE A 16 2.87 -9.02 -14.06
N ASP A 17 3.82 -9.13 -13.13
CA ASP A 17 3.66 -10.01 -11.98
C ASP A 17 3.79 -9.23 -10.68
N LEU A 18 2.68 -9.08 -9.96
CA LEU A 18 2.66 -8.35 -8.69
C LEU A 18 3.95 -8.59 -7.91
N GLY A 19 4.33 -9.86 -7.79
CA GLY A 19 5.55 -10.19 -7.07
C GLY A 19 6.73 -9.34 -7.48
N ALA A 20 6.95 -9.23 -8.78
CA ALA A 20 8.06 -8.43 -9.29
C ALA A 20 7.88 -6.95 -8.96
N LEU A 21 6.63 -6.49 -8.98
CA LEU A 21 6.32 -5.10 -8.67
C LEU A 21 6.66 -4.77 -7.22
N TYR A 22 6.16 -5.59 -6.30
CA TYR A 22 6.42 -5.38 -4.89
C TYR A 22 7.91 -5.24 -4.61
N LEU A 23 8.72 -5.93 -5.41
CA LEU A 23 10.17 -5.88 -5.26
C LEU A 23 10.71 -4.49 -5.60
N SER A 24 10.18 -3.91 -6.67
CA SER A 24 10.60 -2.58 -7.11
C SER A 24 10.31 -1.53 -6.05
N MET A 25 9.16 -1.69 -5.37
CA MET A 25 8.76 -0.77 -4.32
C MET A 25 9.68 -0.88 -3.12
N LYS A 26 10.31 -2.04 -2.96
CA LYS A 26 11.22 -2.29 -1.85
C LYS A 26 12.53 -1.51 -2.03
N ASP A 27 12.90 -1.28 -3.28
CA ASP A 27 14.13 -0.56 -3.59
C ASP A 27 14.25 0.69 -2.73
N THR A 28 15.48 1.13 -2.51
CA THR A 28 15.75 2.32 -1.70
C THR A 28 15.69 3.58 -2.56
N GLU A 29 15.91 3.43 -3.86
CA GLU A 29 15.88 4.56 -4.77
C GLU A 29 14.91 4.31 -5.91
N LYS A 30 14.62 3.05 -6.18
CA LYS A 30 13.70 2.67 -7.24
C LYS A 30 12.40 2.12 -6.67
N GLY A 31 12.13 2.44 -5.41
CA GLY A 31 10.92 1.97 -4.76
C GLY A 31 10.09 3.11 -4.20
N ILE A 32 9.08 2.77 -3.41
CA ILE A 32 8.20 3.77 -2.82
C ILE A 32 8.84 4.40 -1.59
N LYS A 33 8.79 5.72 -1.53
CA LYS A 33 9.37 6.45 -0.40
C LYS A 33 8.46 6.36 0.82
N GLU A 34 9.07 6.30 2.01
CA GLU A 34 8.31 6.21 3.25
C GLU A 34 8.47 7.48 4.07
N LEU A 35 7.35 8.01 4.57
CA LEU A 35 7.37 9.23 5.36
C LEU A 35 6.70 8.99 6.72
N ASN A 36 7.12 9.76 7.72
CA ASN A 36 6.58 9.64 9.07
C ASN A 36 5.59 10.76 9.36
N LEU A 37 4.32 10.52 9.04
CA LEU A 37 3.28 11.52 9.26
C LEU A 37 2.58 11.28 10.60
N GLU A 38 2.11 12.36 11.22
CA GLU A 38 1.43 12.28 12.51
C GLU A 38 -0.06 12.56 12.35
N LYS A 39 -0.80 11.56 11.87
CA LYS A 39 -2.24 11.70 11.68
C LYS A 39 -3.02 10.82 12.65
N ASP A 40 -4.21 11.26 13.03
CA ASP A 40 -5.04 10.51 13.96
C ASP A 40 -4.28 10.17 15.22
N LYS A 41 -3.69 11.18 15.85
CA LYS A 41 -2.92 10.97 17.07
C LYS A 41 -2.06 9.72 16.98
N LYS A 42 -1.68 9.36 15.76
CA LYS A 42 -0.85 8.17 15.53
C LYS A 42 0.23 8.46 14.49
N ILE A 43 1.49 8.39 14.92
CA ILE A 43 2.61 8.63 14.03
C ILE A 43 3.07 7.35 13.35
N PHE A 44 2.68 7.18 12.10
CA PHE A 44 3.04 5.99 11.33
C PHE A 44 4.42 6.16 10.70
N ASN A 45 5.46 5.73 11.41
CA ASN A 45 6.82 5.84 10.91
C ASN A 45 7.09 4.82 9.81
N HIS A 46 8.07 5.10 8.97
CA HIS A 46 8.43 4.20 7.88
C HIS A 46 7.18 3.76 7.12
N CYS A 47 6.25 4.70 6.91
CA CYS A 47 5.02 4.41 6.20
C CYS A 47 4.80 5.40 5.07
N PHE A 48 4.16 4.94 3.99
CA PHE A 48 3.89 5.80 2.84
C PHE A 48 2.39 6.11 2.74
N THR A 49 2.08 7.23 2.09
CA THR A 49 0.69 7.64 1.93
C THR A 49 0.07 6.99 0.69
N GLY A 50 -1.24 6.73 0.76
CA GLY A 50 -1.92 6.11 -0.36
C GLY A 50 -1.50 6.70 -1.70
N ASN A 51 -1.30 8.02 -1.73
CA ASN A 51 -0.90 8.70 -2.95
C ASN A 51 0.46 8.19 -3.43
N CYS A 52 1.48 8.39 -2.61
CA CYS A 52 2.84 7.96 -2.95
C CYS A 52 2.80 6.64 -3.72
N VAL A 53 2.01 5.70 -3.22
CA VAL A 53 1.88 4.39 -3.86
C VAL A 53 1.45 4.52 -5.31
N ILE A 54 0.28 5.13 -5.52
CA ILE A 54 -0.26 5.33 -6.86
C ILE A 54 0.73 6.07 -7.74
N ASP A 55 1.09 7.29 -7.31
CA ASP A 55 2.03 8.11 -8.06
C ASP A 55 3.26 7.30 -8.48
N TRP A 56 3.85 6.60 -7.52
CA TRP A 56 5.04 5.79 -7.78
C TRP A 56 4.89 5.02 -9.09
N LEU A 57 3.97 4.05 -9.10
CA LEU A 57 3.72 3.25 -10.29
C LEU A 57 3.76 4.10 -11.55
N VAL A 58 3.10 5.26 -11.49
CA VAL A 58 3.05 6.16 -12.63
C VAL A 58 4.45 6.69 -12.96
N SER A 59 5.04 7.42 -12.03
CA SER A 59 6.37 7.98 -12.22
C SER A 59 7.39 6.88 -12.47
N ASN A 60 7.02 5.64 -12.15
CA ASN A 60 7.91 4.49 -12.33
C ASN A 60 7.70 3.87 -13.70
N GLN A 61 6.87 4.51 -14.52
CA GLN A 61 6.58 4.01 -15.86
C GLN A 61 5.97 2.62 -15.81
N SER A 62 5.09 2.40 -14.83
CA SER A 62 4.43 1.12 -14.66
C SER A 62 2.98 1.18 -15.13
N VAL A 63 2.36 2.34 -14.94
CA VAL A 63 0.97 2.53 -15.34
C VAL A 63 0.83 3.75 -16.25
N ARG A 64 -0.35 3.91 -16.83
CA ARG A 64 -0.62 5.03 -17.73
C ARG A 64 -1.01 6.28 -16.93
N ASN A 65 -1.74 6.08 -15.84
CA ASN A 65 -2.19 7.18 -15.00
C ASN A 65 -2.52 6.70 -13.60
N ARG A 66 -2.94 7.62 -12.74
CA ARG A 66 -3.30 7.28 -11.37
C ARG A 66 -4.29 6.12 -11.33
N GLN A 67 -5.45 6.32 -11.95
CA GLN A 67 -6.48 5.28 -11.98
C GLN A 67 -5.87 3.92 -12.27
N GLU A 68 -5.02 3.85 -13.29
CA GLU A 68 -4.38 2.60 -13.66
C GLU A 68 -3.67 1.97 -12.47
N GLY A 69 -3.07 2.82 -11.63
CA GLY A 69 -2.37 2.32 -10.46
C GLY A 69 -3.31 1.84 -9.37
N LEU A 70 -4.59 2.22 -9.49
CA LEU A 70 -5.59 1.83 -8.51
C LEU A 70 -5.68 0.31 -8.41
N MET A 71 -5.74 -0.36 -9.56
CA MET A 71 -5.83 -1.81 -9.60
C MET A 71 -4.57 -2.45 -9.06
N ILE A 72 -3.43 -2.11 -9.65
CA ILE A 72 -2.14 -2.64 -9.23
C ILE A 72 -1.92 -2.42 -7.73
N ALA A 73 -2.21 -1.21 -7.28
CA ALA A 73 -2.04 -0.87 -5.87
C ALA A 73 -3.03 -1.64 -5.00
N SER A 74 -4.28 -1.68 -5.43
CA SER A 74 -5.32 -2.38 -4.68
C SER A 74 -4.99 -3.87 -4.56
N SER A 75 -4.49 -4.45 -5.65
CA SER A 75 -4.14 -5.87 -5.66
C SER A 75 -3.04 -6.16 -4.64
N LEU A 76 -2.02 -5.31 -4.61
CA LEU A 76 -0.90 -5.49 -3.69
C LEU A 76 -1.40 -5.72 -2.27
N LEU A 77 -2.49 -5.04 -1.91
CA LEU A 77 -3.07 -5.18 -0.58
C LEU A 77 -3.86 -6.48 -0.47
N ASN A 78 -4.46 -6.90 -1.57
CA ASN A 78 -5.24 -8.13 -1.59
C ASN A 78 -4.34 -9.35 -1.40
N GLU A 79 -3.11 -9.26 -1.91
CA GLU A 79 -2.16 -10.35 -1.79
C GLU A 79 -1.42 -10.29 -0.45
N GLY A 80 -1.16 -9.06 0.01
CA GLY A 80 -0.46 -8.89 1.27
C GLY A 80 0.75 -8.00 1.14
N TYR A 81 1.27 -7.88 -0.09
CA TYR A 81 2.44 -7.05 -0.35
C TYR A 81 2.37 -5.74 0.43
N LEU A 82 1.16 -5.16 0.50
CA LEU A 82 0.96 -3.91 1.21
C LEU A 82 0.14 -4.14 2.48
N GLN A 83 0.35 -3.28 3.47
CA GLN A 83 -0.37 -3.40 4.74
C GLN A 83 -1.00 -2.05 5.12
N PRO A 84 -2.28 -2.09 5.51
CA PRO A 84 -3.03 -0.89 5.90
C PRO A 84 -2.54 -0.33 7.23
N ALA A 85 -2.47 1.00 7.32
CA ALA A 85 -2.02 1.67 8.53
C ALA A 85 -3.03 2.73 8.98
N GLY A 86 -3.97 2.32 9.82
CA GLY A 86 -4.98 3.24 10.31
C GLY A 86 -6.39 2.74 10.08
N ASP A 87 -7.31 3.12 10.96
CA ASP A 87 -8.70 2.70 10.85
C ASP A 87 -9.23 2.97 9.45
N MET A 88 -8.81 4.09 8.86
CA MET A 88 -9.24 4.47 7.52
C MET A 88 -9.20 3.26 6.58
N SER A 89 -7.99 2.81 6.27
CA SER A 89 -7.82 1.66 5.38
C SER A 89 -8.27 0.37 6.04
N LYS A 90 -7.86 0.17 7.29
CA LYS A 90 -8.22 -1.01 8.04
C LYS A 90 -9.69 -1.34 7.85
N SER A 91 -10.48 -0.34 7.50
CA SER A 91 -11.91 -0.51 7.29
C SER A 91 -12.21 -0.83 5.83
N ALA A 92 -11.44 -0.24 4.93
CA ALA A 92 -11.62 -0.46 3.50
C ALA A 92 -11.14 -1.85 3.10
N VAL A 93 -9.97 -2.23 3.58
CA VAL A 93 -9.39 -3.54 3.27
C VAL A 93 -10.35 -4.66 3.67
N ASP A 94 -11.22 -4.37 4.62
CA ASP A 94 -12.18 -5.35 5.11
C ASP A 94 -13.50 -5.25 4.34
N GLY A 95 -13.92 -4.01 4.07
CA GLY A 95 -15.17 -3.80 3.35
C GLY A 95 -15.28 -4.68 2.12
N THR A 96 -16.51 -4.88 1.66
CA THR A 96 -16.76 -5.71 0.49
C THR A 96 -16.18 -5.08 -0.77
N ALA A 97 -15.98 -3.77 -0.73
CA ALA A 97 -15.43 -3.05 -1.86
C ALA A 97 -14.40 -3.89 -2.61
N GLU A 98 -14.63 -4.09 -3.90
CA GLU A 98 -13.72 -4.89 -4.72
C GLU A 98 -12.28 -4.39 -4.58
N ASN A 99 -12.13 -3.07 -4.45
CA ASN A 99 -10.81 -2.46 -4.32
C ASN A 99 -10.59 -1.94 -2.90
N PRO A 100 -9.76 -2.65 -2.13
CA PRO A 100 -9.46 -2.28 -0.75
C PRO A 100 -8.62 -1.01 -0.66
N PHE A 101 -8.23 -0.48 -1.82
CA PHE A 101 -7.43 0.73 -1.87
C PHE A 101 -8.30 1.97 -1.79
N LEU A 102 -7.71 3.09 -1.37
CA LEU A 102 -8.43 4.34 -1.24
C LEU A 102 -7.72 5.46 -1.99
N ASP A 103 -6.59 5.13 -2.61
CA ASP A 103 -5.81 6.10 -3.36
C ASP A 103 -5.93 7.49 -2.74
N ASN A 104 -5.77 7.56 -1.42
CA ASN A 104 -5.85 8.83 -0.71
C ASN A 104 -4.59 9.07 0.11
N PRO A 105 -4.23 10.37 0.26
CA PRO A 105 -3.04 10.77 1.01
C PRO A 105 -3.19 10.53 2.51
N ASP A 106 -4.43 10.25 2.93
CA ASP A 106 -4.70 10.00 4.35
C ASP A 106 -4.61 8.52 4.66
N ALA A 107 -4.55 7.70 3.62
CA ALA A 107 -4.46 6.25 3.80
C ALA A 107 -3.01 5.78 3.73
N PHE A 108 -2.39 5.63 4.89
CA PHE A 108 -1.00 5.18 4.97
C PHE A 108 -0.90 3.68 4.73
N TYR A 109 0.27 3.24 4.25
CA TYR A 109 0.49 1.82 3.99
C TYR A 109 1.96 1.47 4.19
N TYR A 110 2.21 0.20 4.54
CA TYR A 110 3.57 -0.26 4.76
C TYR A 110 3.72 -1.72 4.31
N PHE A 111 4.97 -2.13 4.08
CA PHE A 111 5.25 -3.49 3.64
C PHE A 111 5.52 -4.39 4.84
N PRO A 112 5.12 -5.67 4.70
CA PRO A 112 5.31 -6.67 5.76
C PRO A 112 6.77 -7.05 5.96
N ASP A 113 7.62 -6.58 5.05
CA ASP A 113 9.05 -6.87 5.11
C ASP A 113 9.86 -5.60 4.88
N SER A 114 9.33 -4.46 5.31
CA SER A 114 10.01 -3.19 5.13
C SER A 114 10.56 -2.68 6.47
N GLY A 115 9.77 -2.86 7.53
CA GLY A 115 10.20 -2.42 8.84
C GLY A 115 9.40 -1.23 9.34
N PHE A 116 8.11 -1.45 9.58
CA PHE A 116 7.23 -0.37 10.06
C PHE A 116 6.88 -0.58 11.52
N PHE A 117 6.62 0.52 12.22
CA PHE A 117 6.26 0.47 13.64
C PHE A 117 5.42 1.68 14.03
N CYS A 118 4.27 1.41 14.65
CA CYS A 118 3.37 2.48 15.08
C CYS A 118 3.70 2.92 16.49
N GLU A 119 3.46 4.20 16.78
CA GLU A 119 3.73 4.76 18.10
C GLU A 119 2.55 5.58 18.60
N GLU A 120 1.53 4.90 19.11
CA GLU A 120 0.34 5.58 19.62
C GLU A 120 0.72 6.78 20.48
N ASN A 121 0.52 7.98 19.92
CA ASN A 121 0.84 9.21 20.63
C ASN A 121 -0.05 9.39 21.85
N SER A 122 0.56 9.41 23.03
CA SER A 122 -0.19 9.57 24.27
C SER A 122 0.08 10.93 24.89
N GLY A 123 -0.94 11.49 25.54
CA GLY A 123 -0.80 12.79 26.17
C GLY A 123 0.19 12.77 27.33
N PRO A 124 -0.04 13.66 28.31
CA PRO A 124 0.83 13.77 29.49
C PRO A 124 0.70 12.56 30.41
N SER A 125 1.54 12.52 31.44
CA SER A 125 1.52 11.41 32.40
C SER A 125 0.34 11.55 33.35
N SER A 126 0.34 12.61 34.15
CA SER A 126 -0.74 12.85 35.10
C SER A 126 -0.89 14.34 35.39
N GLY A 127 -2.07 14.88 35.11
CA GLY A 127 -2.33 16.29 35.33
C GLY A 127 -3.67 16.73 34.78
#